data_4GL9
#
_entry.id   4GL9
#
_cell.length_a   139.262
_cell.length_b   139.262
_cell.length_c   316.742
_cell.angle_alpha   90.00
_cell.angle_beta   90.00
_cell.angle_gamma   120.00
#
_symmetry.space_group_name_H-M   'P 65'
#
loop_
_entity.id
_entity.type
_entity.pdbx_description
1 polymer 'Tyrosine-protein kinase'
2 polymer 'Interleukin-6 receptor subunit beta'
3 polymer 'Suppressor of cytokine signaling 3,Suppressor of cytokine signaling 3,Suppressor of cytokine signaling 3,Suppressor of cytokine signaling 3'
4 non-polymer 2-TERT-BUTYL-9-FLUORO-3,6-DIHYDRO-7H-BENZ[H]-IMIDAZ[4,5-F]ISOQUINOLINE-7-ONE
5 non-polymer 'PHOSPHATE ION'
#
loop_
_entity_poly.entity_id
_entity_poly.type
_entity_poly.pdbx_seq_one_letter_code
_entity_poly.pdbx_strand_id
1 'polypeptide(L)'
;FEDRDPTQFEERHLKFLQQLGKGNFGSVEMCRYDPLQDNTGEVVAVKKLQHSTEEHLRDFEREIEILKSLQHDNIVKYKG
VCYSAGRRNLRLIMEYLPYGSLRDYLQKHKERIDHKKLLQYTSQICKGMEYLGTKRYIHRDLATRNILVENENRVKIGDF
GLTKVLPQDKE(PTR)(PTR)KVKEPGESPIFWYAPESLTESKFSVASDVWSFGVVLYELFTYIEKSKSPPVEFMRMIGN
DKQGQMIVFHLIELLKSNGRLPRPEGCPDEIYVIMTECWNNNVSQRPSFRDLSLRVDQIRDSIAA
;
A,B,C,D
2 'polypeptide(L)' STASTVE(PTR)STVVHSG I,K,J,L
3 'polypeptide(L)'
;QGAHDLKTFSSKSEYQLVVNAVRKLQESGFYWSAVTGGEANLLLSAEPAGTFLIRDSSDQRHFFTLSVKTQSGTKNLRIQ
CEGGSFSLQSDPRSTQPVPRFDCVLKLVHHYMGSGSGSGSRAYYIYSGGEKIPLVLSRPLSSN
;
E,F,G,H
#
# COMPACT_ATOMS: atom_id res chain seq x y z
N GLN A 8 -37.14 -25.22 5.80
CA GLN A 8 -36.19 -25.17 4.70
C GLN A 8 -36.38 -23.89 3.89
N PHE A 9 -36.83 -24.02 2.64
CA PHE A 9 -37.00 -22.85 1.78
C PHE A 9 -38.17 -22.98 0.79
N GLU A 10 -38.86 -21.86 0.55
CA GLU A 10 -39.92 -21.80 -0.45
C GLU A 10 -39.77 -20.52 -1.29
N GLU A 11 -39.73 -20.68 -2.60
CA GLU A 11 -39.47 -19.55 -3.50
C GLU A 11 -40.59 -18.51 -3.50
N ARG A 12 -41.75 -18.89 -2.96
CA ARG A 12 -42.89 -17.98 -2.91
C ARG A 12 -42.68 -16.85 -1.91
N HIS A 13 -41.72 -17.07 -1.00
CA HIS A 13 -41.39 -16.07 0.01
C HIS A 13 -40.20 -15.19 -0.39
N LEU A 14 -39.45 -15.63 -1.38
CA LEU A 14 -38.29 -14.90 -1.86
C LEU A 14 -38.69 -13.62 -2.59
N LYS A 15 -38.36 -12.47 -1.99
CA LYS A 15 -38.68 -11.18 -2.59
C LYS A 15 -37.47 -10.61 -3.32
N PHE A 16 -37.63 -10.36 -4.61
CA PHE A 16 -36.55 -9.84 -5.43
C PHE A 16 -36.20 -8.41 -5.05
N LEU A 17 -34.97 -8.22 -4.60
CA LEU A 17 -34.50 -6.90 -4.18
C LEU A 17 -33.72 -6.22 -5.31
N GLN A 18 -32.70 -6.92 -5.80
CA GLN A 18 -31.88 -6.41 -6.89
C GLN A 18 -31.10 -7.56 -7.52
N GLN A 19 -30.45 -7.27 -8.64
CA GLN A 19 -29.56 -8.26 -9.26
C GLN A 19 -28.12 -7.98 -8.85
N LEU A 20 -27.41 -9.02 -8.45
CA LEU A 20 -26.02 -8.90 -8.00
C LEU A 20 -25.07 -8.88 -9.19
N GLY A 21 -24.94 -10.04 -9.83
CA GLY A 21 -24.11 -10.16 -11.02
C GLY A 21 -24.40 -11.47 -11.72
N LYS A 22 -23.72 -11.71 -12.85
CA LYS A 22 -23.89 -12.96 -13.57
C LYS A 22 -22.56 -13.59 -13.97
N GLY A 23 -22.48 -14.90 -13.82
CA GLY A 23 -21.27 -15.64 -14.15
C GLY A 23 -21.62 -17.04 -14.62
N ASN A 24 -20.80 -17.55 -15.55
CA ASN A 24 -21.05 -18.85 -16.18
C ASN A 24 -22.39 -18.94 -16.91
N PHE A 25 -23.21 -19.90 -16.52
CA PHE A 25 -24.48 -20.17 -17.19
C PHE A 25 -25.70 -19.78 -16.36
N GLY A 26 -25.50 -18.95 -15.34
CA GLY A 26 -26.58 -18.56 -14.46
C GLY A 26 -26.56 -17.08 -14.11
N SER A 27 -27.61 -16.63 -13.43
CA SER A 27 -27.71 -15.24 -12.98
C SER A 27 -27.87 -15.18 -11.46
N VAL A 28 -27.09 -14.31 -10.81
CA VAL A 28 -27.13 -14.19 -9.36
C VAL A 28 -27.91 -12.94 -8.93
N GLU A 29 -28.93 -13.15 -8.10
CA GLU A 29 -29.80 -12.06 -7.67
C GLU A 29 -29.90 -11.94 -6.15
N MET A 30 -29.95 -10.70 -5.66
CA MET A 30 -30.15 -10.44 -4.24
C MET A 30 -31.62 -10.49 -3.88
N CYS A 31 -32.00 -11.48 -3.06
CA CYS A 31 -33.37 -11.62 -2.61
C CYS A 31 -33.44 -11.68 -1.09
N ARG A 32 -34.65 -11.70 -0.55
CA ARG A 32 -34.82 -11.81 0.90
C ARG A 32 -35.96 -12.76 1.29
N TYR A 33 -35.58 -13.91 1.85
CA TYR A 33 -36.54 -14.92 2.27
C TYR A 33 -37.17 -14.58 3.62
N ASP A 34 -38.47 -14.29 3.61
CA ASP A 34 -39.19 -13.96 4.83
C ASP A 34 -40.55 -14.65 4.85
N PRO A 35 -40.64 -15.78 5.58
CA PRO A 35 -41.87 -16.58 5.68
C PRO A 35 -43.03 -15.80 6.28
N LEU A 36 -42.73 -14.77 7.06
CA LEU A 36 -43.75 -13.99 7.74
C LEU A 36 -44.36 -12.96 6.79
N GLN A 37 -43.64 -12.64 5.72
CA GLN A 37 -44.05 -11.63 4.75
C GLN A 37 -44.24 -10.26 5.38
N ASP A 38 -43.60 -10.02 6.52
CA ASP A 38 -43.63 -8.73 7.17
C ASP A 38 -42.37 -7.95 6.85
N ASN A 39 -41.53 -8.55 6.02
CA ASN A 39 -40.31 -7.92 5.52
C ASN A 39 -39.28 -7.58 6.60
N THR A 40 -38.96 -8.57 7.43
CA THR A 40 -37.92 -8.44 8.44
C THR A 40 -36.92 -9.59 8.36
N GLY A 41 -37.10 -10.44 7.35
CA GLY A 41 -36.25 -11.62 7.18
C GLY A 41 -34.81 -11.30 6.84
N GLU A 42 -33.97 -12.33 6.91
CA GLU A 42 -32.55 -12.17 6.62
C GLU A 42 -32.28 -12.17 5.12
N VAL A 43 -31.31 -11.38 4.69
CA VAL A 43 -30.96 -11.27 3.27
C VAL A 43 -30.02 -12.39 2.81
N VAL A 44 -30.36 -13.02 1.68
CA VAL A 44 -29.52 -14.05 1.08
C VAL A 44 -29.39 -13.87 -0.44
N ALA A 45 -28.27 -14.35 -1.00
CA ALA A 45 -28.04 -14.30 -2.44
C ALA A 45 -28.62 -15.53 -3.13
N VAL A 46 -29.20 -15.31 -4.31
CA VAL A 46 -29.85 -16.39 -5.06
C VAL A 46 -29.35 -16.49 -6.49
N LYS A 47 -28.89 -17.68 -6.88
CA LYS A 47 -28.42 -17.91 -8.25
C LYS A 47 -29.37 -18.82 -9.02
N LYS A 48 -29.83 -18.34 -10.17
CA LYS A 48 -30.78 -19.10 -10.99
C LYS A 48 -30.28 -19.26 -12.43
N LEU A 49 -30.88 -20.20 -13.14
CA LEU A 49 -30.54 -20.44 -14.54
C LEU A 49 -31.40 -19.60 -15.49
N GLN A 50 -30.75 -18.89 -16.39
CA GLN A 50 -31.43 -18.04 -17.36
C GLN A 50 -32.18 -18.91 -18.39
N HIS A 51 -31.45 -19.80 -19.05
CA HIS A 51 -32.05 -20.76 -19.98
C HIS A 51 -31.87 -22.18 -19.45
N SER A 52 -32.98 -22.86 -19.17
CA SER A 52 -32.93 -24.19 -18.58
C SER A 52 -32.75 -25.28 -19.63
N THR A 53 -31.57 -25.88 -19.67
CA THR A 53 -31.28 -26.99 -20.57
C THR A 53 -30.68 -28.16 -19.80
N GLU A 54 -30.67 -29.34 -20.40
CA GLU A 54 -30.16 -30.54 -19.74
C GLU A 54 -28.65 -30.45 -19.52
N GLU A 55 -27.98 -29.76 -20.42
CA GLU A 55 -26.54 -29.59 -20.34
C GLU A 55 -26.17 -28.54 -19.29
N HIS A 56 -27.17 -27.80 -18.81
CA HIS A 56 -26.95 -26.77 -17.80
C HIS A 56 -27.52 -27.16 -16.45
N LEU A 57 -28.79 -27.54 -16.44
CA LEU A 57 -29.51 -27.87 -15.20
C LEU A 57 -28.86 -29.03 -14.45
N ARG A 58 -28.26 -29.95 -15.20
CA ARG A 58 -27.56 -31.08 -14.61
C ARG A 58 -26.22 -30.64 -14.03
N ASP A 59 -25.50 -29.79 -14.78
CA ASP A 59 -24.20 -29.32 -14.36
C ASP A 59 -24.32 -28.30 -13.23
N PHE A 60 -25.43 -27.57 -13.22
CA PHE A 60 -25.69 -26.57 -12.19
C PHE A 60 -25.92 -27.28 -10.86
N GLU A 61 -26.60 -28.42 -10.92
CA GLU A 61 -26.88 -29.21 -9.74
C GLU A 61 -25.62 -29.90 -9.20
N ARG A 62 -24.71 -30.26 -10.10
CA ARG A 62 -23.43 -30.84 -9.69
C ARG A 62 -22.64 -29.83 -8.88
N GLU A 63 -22.74 -28.56 -9.28
CA GLU A 63 -22.08 -27.46 -8.60
C GLU A 63 -22.59 -27.36 -7.16
N ILE A 64 -23.90 -27.53 -6.99
CA ILE A 64 -24.53 -27.49 -5.68
C ILE A 64 -24.07 -28.64 -4.80
N GLU A 65 -24.01 -29.84 -5.37
CA GLU A 65 -23.60 -31.02 -4.63
C GLU A 65 -22.14 -30.93 -4.19
N ILE A 66 -21.35 -30.16 -4.93
CA ILE A 66 -19.97 -29.91 -4.56
C ILE A 66 -19.92 -28.91 -3.42
N LEU A 67 -20.63 -27.79 -3.59
CA LEU A 67 -20.68 -26.74 -2.57
C LEU A 67 -21.30 -27.24 -1.26
N LYS A 68 -22.25 -28.15 -1.39
CA LYS A 68 -22.90 -28.74 -0.22
C LYS A 68 -21.90 -29.52 0.62
N SER A 69 -20.96 -30.19 -0.06
CA SER A 69 -19.95 -30.99 0.62
C SER A 69 -18.79 -30.12 1.09
N LEU A 70 -18.83 -28.83 0.75
CA LEU A 70 -17.78 -27.92 1.13
C LEU A 70 -18.16 -27.07 2.34
N GLN A 71 -17.51 -27.36 3.46
CA GLN A 71 -17.75 -26.62 4.69
C GLN A 71 -16.45 -26.07 5.23
N HIS A 72 -16.20 -24.78 4.98
CA HIS A 72 -14.96 -24.17 5.39
C HIS A 72 -15.16 -22.67 5.57
N ASP A 73 -14.31 -22.05 6.37
CA ASP A 73 -14.39 -20.62 6.62
C ASP A 73 -14.06 -19.83 5.37
N ASN A 74 -13.20 -20.41 4.53
CA ASN A 74 -12.74 -19.75 3.32
C ASN A 74 -13.43 -20.30 2.08
N ILE A 75 -14.43 -21.14 2.30
CA ILE A 75 -15.31 -21.61 1.23
C ILE A 75 -16.69 -21.04 1.49
N VAL A 76 -17.29 -20.46 0.46
CA VAL A 76 -18.60 -19.84 0.57
C VAL A 76 -19.63 -20.81 1.16
N LYS A 77 -20.45 -20.31 2.07
CA LYS A 77 -21.39 -21.16 2.81
C LYS A 77 -22.65 -21.45 2.00
N TYR A 78 -22.94 -22.74 1.84
CA TYR A 78 -24.16 -23.18 1.17
C TYR A 78 -25.37 -23.00 2.08
N LYS A 79 -26.43 -22.40 1.55
CA LYS A 79 -27.63 -22.17 2.34
C LYS A 79 -28.68 -23.26 2.14
N GLY A 80 -29.29 -23.28 0.96
CA GLY A 80 -30.33 -24.24 0.67
C GLY A 80 -30.71 -24.23 -0.80
N VAL A 81 -31.83 -24.87 -1.12
CA VAL A 81 -32.28 -24.96 -2.50
C VAL A 81 -33.78 -24.78 -2.64
N CYS A 82 -34.22 -24.39 -3.83
CA CYS A 82 -35.63 -24.29 -4.15
C CYS A 82 -35.80 -24.34 -5.67
N TYR A 83 -36.93 -24.88 -6.14
CA TYR A 83 -37.15 -25.03 -7.58
C TYR A 83 -38.19 -24.02 -8.08
N SER A 84 -38.08 -23.66 -9.35
CA SER A 84 -39.05 -22.76 -9.98
C SER A 84 -39.80 -23.47 -11.10
N ASN A 89 -36.44 -26.08 -13.95
CA ASN A 89 -35.76 -24.83 -13.63
C ASN A 89 -35.37 -24.76 -12.16
N LEU A 90 -34.12 -25.12 -11.87
CA LEU A 90 -33.61 -25.13 -10.49
C LEU A 90 -33.20 -23.73 -10.03
N ARG A 91 -33.02 -23.57 -8.73
CA ARG A 91 -32.64 -22.29 -8.14
C ARG A 91 -31.83 -22.52 -6.86
N LEU A 92 -30.70 -21.83 -6.73
CA LEU A 92 -29.79 -22.05 -5.60
C LEU A 92 -29.74 -20.92 -4.59
N ILE A 93 -29.81 -21.27 -3.30
CA ILE A 93 -29.74 -20.30 -2.22
C ILE A 93 -28.38 -20.35 -1.50
N MET A 94 -27.75 -19.19 -1.37
CA MET A 94 -26.46 -19.07 -0.69
C MET A 94 -26.42 -17.81 0.18
N GLU A 95 -25.38 -17.69 1.00
CA GLU A 95 -25.24 -16.53 1.88
C GLU A 95 -24.99 -15.24 1.09
N TYR A 96 -25.36 -14.11 1.68
CA TYR A 96 -25.16 -12.82 1.04
C TYR A 96 -23.89 -12.12 1.53
N LEU A 97 -22.96 -11.91 0.59
CA LEU A 97 -21.73 -11.18 0.88
C LEU A 97 -21.76 -9.81 0.21
N PRO A 98 -21.92 -8.74 1.01
CA PRO A 98 -22.22 -7.38 0.53
C PRO A 98 -21.18 -6.76 -0.39
N TYR A 99 -19.90 -6.94 -0.06
CA TYR A 99 -18.83 -6.29 -0.82
C TYR A 99 -18.62 -6.93 -2.19
N GLY A 100 -19.31 -8.04 -2.43
CA GLY A 100 -19.31 -8.68 -3.73
C GLY A 100 -18.04 -9.46 -4.05
N SER A 101 -17.67 -9.47 -5.32
CA SER A 101 -16.52 -10.23 -5.80
C SER A 101 -15.20 -9.54 -5.45
N LEU A 102 -14.17 -10.33 -5.22
CA LEU A 102 -12.84 -9.83 -4.91
C LEU A 102 -12.31 -8.97 -6.05
N ARG A 103 -12.72 -9.31 -7.27
CA ARG A 103 -12.30 -8.58 -8.47
C ARG A 103 -12.73 -7.12 -8.42
N ASP A 104 -14.02 -6.88 -8.22
CA ASP A 104 -14.57 -5.53 -8.17
C ASP A 104 -14.18 -4.78 -6.90
N TYR A 105 -14.01 -5.50 -5.80
CA TYR A 105 -13.67 -4.88 -4.52
C TYR A 105 -12.24 -4.38 -4.52
N LEU A 106 -11.37 -5.11 -5.20
CA LEU A 106 -9.95 -4.75 -5.27
C LEU A 106 -9.76 -3.50 -6.11
N GLN A 107 -10.69 -3.28 -7.04
CA GLN A 107 -10.65 -2.10 -7.90
C GLN A 107 -11.24 -0.89 -7.18
N LYS A 108 -12.25 -1.15 -6.34
CA LYS A 108 -12.91 -0.08 -5.59
C LYS A 108 -11.94 0.55 -4.60
N HIS A 109 -11.38 -0.28 -3.73
CA HIS A 109 -10.50 0.19 -2.67
C HIS A 109 -9.06 -0.24 -2.92
N LYS A 110 -8.38 0.44 -3.83
CA LYS A 110 -7.00 0.13 -4.15
C LYS A 110 -6.12 0.70 -3.03
N GLU A 111 -6.42 1.94 -2.66
CA GLU A 111 -5.62 2.70 -1.72
C GLU A 111 -5.78 2.20 -0.28
N ARG A 112 -6.99 1.76 0.04
CA ARG A 112 -7.35 1.37 1.40
C ARG A 112 -6.88 -0.05 1.71
N ILE A 113 -6.23 -0.68 0.74
CA ILE A 113 -5.67 -2.02 0.88
C ILE A 113 -4.15 -2.01 0.71
N ASP A 114 -3.43 -2.54 1.69
CA ASP A 114 -1.96 -2.54 1.65
C ASP A 114 -1.38 -3.94 1.37
N HIS A 115 -0.06 -4.09 1.49
CA HIS A 115 0.61 -5.36 1.23
C HIS A 115 0.21 -6.51 2.15
N LYS A 116 0.19 -6.25 3.45
CA LYS A 116 -0.11 -7.27 4.44
C LYS A 116 -1.53 -7.81 4.26
N LYS A 117 -2.42 -6.98 3.71
CA LYS A 117 -3.79 -7.39 3.44
C LYS A 117 -3.86 -8.35 2.27
N LEU A 118 -3.10 -8.06 1.22
CA LEU A 118 -3.06 -8.91 0.04
C LEU A 118 -2.50 -10.29 0.37
N LEU A 119 -1.52 -10.33 1.27
CA LEU A 119 -0.96 -11.59 1.77
C LEU A 119 -1.96 -12.34 2.63
N GLN A 120 -2.80 -11.60 3.34
CA GLN A 120 -3.80 -12.19 4.22
C GLN A 120 -4.86 -12.95 3.43
N TYR A 121 -5.30 -12.35 2.32
CA TYR A 121 -6.25 -12.97 1.43
C TYR A 121 -5.65 -14.22 0.82
N THR A 122 -4.40 -14.10 0.39
CA THR A 122 -3.67 -15.19 -0.24
C THR A 122 -3.61 -16.40 0.70
N SER A 123 -3.39 -16.13 1.99
CA SER A 123 -3.36 -17.18 2.99
C SER A 123 -4.74 -17.83 3.11
N GLN A 124 -5.78 -17.03 2.96
CA GLN A 124 -7.16 -17.53 3.03
C GLN A 124 -7.50 -18.36 1.81
N ILE A 125 -7.08 -17.89 0.64
CA ILE A 125 -7.31 -18.59 -0.62
C ILE A 125 -6.57 -19.93 -0.64
N CYS A 126 -5.36 -19.91 -0.10
CA CYS A 126 -4.54 -21.12 -0.01
C CYS A 126 -5.21 -22.17 0.87
N LYS A 127 -5.58 -21.76 2.09
CA LYS A 127 -6.23 -22.65 3.04
C LYS A 127 -7.57 -23.16 2.51
N GLY A 128 -8.19 -22.38 1.64
CA GLY A 128 -9.43 -22.79 0.98
C GLY A 128 -9.16 -23.82 -0.10
N MET A 129 -8.02 -23.66 -0.78
CA MET A 129 -7.63 -24.58 -1.83
C MET A 129 -7.15 -25.92 -1.27
N GLU A 130 -6.65 -25.88 -0.04
CA GLU A 130 -6.23 -27.09 0.67
C GLU A 130 -7.44 -27.93 1.08
N TYR A 131 -8.47 -27.26 1.61
CA TYR A 131 -9.71 -27.93 1.98
C TYR A 131 -10.44 -28.43 0.73
N LEU A 132 -10.26 -27.72 -0.37
CA LEU A 132 -10.83 -28.10 -1.65
C LEU A 132 -10.09 -29.29 -2.24
N GLY A 133 -8.77 -29.27 -2.14
CA GLY A 133 -7.92 -30.31 -2.68
C GLY A 133 -7.97 -31.63 -1.93
N THR A 134 -8.22 -31.57 -0.63
CA THR A 134 -8.26 -32.77 0.19
C THR A 134 -9.49 -33.62 -0.16
N LYS A 135 -10.54 -32.96 -0.62
CA LYS A 135 -11.77 -33.63 -1.03
C LYS A 135 -11.70 -33.99 -2.52
N ARG A 136 -10.51 -33.90 -3.08
CA ARG A 136 -10.26 -34.22 -4.49
C ARG A 136 -11.14 -33.43 -5.46
N TYR A 137 -11.01 -32.11 -5.40
CA TYR A 137 -11.71 -31.22 -6.32
C TYR A 137 -10.72 -30.36 -7.09
N ILE A 138 -11.04 -30.10 -8.35
CA ILE A 138 -10.23 -29.22 -9.17
C ILE A 138 -11.09 -28.04 -9.61
N HIS A 139 -10.74 -26.86 -9.14
CA HIS A 139 -11.54 -25.66 -9.39
C HIS A 139 -11.40 -25.15 -10.82
N ARG A 140 -10.17 -25.10 -11.32
CA ARG A 140 -9.86 -24.64 -12.67
C ARG A 140 -10.18 -23.16 -12.90
N ASP A 141 -11.34 -22.73 -12.43
CA ASP A 141 -11.83 -21.38 -12.68
C ASP A 141 -11.31 -20.41 -11.62
N LEU A 142 -10.19 -20.76 -11.00
CA LEU A 142 -9.59 -19.92 -9.97
C LEU A 142 -9.19 -18.56 -10.56
N ALA A 143 -9.93 -17.54 -10.18
CA ALA A 143 -9.68 -16.17 -10.65
C ALA A 143 -10.30 -15.19 -9.67
N THR A 144 -9.87 -13.93 -9.73
CA THR A 144 -10.36 -12.91 -8.80
C THR A 144 -11.83 -12.60 -8.99
N ARG A 145 -12.36 -12.93 -10.16
CA ARG A 145 -13.78 -12.73 -10.43
C ARG A 145 -14.64 -13.84 -9.79
N ASN A 146 -13.98 -14.89 -9.31
CA ASN A 146 -14.70 -16.01 -8.69
C ASN A 146 -14.47 -16.11 -7.18
N ILE A 147 -13.77 -15.12 -6.63
CA ILE A 147 -13.51 -15.05 -5.19
C ILE A 147 -14.33 -13.93 -4.57
N LEU A 148 -14.93 -14.21 -3.41
CA LEU A 148 -15.84 -13.25 -2.78
C LEU A 148 -15.24 -12.58 -1.54
N VAL A 149 -15.87 -11.50 -1.08
CA VAL A 149 -15.42 -10.74 0.08
C VAL A 149 -16.55 -10.53 1.11
N GLU A 150 -16.41 -11.16 2.27
CA GLU A 150 -17.40 -11.02 3.34
C GLU A 150 -17.22 -9.73 4.13
N ASN A 151 -15.99 -9.44 4.52
CA ASN A 151 -15.64 -8.20 5.21
C ASN A 151 -14.24 -7.73 4.85
N GLU A 152 -13.79 -6.64 5.45
CA GLU A 152 -12.49 -6.06 5.10
C GLU A 152 -11.33 -7.02 5.33
N ASN A 153 -11.49 -7.97 6.24
CA ASN A 153 -10.41 -8.89 6.59
C ASN A 153 -10.63 -10.36 6.28
N ARG A 154 -11.72 -10.69 5.58
CA ARG A 154 -12.03 -12.08 5.25
C ARG A 154 -12.59 -12.28 3.85
N VAL A 155 -12.04 -13.26 3.12
CA VAL A 155 -12.49 -13.60 1.77
C VAL A 155 -12.92 -15.07 1.65
N LYS A 156 -13.84 -15.35 0.72
CA LYS A 156 -14.34 -16.71 0.49
C LYS A 156 -14.31 -17.10 -0.99
N ILE A 157 -14.08 -18.38 -1.24
CA ILE A 157 -14.07 -18.90 -2.61
C ILE A 157 -15.47 -19.32 -3.03
N GLY A 158 -15.90 -18.85 -4.19
CA GLY A 158 -17.25 -19.13 -4.68
C GLY A 158 -17.30 -19.62 -6.12
N ASP A 159 -18.51 -19.97 -6.55
CA ASP A 159 -18.77 -20.48 -7.89
C ASP A 159 -17.91 -21.69 -8.25
N PHE A 160 -18.33 -22.86 -7.79
CA PHE A 160 -17.64 -24.10 -8.10
C PHE A 160 -18.25 -24.73 -9.35
N GLY A 161 -18.71 -23.88 -10.27
CA GLY A 161 -19.32 -24.34 -11.51
C GLY A 161 -18.40 -25.21 -12.35
N LEU A 162 -17.14 -24.79 -12.46
CA LEU A 162 -16.17 -25.52 -13.25
C LEU A 162 -15.44 -26.59 -12.44
N THR A 163 -15.80 -26.71 -11.17
CA THR A 163 -15.18 -27.69 -10.28
C THR A 163 -15.60 -29.12 -10.63
N LYS A 164 -14.61 -29.99 -10.79
CA LYS A 164 -14.87 -31.39 -11.06
C LYS A 164 -14.30 -32.27 -9.96
N VAL A 165 -14.71 -33.54 -9.95
CA VAL A 165 -14.25 -34.48 -8.94
C VAL A 165 -13.19 -35.41 -9.51
N LEU A 166 -12.05 -35.52 -8.82
CA LEU A 166 -10.96 -36.37 -9.26
C LEU A 166 -11.32 -37.86 -9.19
N PRO A 167 -10.84 -38.65 -10.16
CA PRO A 167 -11.00 -40.11 -10.18
C PRO A 167 -10.26 -40.78 -9.04
N GLN A 168 -10.56 -42.04 -8.77
CA GLN A 168 -9.90 -42.74 -7.67
C GLN A 168 -8.45 -43.05 -8.02
N ASP A 169 -8.19 -43.38 -9.28
CA ASP A 169 -6.86 -43.73 -9.74
C ASP A 169 -6.15 -42.55 -10.43
N LYS A 170 -6.81 -41.99 -11.44
CA LYS A 170 -6.24 -40.87 -12.19
C LYS A 170 -6.17 -39.62 -11.33
N GLU A 171 -5.09 -38.85 -11.48
CA GLU A 171 -4.91 -37.65 -10.69
C GLU A 171 -5.28 -36.40 -11.48
N LYS A 174 -9.75 -35.06 -17.38
CA LYS A 174 -9.60 -34.64 -18.77
C LYS A 174 -10.94 -34.49 -19.46
N VAL A 175 -11.17 -33.31 -20.06
CA VAL A 175 -12.40 -33.08 -20.81
C VAL A 175 -12.06 -32.98 -22.29
N LYS A 176 -12.44 -33.99 -23.05
CA LYS A 176 -12.07 -34.06 -24.47
C LYS A 176 -12.95 -33.13 -25.31
N GLU A 177 -14.02 -32.63 -24.71
CA GLU A 177 -14.94 -31.75 -25.43
C GLU A 177 -15.07 -30.40 -24.73
N PRO A 178 -14.06 -29.53 -24.90
CA PRO A 178 -14.00 -28.23 -24.22
C PRO A 178 -14.83 -27.15 -24.90
N GLY A 179 -15.31 -26.19 -24.10
CA GLY A 179 -15.99 -25.01 -24.59
C GLY A 179 -15.14 -23.79 -24.34
N GLU A 180 -15.76 -22.61 -24.37
CA GLU A 180 -15.08 -21.36 -24.05
C GLU A 180 -14.45 -21.42 -22.66
N SER A 181 -13.20 -20.97 -22.55
CA SER A 181 -12.45 -21.10 -21.31
C SER A 181 -11.49 -19.95 -21.05
N PRO A 182 -11.22 -19.64 -19.76
CA PRO A 182 -10.21 -18.65 -19.38
C PRO A 182 -8.80 -19.20 -19.57
N ILE A 183 -8.33 -19.19 -20.82
CA ILE A 183 -7.09 -19.86 -21.20
C ILE A 183 -5.83 -19.24 -20.57
N PHE A 184 -5.97 -18.04 -20.03
CA PHE A 184 -4.83 -17.34 -19.41
C PHE A 184 -4.61 -17.82 -17.98
N TRP A 185 -5.68 -18.30 -17.37
CA TRP A 185 -5.63 -18.88 -16.03
C TRP A 185 -5.36 -20.38 -16.10
N TYR A 186 -5.27 -20.89 -17.33
CA TYR A 186 -5.04 -22.31 -17.54
C TYR A 186 -3.57 -22.67 -17.55
N ALA A 187 -3.25 -23.87 -17.07
CA ALA A 187 -1.91 -24.41 -17.12
C ALA A 187 -1.60 -24.84 -18.55
N PRO A 188 -0.30 -24.96 -18.89
CA PRO A 188 0.10 -25.43 -20.22
C PRO A 188 -0.47 -26.82 -20.50
N GLU A 189 -0.52 -27.66 -19.47
CA GLU A 189 -1.07 -29.00 -19.60
C GLU A 189 -2.57 -28.96 -19.86
N SER A 190 -3.20 -27.88 -19.41
CA SER A 190 -4.64 -27.69 -19.59
C SER A 190 -4.93 -27.09 -20.96
N LEU A 191 -3.90 -26.55 -21.58
CA LEU A 191 -4.02 -25.95 -22.91
C LEU A 191 -3.77 -26.96 -24.02
N THR A 192 -2.89 -27.92 -23.75
CA THR A 192 -2.49 -28.91 -24.74
C THR A 192 -3.37 -30.17 -24.76
N GLU A 193 -3.43 -30.88 -23.64
CA GLU A 193 -4.23 -32.10 -23.57
C GLU A 193 -5.57 -31.85 -22.91
N SER A 194 -5.78 -30.60 -22.48
CA SER A 194 -6.96 -30.22 -21.71
C SER A 194 -7.10 -31.07 -20.46
N LYS A 195 -5.98 -31.31 -19.80
CA LYS A 195 -5.94 -32.09 -18.57
C LYS A 195 -5.74 -31.18 -17.37
N PHE A 196 -6.66 -31.25 -16.42
CA PHE A 196 -6.64 -30.37 -15.26
C PHE A 196 -6.28 -31.14 -13.99
N SER A 197 -5.14 -30.79 -13.41
CA SER A 197 -4.69 -31.41 -12.17
C SER A 197 -4.83 -30.42 -11.03
N VAL A 198 -4.31 -30.78 -9.87
CA VAL A 198 -4.25 -29.85 -8.75
C VAL A 198 -3.20 -28.80 -9.05
N ALA A 199 -2.22 -29.16 -9.87
CA ALA A 199 -1.17 -28.24 -10.30
C ALA A 199 -1.72 -27.22 -11.30
N SER A 200 -2.81 -27.57 -11.97
CA SER A 200 -3.49 -26.65 -12.85
C SER A 200 -4.18 -25.55 -12.05
N ASP A 201 -4.41 -25.85 -10.77
CA ASP A 201 -4.97 -24.88 -9.85
C ASP A 201 -3.86 -24.05 -9.22
N VAL A 202 -2.69 -24.66 -9.07
CA VAL A 202 -1.51 -23.95 -8.59
C VAL A 202 -1.08 -22.90 -9.63
N TRP A 203 -1.14 -23.29 -10.90
CA TRP A 203 -0.88 -22.36 -11.99
C TRP A 203 -1.93 -21.26 -11.99
N SER A 204 -3.20 -21.66 -11.93
CA SER A 204 -4.31 -20.73 -11.92
C SER A 204 -4.19 -19.77 -10.73
N PHE A 205 -3.82 -20.32 -9.58
CA PHE A 205 -3.58 -19.52 -8.40
C PHE A 205 -2.41 -18.55 -8.61
N GLY A 206 -1.44 -18.97 -9.43
CA GLY A 206 -0.33 -18.11 -9.78
C GLY A 206 -0.80 -16.86 -10.49
N VAL A 207 -1.77 -17.02 -11.37
CA VAL A 207 -2.34 -15.89 -12.10
C VAL A 207 -3.23 -15.07 -11.15
N VAL A 208 -3.89 -15.76 -10.24
CA VAL A 208 -4.71 -15.11 -9.21
C VAL A 208 -3.81 -14.28 -8.30
N LEU A 209 -2.67 -14.86 -7.93
CA LEU A 209 -1.67 -14.16 -7.12
C LEU A 209 -1.14 -12.94 -7.88
N TYR A 210 -1.05 -13.06 -9.19
CA TYR A 210 -0.64 -11.95 -10.05
C TYR A 210 -1.67 -10.83 -10.02
N GLU A 211 -2.93 -11.21 -10.17
CA GLU A 211 -4.05 -10.26 -10.18
C GLU A 211 -4.11 -9.42 -8.91
N LEU A 212 -3.74 -10.03 -7.78
CA LEU A 212 -3.80 -9.37 -6.48
C LEU A 212 -2.81 -8.22 -6.32
N PHE A 213 -1.54 -8.47 -6.60
CA PHE A 213 -0.50 -7.48 -6.40
C PHE A 213 -0.45 -6.40 -7.49
N THR A 214 -1.35 -6.53 -8.45
CA THR A 214 -1.51 -5.49 -9.48
C THR A 214 -2.79 -4.72 -9.25
N TYR A 215 -3.70 -5.30 -8.49
CA TYR A 215 -5.10 -4.85 -8.40
C TYR A 215 -5.77 -4.82 -9.77
N ILE A 216 -5.12 -5.45 -10.76
CA ILE A 216 -5.53 -5.41 -12.16
C ILE A 216 -5.83 -3.98 -12.63
N GLU A 217 -4.83 -3.13 -12.51
CA GLU A 217 -4.99 -1.70 -12.79
C GLU A 217 -4.79 -1.39 -14.27
N LYS A 218 -5.83 -0.84 -14.88
CA LYS A 218 -5.79 -0.39 -16.27
C LYS A 218 -5.51 -1.54 -17.23
N SER A 219 -4.25 -1.71 -17.60
CA SER A 219 -3.89 -2.74 -18.56
C SER A 219 -2.80 -3.65 -18.02
N LYS A 220 -2.97 -4.07 -16.78
CA LYS A 220 -2.12 -5.11 -16.20
C LYS A 220 -3.02 -6.29 -15.91
N SER A 221 -3.81 -6.64 -16.92
CA SER A 221 -4.72 -7.77 -16.82
C SER A 221 -4.06 -8.97 -17.48
N PRO A 222 -4.29 -10.16 -16.94
CA PRO A 222 -3.78 -11.40 -17.56
C PRO A 222 -4.11 -11.52 -19.06
N PRO A 223 -5.33 -11.17 -19.51
CA PRO A 223 -5.53 -11.18 -20.96
C PRO A 223 -4.73 -10.11 -21.66
N VAL A 224 -4.85 -8.86 -21.20
CA VAL A 224 -4.19 -7.73 -21.84
C VAL A 224 -2.68 -7.89 -21.86
N GLU A 225 -2.14 -8.54 -20.83
CA GLU A 225 -0.70 -8.76 -20.73
C GLU A 225 -0.22 -9.89 -21.64
N PHE A 226 -0.94 -11.01 -21.61
CA PHE A 226 -0.59 -12.14 -22.47
C PHE A 226 -0.77 -11.77 -23.94
N MET A 227 -1.83 -11.02 -24.25
CA MET A 227 -2.07 -10.55 -25.60
C MET A 227 -0.99 -9.60 -26.07
N ARG A 228 -0.48 -8.80 -25.14
CA ARG A 228 0.59 -7.85 -25.43
C ARG A 228 1.86 -8.57 -25.80
N MET A 229 2.05 -9.76 -25.25
CA MET A 229 3.25 -10.56 -25.47
C MET A 229 3.18 -11.35 -26.77
N ILE A 230 2.02 -11.91 -27.07
CA ILE A 230 1.84 -12.68 -28.30
C ILE A 230 1.44 -11.77 -29.45
N GLY A 231 1.22 -10.50 -29.15
CA GLY A 231 0.84 -9.54 -30.16
C GLY A 231 -0.66 -9.40 -30.25
N ASN A 232 -1.15 -8.16 -30.19
CA ASN A 232 -2.58 -7.90 -30.32
C ASN A 232 -3.01 -7.92 -31.78
N ASP A 233 -2.80 -9.05 -32.43
CA ASP A 233 -3.18 -9.24 -33.82
C ASP A 233 -3.58 -10.69 -34.09
N LYS A 234 -2.93 -11.60 -33.37
CA LYS A 234 -3.25 -13.03 -33.48
C LYS A 234 -4.64 -13.31 -32.94
N GLN A 235 -5.54 -13.76 -33.82
CA GLN A 235 -6.91 -14.02 -33.41
C GLN A 235 -7.43 -15.41 -33.80
N GLY A 236 -8.64 -15.72 -33.35
CA GLY A 236 -9.25 -17.01 -33.60
C GLY A 236 -8.80 -18.06 -32.62
N GLN A 237 -8.97 -19.33 -32.99
CA GLN A 237 -8.52 -20.42 -32.13
C GLN A 237 -6.99 -20.48 -32.12
N MET A 238 -6.39 -19.86 -33.13
CA MET A 238 -4.93 -19.79 -33.24
C MET A 238 -4.26 -19.04 -32.11
N ILE A 239 -5.05 -18.35 -31.29
CA ILE A 239 -4.51 -17.65 -30.12
C ILE A 239 -3.97 -18.64 -29.11
N VAL A 240 -4.73 -19.72 -28.87
CA VAL A 240 -4.35 -20.74 -27.90
C VAL A 240 -3.01 -21.36 -28.26
N PHE A 241 -2.77 -21.53 -29.55
CA PHE A 241 -1.52 -22.10 -30.04
C PHE A 241 -0.33 -21.20 -29.70
N HIS A 242 -0.42 -19.93 -30.07
CA HIS A 242 0.64 -18.97 -29.80
C HIS A 242 0.91 -18.81 -28.31
N LEU A 243 -0.14 -18.89 -27.50
CA LEU A 243 -0.01 -18.81 -26.05
C LEU A 243 0.82 -19.97 -25.51
N ILE A 244 0.56 -21.17 -26.04
CA ILE A 244 1.31 -22.36 -25.66
C ILE A 244 2.78 -22.19 -26.00
N GLU A 245 3.04 -21.62 -27.18
CA GLU A 245 4.41 -21.32 -27.61
C GLU A 245 5.07 -20.36 -26.64
N LEU A 246 4.27 -19.43 -26.13
CA LEU A 246 4.76 -18.42 -25.19
C LEU A 246 5.10 -19.03 -23.83
N LEU A 247 4.28 -19.97 -23.39
CA LEU A 247 4.49 -20.60 -22.10
C LEU A 247 5.57 -21.68 -22.17
N LYS A 248 5.66 -22.33 -23.33
CA LYS A 248 6.70 -23.33 -23.53
C LYS A 248 8.06 -22.68 -23.69
N SER A 249 8.07 -21.43 -24.16
CA SER A 249 9.30 -20.68 -24.33
C SER A 249 9.66 -19.92 -23.07
N ASN A 250 9.04 -20.33 -21.96
CA ASN A 250 9.31 -19.77 -20.65
C ASN A 250 9.05 -18.26 -20.54
N GLY A 251 8.06 -17.80 -21.28
CA GLY A 251 7.61 -16.42 -21.17
C GLY A 251 6.38 -16.35 -20.29
N ARG A 252 6.36 -15.40 -19.35
CA ARG A 252 5.23 -15.27 -18.43
C ARG A 252 4.79 -13.81 -18.29
N LEU A 253 3.71 -13.60 -17.55
CA LEU A 253 3.22 -12.26 -17.25
C LEU A 253 4.26 -11.52 -16.41
N PRO A 254 4.54 -10.26 -16.78
CA PRO A 254 5.58 -9.45 -16.14
C PRO A 254 5.32 -9.17 -14.67
N ARG A 255 6.33 -8.64 -13.99
CA ARG A 255 6.21 -8.25 -12.58
C ARG A 255 5.15 -7.18 -12.37
N PRO A 256 4.25 -7.40 -11.41
CA PRO A 256 3.27 -6.37 -11.01
C PRO A 256 3.97 -5.13 -10.48
N GLU A 257 3.45 -3.95 -10.79
CA GLU A 257 4.05 -2.71 -10.33
C GLU A 257 4.07 -2.57 -8.82
N GLY A 258 5.27 -2.46 -8.26
CA GLY A 258 5.46 -2.32 -6.83
C GLY A 258 5.12 -3.60 -6.10
N CYS A 259 5.73 -4.70 -6.53
CA CYS A 259 5.52 -5.99 -5.91
C CYS A 259 6.80 -6.46 -5.26
N PRO A 260 6.72 -6.93 -4.01
CA PRO A 260 7.87 -7.50 -3.31
C PRO A 260 8.48 -8.64 -4.12
N ASP A 261 9.79 -8.81 -3.97
CA ASP A 261 10.53 -9.77 -4.78
C ASP A 261 10.16 -11.21 -4.49
N GLU A 262 10.01 -11.54 -3.21
CA GLU A 262 9.69 -12.90 -2.78
C GLU A 262 8.32 -13.35 -3.26
N ILE A 263 7.43 -12.39 -3.50
CA ILE A 263 6.09 -12.71 -3.96
C ILE A 263 6.04 -13.06 -5.44
N TYR A 264 6.76 -12.28 -6.24
CA TYR A 264 6.85 -12.52 -7.68
C TYR A 264 7.58 -13.83 -8.00
N VAL A 265 8.50 -14.21 -7.13
CA VAL A 265 9.20 -15.48 -7.26
C VAL A 265 8.20 -16.63 -7.19
N ILE A 266 7.28 -16.54 -6.24
CA ILE A 266 6.23 -17.52 -6.05
C ILE A 266 5.36 -17.65 -7.30
N MET A 267 5.03 -16.50 -7.91
CA MET A 267 4.22 -16.49 -9.12
C MET A 267 4.89 -17.30 -10.23
N THR A 268 6.15 -17.01 -10.46
CA THR A 268 6.93 -17.67 -11.52
C THR A 268 7.22 -19.13 -11.22
N GLU A 269 7.18 -19.50 -9.95
CA GLU A 269 7.38 -20.90 -9.54
C GLU A 269 6.09 -21.72 -9.68
N CYS A 270 4.95 -21.05 -9.59
CA CYS A 270 3.67 -21.69 -9.88
C CYS A 270 3.50 -21.76 -11.39
N TRP A 271 4.17 -20.85 -12.09
CA TRP A 271 4.10 -20.79 -13.53
C TRP A 271 5.19 -21.64 -14.18
N ASN A 272 5.72 -22.58 -13.40
CA ASN A 272 6.70 -23.53 -13.92
C ASN A 272 6.01 -24.54 -14.83
N ASN A 273 6.64 -24.87 -15.95
CA ASN A 273 6.05 -25.78 -16.93
C ASN A 273 5.83 -27.18 -16.35
N ASN A 274 6.86 -27.70 -15.69
CA ASN A 274 6.80 -29.03 -15.09
C ASN A 274 5.80 -29.09 -13.93
N VAL A 275 4.96 -30.12 -13.94
CA VAL A 275 3.93 -30.32 -12.93
C VAL A 275 4.55 -30.57 -11.56
N SER A 276 5.62 -31.34 -11.54
CA SER A 276 6.29 -31.71 -10.30
C SER A 276 6.91 -30.50 -9.60
N GLN A 277 7.48 -29.58 -10.38
CA GLN A 277 8.16 -28.41 -9.82
C GLN A 277 7.21 -27.34 -9.28
N ARG A 278 5.92 -27.49 -9.54
CA ARG A 278 4.92 -26.58 -8.97
C ARG A 278 4.68 -26.89 -7.50
N PRO A 279 4.91 -25.90 -6.64
CA PRO A 279 4.76 -26.06 -5.19
C PRO A 279 3.32 -26.37 -4.80
N SER A 280 3.14 -27.25 -3.82
CA SER A 280 1.81 -27.60 -3.33
C SER A 280 1.20 -26.47 -2.52
N PHE A 281 -0.10 -26.53 -2.30
CA PHE A 281 -0.78 -25.49 -1.52
C PHE A 281 -0.35 -25.52 -0.05
N ARG A 282 0.22 -26.66 0.37
CA ARG A 282 0.83 -26.77 1.68
C ARG A 282 2.07 -25.87 1.76
N ASP A 283 2.93 -26.02 0.76
CA ASP A 283 4.17 -25.26 0.69
C ASP A 283 3.88 -23.78 0.48
N LEU A 284 2.79 -23.49 -0.24
CA LEU A 284 2.40 -22.12 -0.52
C LEU A 284 1.97 -21.37 0.73
N SER A 285 1.00 -21.94 1.44
CA SER A 285 0.46 -21.33 2.65
C SER A 285 1.54 -21.10 3.70
N LEU A 286 2.57 -21.93 3.66
CA LEU A 286 3.70 -21.80 4.58
C LEU A 286 4.50 -20.53 4.31
N ARG A 287 4.88 -20.31 3.05
CA ARG A 287 5.64 -19.11 2.69
C ARG A 287 4.81 -17.85 2.89
N VAL A 288 3.52 -17.93 2.61
CA VAL A 288 2.64 -16.78 2.76
C VAL A 288 2.69 -16.27 4.19
N ASP A 289 2.43 -17.16 5.14
CA ASP A 289 2.46 -16.81 6.55
C ASP A 289 3.87 -16.48 7.01
N GLN A 290 4.86 -17.02 6.30
CA GLN A 290 6.26 -16.76 6.61
C GLN A 290 6.62 -15.30 6.30
N ILE A 291 6.09 -14.80 5.20
CA ILE A 291 6.34 -13.42 4.79
C ILE A 291 5.35 -12.48 5.47
N ARG A 292 4.21 -13.03 5.88
CA ARG A 292 3.17 -12.25 6.55
C ARG A 292 3.60 -11.68 7.89
N ASP A 293 4.11 -12.54 8.77
CA ASP A 293 4.51 -12.12 10.11
C ASP A 293 5.87 -11.43 10.10
N SER A 294 6.64 -11.65 9.04
CA SER A 294 7.94 -11.02 8.90
C SER A 294 7.80 -9.55 8.57
N ILE A 295 6.76 -9.22 7.82
CA ILE A 295 6.48 -7.84 7.45
C ILE A 295 5.54 -7.18 8.46
N GLN B 8 20.69 9.55 -21.90
CA GLN B 8 21.31 8.24 -21.68
C GLN B 8 22.68 8.41 -21.03
N PHE B 9 23.73 8.08 -21.77
CA PHE B 9 25.10 8.17 -21.25
C PHE B 9 26.12 8.56 -22.32
N GLU B 10 27.09 9.38 -21.92
CA GLU B 10 28.21 9.75 -22.78
C GLU B 10 29.54 9.65 -22.03
N GLU B 11 30.49 8.94 -22.62
CA GLU B 11 31.77 8.67 -21.96
C GLU B 11 32.62 9.91 -21.72
N ARG B 12 32.28 11.00 -22.41
CA ARG B 12 33.05 12.23 -22.25
C ARG B 12 32.76 12.89 -20.91
N HIS B 13 31.64 12.50 -20.29
CA HIS B 13 31.24 13.04 -19.00
C HIS B 13 31.65 12.12 -17.86
N LEU B 14 31.99 10.87 -18.19
CA LEU B 14 32.41 9.93 -17.16
C LEU B 14 33.75 10.37 -16.60
N LYS B 15 33.74 10.79 -15.35
CA LYS B 15 34.95 11.28 -14.71
C LYS B 15 35.58 10.17 -13.87
N PHE B 16 36.80 9.81 -14.22
CA PHE B 16 37.50 8.75 -13.50
C PHE B 16 37.90 9.21 -12.11
N LEU B 17 37.35 8.56 -11.10
CA LEU B 17 37.65 8.90 -9.71
C LEU B 17 38.72 7.96 -9.16
N GLN B 18 38.46 6.67 -9.26
CA GLN B 18 39.38 5.65 -8.77
C GLN B 18 39.05 4.32 -9.43
N GLN B 19 39.92 3.33 -9.24
CA GLN B 19 39.60 1.98 -9.66
C GLN B 19 39.12 1.17 -8.45
N LEU B 20 38.02 0.45 -8.64
CA LEU B 20 37.46 -0.35 -7.56
C LEU B 20 38.19 -1.68 -7.47
N GLY B 21 37.99 -2.53 -8.48
CA GLY B 21 38.66 -3.81 -8.53
C GLY B 21 38.55 -4.43 -9.90
N LYS B 22 39.12 -5.62 -10.07
CA LYS B 22 39.04 -6.32 -11.34
C LYS B 22 38.66 -7.79 -11.12
N GLY B 23 37.80 -8.31 -11.98
CA GLY B 23 37.36 -9.69 -11.90
C GLY B 23 37.07 -10.25 -13.27
N ASN B 24 37.30 -11.55 -13.44
CA ASN B 24 37.16 -12.22 -14.74
C ASN B 24 38.03 -11.60 -15.83
N PHE B 25 37.40 -11.11 -16.89
CA PHE B 25 38.12 -10.57 -18.04
C PHE B 25 38.00 -9.06 -18.16
N GLY B 26 37.59 -8.39 -17.09
CA GLY B 26 37.39 -6.95 -17.12
C GLY B 26 37.89 -6.20 -15.90
N SER B 27 37.88 -4.88 -15.96
CA SER B 27 38.30 -4.04 -14.85
C SER B 27 37.18 -3.10 -14.41
N VAL B 28 36.93 -3.01 -13.11
CA VAL B 28 35.89 -2.16 -12.58
C VAL B 28 36.44 -0.87 -11.96
N GLU B 29 35.95 0.27 -12.44
CA GLU B 29 36.43 1.57 -11.97
C GLU B 29 35.28 2.43 -11.46
N MET B 30 35.53 3.14 -10.36
CA MET B 30 34.57 4.08 -9.80
C MET B 30 34.63 5.41 -10.53
N CYS B 31 33.54 5.75 -11.22
CA CYS B 31 33.48 7.00 -11.97
C CYS B 31 32.33 7.88 -11.53
N ARG B 32 32.28 9.08 -12.08
CA ARG B 32 31.21 10.03 -11.79
C ARG B 32 30.72 10.67 -13.07
N TYR B 33 29.51 10.29 -13.49
CA TYR B 33 28.94 10.83 -14.72
C TYR B 33 28.37 12.21 -14.44
N ASP B 34 28.99 13.22 -15.03
CA ASP B 34 28.55 14.60 -14.82
C ASP B 34 28.55 15.37 -16.13
N PRO B 35 27.36 15.48 -16.77
CA PRO B 35 27.18 16.18 -18.04
C PRO B 35 27.51 17.67 -17.91
N LEU B 36 27.40 18.19 -16.71
CA LEU B 36 27.63 19.61 -16.45
C LEU B 36 29.12 19.91 -16.32
N GLN B 37 29.90 18.87 -16.03
CA GLN B 37 31.34 18.99 -15.80
C GLN B 37 31.66 19.92 -14.63
N ASP B 38 30.70 20.09 -13.73
CA ASP B 38 30.90 20.90 -12.54
C ASP B 38 31.17 20.02 -11.32
N ASN B 39 31.29 18.72 -11.55
CA ASN B 39 31.64 17.75 -10.52
C ASN B 39 30.60 17.65 -9.41
N THR B 40 29.34 17.47 -9.80
CA THR B 40 28.26 17.27 -8.86
C THR B 40 27.42 16.05 -9.22
N GLY B 41 27.84 15.33 -10.24
CA GLY B 41 27.10 14.17 -10.72
C GLY B 41 27.06 13.02 -9.74
N GLU B 42 26.20 12.05 -10.00
CA GLU B 42 26.07 10.88 -9.14
C GLU B 42 27.18 9.88 -9.44
N VAL B 43 27.66 9.22 -8.40
CA VAL B 43 28.72 8.23 -8.56
C VAL B 43 28.13 6.90 -9.01
N VAL B 44 28.74 6.31 -10.04
CA VAL B 44 28.32 5.02 -10.56
C VAL B 44 29.53 4.12 -10.78
N ALA B 45 29.32 2.81 -10.70
CA ALA B 45 30.39 1.86 -10.94
C ALA B 45 30.52 1.58 -12.43
N VAL B 46 31.76 1.49 -12.91
CA VAL B 46 32.01 1.30 -14.33
C VAL B 46 32.92 0.09 -14.58
N LYS B 47 32.44 -0.85 -15.38
CA LYS B 47 33.21 -2.03 -15.74
C LYS B 47 33.57 -2.01 -17.22
N LYS B 48 34.87 -2.07 -17.51
CA LYS B 48 35.35 -2.03 -18.88
C LYS B 48 36.31 -3.18 -19.18
N LEU B 49 36.52 -3.46 -20.47
CA LEU B 49 37.44 -4.50 -20.89
C LEU B 49 38.86 -3.95 -21.04
N GLN B 50 39.82 -4.60 -20.37
CA GLN B 50 41.22 -4.20 -20.45
C GLN B 50 41.77 -4.50 -21.83
N HIS B 51 41.63 -5.75 -22.24
CA HIS B 51 42.03 -6.19 -23.57
C HIS B 51 40.82 -6.57 -24.40
N SER B 52 40.61 -5.84 -25.49
CA SER B 52 39.44 -6.04 -26.34
C SER B 52 39.66 -7.15 -27.36
N THR B 53 39.00 -8.28 -27.14
CA THR B 53 39.04 -9.39 -28.09
C THR B 53 37.62 -9.85 -28.41
N GLU B 54 37.47 -10.60 -29.50
CA GLU B 54 36.15 -11.05 -29.94
C GLU B 54 35.53 -12.08 -29.01
N GLU B 55 36.37 -12.89 -28.35
CA GLU B 55 35.89 -13.90 -27.43
C GLU B 55 35.53 -13.29 -26.07
N HIS B 56 35.89 -12.04 -25.88
CA HIS B 56 35.59 -11.31 -24.65
C HIS B 56 34.48 -10.28 -24.86
N LEU B 57 34.65 -9.45 -25.88
CA LEU B 57 33.69 -8.38 -26.17
C LEU B 57 32.30 -8.93 -26.48
N ARG B 58 32.25 -10.13 -27.05
CA ARG B 58 30.99 -10.79 -27.35
C ARG B 58 30.33 -11.30 -26.07
N ASP B 59 31.12 -11.95 -25.22
CA ASP B 59 30.63 -12.52 -23.98
C ASP B 59 30.34 -11.43 -22.94
N PHE B 60 31.07 -10.32 -23.05
CA PHE B 60 30.89 -9.19 -22.14
C PHE B 60 29.53 -8.53 -22.37
N GLU B 61 29.13 -8.46 -23.63
CA GLU B 61 27.84 -7.91 -24.00
C GLU B 61 26.72 -8.86 -23.58
N ARG B 62 27.03 -10.15 -23.59
CA ARG B 62 26.11 -11.18 -23.14
C ARG B 62 25.83 -11.02 -21.65
N GLU B 63 26.86 -10.65 -20.90
CA GLU B 63 26.73 -10.40 -19.46
C GLU B 63 25.79 -9.25 -19.17
N ILE B 64 25.90 -8.19 -19.98
CA ILE B 64 25.05 -7.00 -19.82
C ILE B 64 23.58 -7.25 -20.12
N GLU B 65 23.30 -7.98 -21.19
CA GLU B 65 21.92 -8.28 -21.58
C GLU B 65 21.20 -9.13 -20.53
N ILE B 66 21.97 -9.88 -19.76
CA ILE B 66 21.42 -10.66 -18.66
C ILE B 66 21.04 -9.73 -17.52
N LEU B 67 21.99 -8.88 -17.13
CA LEU B 67 21.78 -7.91 -16.07
C LEU B 67 20.67 -6.93 -16.42
N LYS B 68 20.53 -6.65 -17.71
CA LYS B 68 19.49 -5.77 -18.21
C LYS B 68 18.11 -6.32 -17.87
N SER B 69 17.97 -7.63 -17.95
CA SER B 69 16.70 -8.30 -17.66
C SER B 69 16.53 -8.60 -16.17
N LEU B 70 17.55 -8.31 -15.38
CA LEU B 70 17.52 -8.59 -13.94
C LEU B 70 17.23 -7.38 -13.07
N GLN B 71 16.03 -7.35 -12.49
CA GLN B 71 15.63 -6.28 -11.58
C GLN B 71 15.15 -6.86 -10.25
N HIS B 72 16.00 -6.77 -9.23
CA HIS B 72 15.73 -7.36 -7.93
C HIS B 72 16.44 -6.54 -6.85
N ASP B 73 15.91 -6.58 -5.63
CA ASP B 73 16.51 -5.84 -4.52
C ASP B 73 17.86 -6.44 -4.12
N ASN B 74 18.01 -7.74 -4.33
CA ASN B 74 19.23 -8.45 -3.95
C ASN B 74 20.13 -8.73 -5.15
N ILE B 75 19.77 -8.16 -6.30
CA ILE B 75 20.62 -8.21 -7.48
C ILE B 75 21.06 -6.79 -7.83
N VAL B 76 22.36 -6.61 -8.09
CA VAL B 76 22.91 -5.29 -8.42
C VAL B 76 22.14 -4.65 -9.58
N LYS B 77 21.86 -3.36 -9.44
CA LYS B 77 21.01 -2.65 -10.40
C LYS B 77 21.75 -2.23 -11.66
N TYR B 78 21.20 -2.59 -12.81
CA TYR B 78 21.77 -2.19 -14.09
C TYR B 78 21.46 -0.72 -14.37
N LYS B 79 22.49 0.05 -14.70
CA LYS B 79 22.34 1.47 -14.98
C LYS B 79 22.26 1.77 -16.46
N GLY B 80 23.38 1.62 -17.16
CA GLY B 80 23.44 1.91 -18.58
C GLY B 80 24.73 1.44 -19.23
N VAL B 81 24.95 1.88 -20.46
CA VAL B 81 26.12 1.48 -21.24
C VAL B 81 26.68 2.65 -22.03
N CYS B 82 27.94 2.52 -22.45
CA CYS B 82 28.57 3.52 -23.31
C CYS B 82 29.73 2.90 -24.10
N TYR B 83 30.02 3.44 -25.27
CA TYR B 83 31.05 2.89 -26.15
C TYR B 83 32.32 3.71 -26.11
N SER B 84 33.45 3.03 -26.34
CA SER B 84 34.75 3.70 -26.41
C SER B 84 35.37 3.51 -27.79
N ASN B 89 35.10 -1.17 -28.49
CA ASN B 89 35.44 -1.21 -27.07
C ASN B 89 34.25 -0.83 -26.18
N LEU B 90 33.57 -1.85 -25.65
CA LEU B 90 32.39 -1.61 -24.82
C LEU B 90 32.74 -1.23 -23.40
N ARG B 91 31.77 -0.66 -22.69
CA ARG B 91 31.92 -0.23 -21.31
C ARG B 91 30.58 -0.27 -20.59
N LEU B 92 30.55 -0.84 -19.39
CA LEU B 92 29.29 -1.02 -18.67
C LEU B 92 29.16 -0.11 -17.44
N ILE B 93 28.00 0.51 -17.31
CA ILE B 93 27.71 1.38 -16.17
C ILE B 93 26.76 0.70 -15.19
N MET B 94 27.14 0.70 -13.92
CA MET B 94 26.34 0.07 -12.88
C MET B 94 26.27 0.95 -11.63
N GLU B 95 25.38 0.62 -10.70
CA GLU B 95 25.27 1.39 -9.47
C GLU B 95 26.52 1.17 -8.61
N TYR B 96 26.84 2.16 -7.79
CA TYR B 96 27.99 2.05 -6.90
C TYR B 96 27.57 1.63 -5.50
N LEU B 97 28.08 0.48 -5.06
CA LEU B 97 27.83 0.01 -3.72
C LEU B 97 29.10 0.19 -2.89
N PRO B 98 29.07 1.14 -1.93
CA PRO B 98 30.22 1.68 -1.22
C PRO B 98 31.04 0.66 -0.42
N TYR B 99 30.38 -0.23 0.29
CA TYR B 99 31.06 -1.18 1.16
C TYR B 99 31.81 -2.27 0.40
N GLY B 100 31.60 -2.33 -0.92
CA GLY B 100 32.34 -3.25 -1.77
C GLY B 100 31.86 -4.68 -1.67
N SER B 101 32.79 -5.61 -1.80
CA SER B 101 32.46 -7.03 -1.77
C SER B 101 32.19 -7.53 -0.35
N LEU B 102 31.27 -8.49 -0.24
CA LEU B 102 30.93 -9.09 1.05
C LEU B 102 32.13 -9.78 1.68
N ARG B 103 33.01 -10.33 0.83
CA ARG B 103 34.19 -11.03 1.31
C ARG B 103 35.11 -10.10 2.10
N ASP B 104 35.44 -8.97 1.50
CA ASP B 104 36.31 -7.98 2.14
C ASP B 104 35.60 -7.34 3.31
N TYR B 105 34.28 -7.23 3.21
CA TYR B 105 33.46 -6.62 4.25
C TYR B 105 33.31 -7.52 5.48
N LEU B 106 33.21 -8.83 5.25
CA LEU B 106 33.05 -9.78 6.35
C LEU B 106 34.34 -9.89 7.15
N GLN B 107 35.45 -9.59 6.48
CA GLN B 107 36.76 -9.64 7.11
C GLN B 107 37.02 -8.35 7.90
N LYS B 108 36.52 -7.23 7.37
CA LYS B 108 36.69 -5.93 8.02
C LYS B 108 35.93 -5.89 9.35
N HIS B 109 34.65 -6.22 9.32
CA HIS B 109 33.81 -6.15 10.50
C HIS B 109 33.44 -7.54 11.00
N LYS B 110 34.38 -8.18 11.70
CA LYS B 110 34.19 -9.53 12.20
C LYS B 110 33.32 -9.56 13.46
N GLU B 111 33.63 -8.67 14.41
CA GLU B 111 32.99 -8.67 15.72
C GLU B 111 31.56 -8.15 15.65
N ARG B 112 31.35 -7.19 14.75
CA ARG B 112 30.09 -6.46 14.64
C ARG B 112 29.03 -7.24 13.86
N ILE B 113 29.38 -8.44 13.42
CA ILE B 113 28.44 -9.29 12.70
C ILE B 113 28.16 -10.59 13.46
N ASP B 114 26.89 -10.84 13.73
CA ASP B 114 26.49 -12.02 14.50
C ASP B 114 25.81 -13.08 13.65
N HIS B 115 25.25 -14.06 14.34
CA HIS B 115 24.51 -15.16 13.73
C HIS B 115 23.26 -14.69 12.98
N LYS B 116 22.47 -13.84 13.65
CA LYS B 116 21.23 -13.34 13.07
C LYS B 116 21.47 -12.50 11.82
N LYS B 117 22.64 -11.85 11.76
CA LYS B 117 23.02 -11.09 10.57
C LYS B 117 23.47 -12.03 9.46
N LEU B 118 24.21 -13.07 9.81
CA LEU B 118 24.65 -14.07 8.84
C LEU B 118 23.46 -14.81 8.26
N LEU B 119 22.44 -15.03 9.08
CA LEU B 119 21.20 -15.65 8.62
C LEU B 119 20.43 -14.69 7.71
N GLN B 120 20.57 -13.39 7.99
CA GLN B 120 19.89 -12.36 7.21
C GLN B 120 20.46 -12.27 5.79
N TYR B 121 21.79 -12.34 5.68
CA TYR B 121 22.45 -12.31 4.38
C TYR B 121 22.04 -13.52 3.55
N THR B 122 22.06 -14.69 4.20
CA THR B 122 21.73 -15.96 3.55
C THR B 122 20.31 -15.96 2.96
N SER B 123 19.36 -15.40 3.70
CA SER B 123 17.98 -15.34 3.25
C SER B 123 17.84 -14.48 2.00
N GLN B 124 18.67 -13.44 1.92
CA GLN B 124 18.67 -12.55 0.76
C GLN B 124 19.27 -13.26 -0.45
N ILE B 125 20.32 -14.04 -0.23
CA ILE B 125 20.99 -14.77 -1.29
C ILE B 125 20.09 -15.81 -1.97
N CYS B 126 19.32 -16.55 -1.16
CA CYS B 126 18.39 -17.53 -1.70
C CYS B 126 17.29 -16.90 -2.53
N LYS B 127 16.62 -15.89 -1.97
CA LYS B 127 15.55 -15.18 -2.65
C LYS B 127 16.05 -14.56 -3.96
N GLY B 128 17.33 -14.22 -3.98
CA GLY B 128 17.98 -13.74 -5.19
C GLY B 128 18.28 -14.87 -6.15
N MET B 129 18.64 -16.03 -5.60
CA MET B 129 18.95 -17.20 -6.41
C MET B 129 17.68 -17.83 -7.00
N GLU B 130 16.56 -17.62 -6.33
CA GLU B 130 15.27 -18.07 -6.84
C GLU B 130 14.85 -17.25 -8.05
N TYR B 131 15.02 -15.93 -7.97
CA TYR B 131 14.73 -15.01 -9.06
C TYR B 131 15.70 -15.22 -10.22
N LEU B 132 16.94 -15.59 -9.89
CA LEU B 132 17.95 -15.85 -10.90
C LEU B 132 17.65 -17.17 -11.59
N GLY B 133 17.25 -18.16 -10.79
CA GLY B 133 16.92 -19.48 -11.30
C GLY B 133 15.61 -19.47 -12.07
N THR B 134 14.72 -18.54 -11.71
CA THR B 134 13.40 -18.47 -12.34
C THR B 134 13.50 -18.03 -13.79
N LYS B 135 14.52 -17.24 -14.12
CA LYS B 135 14.73 -16.81 -15.49
C LYS B 135 15.68 -17.76 -16.23
N ARG B 136 15.88 -18.94 -15.65
CA ARG B 136 16.73 -19.98 -16.24
C ARG B 136 18.15 -19.50 -16.52
N TYR B 137 18.84 -19.09 -15.47
CA TYR B 137 20.23 -18.66 -15.56
C TYR B 137 21.09 -19.52 -14.64
N ILE B 138 22.33 -19.79 -15.06
CA ILE B 138 23.26 -20.54 -14.22
C ILE B 138 24.46 -19.65 -13.90
N HIS B 139 24.60 -19.29 -12.63
CA HIS B 139 25.64 -18.35 -12.23
C HIS B 139 27.03 -18.99 -12.20
N ARG B 140 27.12 -20.18 -11.63
CA ARG B 140 28.37 -20.94 -11.51
C ARG B 140 29.42 -20.27 -10.62
N ASP B 141 29.58 -18.96 -10.79
CA ASP B 141 30.62 -18.20 -10.11
C ASP B 141 30.17 -17.72 -8.74
N LEU B 142 29.21 -18.42 -8.15
CA LEU B 142 28.67 -18.06 -6.85
C LEU B 142 29.72 -18.13 -5.74
N ALA B 143 30.11 -16.97 -5.24
CA ALA B 143 31.11 -16.87 -4.17
C ALA B 143 30.98 -15.54 -3.43
N THR B 144 31.55 -15.48 -2.23
CA THR B 144 31.47 -14.27 -1.41
C THR B 144 32.21 -13.09 -2.03
N ARG B 145 33.13 -13.38 -2.95
CA ARG B 145 33.83 -12.34 -3.69
C ARG B 145 32.96 -11.73 -4.78
N ASN B 146 31.82 -12.36 -5.04
CA ASN B 146 30.88 -11.89 -6.06
C ASN B 146 29.61 -11.29 -5.47
N ILE B 147 29.59 -11.14 -4.16
CA ILE B 147 28.45 -10.54 -3.48
C ILE B 147 28.80 -9.12 -3.02
N LEU B 148 27.88 -8.19 -3.24
CA LEU B 148 28.13 -6.78 -2.94
C LEU B 148 27.34 -6.33 -1.71
N VAL B 149 27.72 -5.19 -1.15
CA VAL B 149 27.05 -4.66 0.03
C VAL B 149 26.61 -3.21 -0.16
N GLU B 150 25.30 -2.99 -0.24
CA GLU B 150 24.76 -1.65 -0.36
C GLU B 150 24.69 -0.98 1.01
N ASN B 151 24.15 -1.71 1.98
CA ASN B 151 24.10 -1.25 3.37
C ASN B 151 24.20 -2.40 4.36
N GLU B 152 24.13 -2.08 5.65
CA GLU B 152 24.31 -3.07 6.71
C GLU B 152 23.28 -4.20 6.68
N ASN B 153 22.12 -3.93 6.10
CA ASN B 153 21.03 -4.91 6.10
C ASN B 153 20.65 -5.46 4.73
N ARG B 154 21.45 -5.14 3.71
CA ARG B 154 21.17 -5.62 2.35
C ARG B 154 22.42 -6.00 1.57
N VAL B 155 22.38 -7.17 0.92
CA VAL B 155 23.48 -7.63 0.08
C VAL B 155 23.00 -7.85 -1.35
N LYS B 156 23.90 -7.70 -2.32
CA LYS B 156 23.54 -7.87 -3.73
C LYS B 156 24.48 -8.79 -4.50
N ILE B 157 23.92 -9.52 -5.47
CA ILE B 157 24.71 -10.39 -6.33
C ILE B 157 25.20 -9.63 -7.56
N GLY B 158 26.50 -9.74 -7.84
CA GLY B 158 27.09 -9.04 -8.96
C GLY B 158 27.96 -9.89 -9.87
N ASP B 159 28.44 -9.28 -10.96
CA ASP B 159 29.30 -9.94 -11.94
C ASP B 159 28.71 -11.24 -12.50
N PHE B 160 27.84 -11.10 -13.49
CA PHE B 160 27.23 -12.24 -14.15
C PHE B 160 28.02 -12.65 -15.39
N GLY B 161 29.32 -12.47 -15.33
CA GLY B 161 30.21 -12.82 -16.43
C GLY B 161 30.13 -14.28 -16.82
N LEU B 162 30.09 -15.15 -15.82
CA LEU B 162 30.06 -16.59 -16.04
C LEU B 162 28.64 -17.13 -16.19
N THR B 163 27.65 -16.25 -16.11
CA THR B 163 26.25 -16.65 -16.22
C THR B 163 25.87 -17.02 -17.66
N LYS B 164 25.28 -18.20 -17.82
CA LYS B 164 24.83 -18.68 -19.12
C LYS B 164 23.31 -18.87 -19.13
N VAL B 165 22.74 -19.01 -20.32
CA VAL B 165 21.30 -19.20 -20.45
C VAL B 165 20.96 -20.66 -20.75
N LEU B 166 20.06 -21.22 -19.96
CA LEU B 166 19.63 -22.61 -20.11
C LEU B 166 18.82 -22.83 -21.37
N PRO B 167 19.01 -24.00 -22.01
CA PRO B 167 18.18 -24.36 -23.15
C PRO B 167 16.73 -24.57 -22.72
N GLN B 168 15.81 -24.58 -23.67
CA GLN B 168 14.39 -24.77 -23.36
C GLN B 168 14.10 -26.19 -22.92
N ASP B 169 14.85 -27.14 -23.48
CA ASP B 169 14.67 -28.55 -23.14
C ASP B 169 15.68 -29.01 -22.09
N LYS B 170 16.97 -28.81 -22.36
CA LYS B 170 18.03 -29.22 -21.45
C LYS B 170 18.03 -28.39 -20.17
N GLU B 171 18.31 -29.04 -19.04
CA GLU B 171 18.33 -28.37 -17.75
C GLU B 171 19.76 -28.05 -17.31
N LYS B 174 26.27 -27.23 -20.69
CA LYS B 174 27.59 -27.85 -20.73
C LYS B 174 28.55 -27.04 -21.61
N VAL B 175 29.70 -26.67 -21.05
CA VAL B 175 30.73 -25.96 -21.80
C VAL B 175 31.94 -26.87 -21.98
N LYS B 176 32.17 -27.34 -23.20
CA LYS B 176 33.24 -28.31 -23.45
C LYS B 176 34.60 -27.62 -23.50
N GLU B 177 34.60 -26.28 -23.58
CA GLU B 177 35.85 -25.51 -23.60
C GLU B 177 35.93 -24.48 -22.47
N PRO B 178 36.22 -24.95 -21.25
CA PRO B 178 36.32 -24.09 -20.05
C PRO B 178 37.67 -23.38 -19.95
N GLY B 179 37.68 -22.23 -19.29
CA GLY B 179 38.90 -21.52 -18.99
C GLY B 179 39.16 -21.61 -17.50
N GLU B 180 40.00 -20.73 -16.97
CA GLU B 180 40.26 -20.67 -15.53
C GLU B 180 38.97 -20.52 -14.73
N SER B 181 38.83 -21.32 -13.68
CA SER B 181 37.57 -21.37 -12.94
C SER B 181 37.79 -21.60 -11.43
N PRO B 182 36.85 -21.10 -10.60
CA PRO B 182 36.87 -21.35 -9.16
C PRO B 182 36.42 -22.78 -8.86
N ILE B 183 37.34 -23.72 -9.02
CA ILE B 183 37.02 -25.15 -8.96
C ILE B 183 36.56 -25.66 -7.59
N PHE B 184 36.77 -24.88 -6.54
CA PHE B 184 36.38 -25.28 -5.19
C PHE B 184 34.90 -25.01 -4.93
N TRP B 185 34.36 -24.03 -5.65
CA TRP B 185 32.95 -23.69 -5.54
C TRP B 185 32.11 -24.48 -6.53
N TYR B 186 32.76 -25.32 -7.34
CA TYR B 186 32.06 -26.11 -8.35
C TYR B 186 31.52 -27.43 -7.80
N ALA B 187 30.42 -27.86 -8.38
CA ALA B 187 29.83 -29.17 -8.06
C ALA B 187 30.68 -30.25 -8.72
N PRO B 188 30.59 -31.50 -8.22
CA PRO B 188 31.31 -32.62 -8.83
C PRO B 188 30.96 -32.82 -10.30
N GLU B 189 29.69 -32.59 -10.65
CA GLU B 189 29.25 -32.73 -12.04
C GLU B 189 29.84 -31.66 -12.94
N SER B 190 30.20 -30.52 -12.36
CA SER B 190 30.79 -29.42 -13.11
C SER B 190 32.30 -29.59 -13.25
N LEU B 191 32.87 -30.46 -12.42
CA LEU B 191 34.29 -30.73 -12.43
C LEU B 191 34.64 -31.85 -13.40
N THR B 192 33.74 -32.81 -13.54
CA THR B 192 33.98 -33.99 -14.38
C THR B 192 33.56 -33.77 -15.83
N GLU B 193 32.29 -33.50 -16.05
CA GLU B 193 31.76 -33.34 -17.40
C GLU B 193 31.64 -31.86 -17.76
N SER B 194 32.01 -30.99 -16.82
CA SER B 194 31.88 -29.55 -16.98
C SER B 194 30.45 -29.14 -17.28
N LYS B 195 29.51 -29.78 -16.59
CA LYS B 195 28.09 -29.49 -16.75
C LYS B 195 27.57 -28.65 -15.59
N PHE B 196 26.99 -27.51 -15.91
CA PHE B 196 26.53 -26.58 -14.89
C PHE B 196 25.02 -26.55 -14.85
N SER B 197 24.46 -27.02 -13.74
CA SER B 197 23.03 -27.02 -13.54
C SER B 197 22.65 -25.99 -12.49
N VAL B 198 21.37 -25.98 -12.10
CA VAL B 198 20.91 -25.15 -11.00
C VAL B 198 21.43 -25.74 -9.69
N ALA B 199 21.66 -27.06 -9.70
CA ALA B 199 22.21 -27.76 -8.55
C ALA B 199 23.69 -27.43 -8.40
N SER B 200 24.31 -27.01 -9.49
CA SER B 200 25.70 -26.58 -9.47
C SER B 200 25.84 -25.25 -8.71
N ASP B 201 24.73 -24.53 -8.61
CA ASP B 201 24.68 -23.31 -7.81
C ASP B 201 24.31 -23.62 -6.36
N VAL B 202 23.56 -24.71 -6.17
CA VAL B 202 23.23 -25.18 -4.84
C VAL B 202 24.48 -25.66 -4.10
N TRP B 203 25.35 -26.36 -4.83
CA TRP B 203 26.64 -26.76 -4.28
C TRP B 203 27.46 -25.53 -3.95
N SER B 204 27.53 -24.61 -4.91
CA SER B 204 28.27 -23.35 -4.74
C SER B 204 27.72 -22.59 -3.54
N PHE B 205 26.41 -22.59 -3.40
CA PHE B 205 25.75 -21.96 -2.26
C PHE B 205 26.15 -22.61 -0.93
N GLY B 206 26.39 -23.92 -0.97
CA GLY B 206 26.87 -24.63 0.20
C GLY B 206 28.22 -24.10 0.64
N VAL B 207 29.09 -23.86 -0.34
CA VAL B 207 30.42 -23.32 -0.09
C VAL B 207 30.36 -21.85 0.30
N VAL B 208 29.43 -21.10 -0.29
CA VAL B 208 29.23 -19.71 0.09
C VAL B 208 28.72 -19.66 1.51
N LEU B 209 27.80 -20.57 1.84
CA LEU B 209 27.28 -20.71 3.20
C LEU B 209 28.42 -21.07 4.14
N TYR B 210 29.38 -21.84 3.62
CA TYR B 210 30.56 -22.19 4.38
C TYR B 210 31.41 -20.95 4.65
N GLU B 211 31.64 -20.16 3.60
CA GLU B 211 32.43 -18.94 3.69
C GLU B 211 31.87 -17.95 4.71
N LEU B 212 30.54 -17.89 4.80
CA LEU B 212 29.88 -16.94 5.70
C LEU B 212 30.16 -17.27 7.15
N PHE B 213 29.94 -18.54 7.52
CA PHE B 213 30.08 -18.95 8.91
C PHE B 213 31.53 -19.22 9.33
N THR B 214 32.47 -19.10 8.40
CA THR B 214 33.88 -19.21 8.74
C THR B 214 34.60 -17.86 8.61
N TYR B 215 34.04 -16.97 7.80
CA TYR B 215 34.70 -15.72 7.38
C TYR B 215 36.14 -15.96 6.89
N LYS B 218 37.07 -18.54 11.74
CA LYS B 218 38.18 -17.62 11.89
C LYS B 218 38.68 -17.12 10.54
N SER B 219 39.76 -17.72 10.04
CA SER B 219 40.34 -17.32 8.76
C SER B 219 40.68 -18.52 7.88
N LYS B 220 39.76 -19.48 7.75
CA LYS B 220 40.01 -20.62 6.85
C LYS B 220 39.01 -20.64 5.70
N SER B 221 39.57 -20.44 4.51
CA SER B 221 38.82 -20.37 3.26
C SER B 221 38.75 -21.72 2.56
N PRO B 222 37.68 -21.96 1.79
CA PRO B 222 37.51 -23.17 0.98
C PRO B 222 38.74 -23.60 0.14
N PRO B 223 39.50 -22.65 -0.44
CA PRO B 223 40.72 -23.12 -1.10
C PRO B 223 41.72 -23.72 -0.11
N VAL B 224 42.01 -22.99 0.97
CA VAL B 224 42.98 -23.45 1.96
C VAL B 224 42.56 -24.76 2.62
N GLU B 225 41.25 -24.95 2.76
CA GLU B 225 40.71 -26.15 3.39
C GLU B 225 40.75 -27.37 2.48
N PHE B 226 40.35 -27.18 1.23
CA PHE B 226 40.37 -28.28 0.26
C PHE B 226 41.79 -28.73 -0.04
N MET B 227 42.71 -27.77 -0.16
CA MET B 227 44.11 -28.08 -0.39
C MET B 227 44.73 -28.80 0.80
N ARG B 228 44.28 -28.46 1.99
CA ARG B 228 44.79 -29.08 3.21
C ARG B 228 44.45 -30.57 3.23
N MET B 229 43.33 -30.91 2.61
CA MET B 229 42.85 -32.28 2.58
C MET B 229 43.50 -33.12 1.48
N ILE B 230 43.68 -32.51 0.30
CA ILE B 230 44.31 -33.21 -0.82
C ILE B 230 45.83 -33.08 -0.73
N GLY B 231 46.29 -32.35 0.28
CA GLY B 231 47.71 -32.15 0.50
C GLY B 231 48.21 -30.88 -0.15
N ASN B 232 48.90 -30.05 0.63
CA ASN B 232 49.47 -28.82 0.10
C ASN B 232 50.78 -29.11 -0.63
N ASP B 233 50.69 -29.97 -1.64
CA ASP B 233 51.83 -30.33 -2.47
C ASP B 233 51.35 -30.63 -3.89
N LYS B 234 50.14 -31.18 -4.01
CA LYS B 234 49.56 -31.48 -5.31
C LYS B 234 49.28 -30.21 -6.10
N GLN B 235 49.99 -30.02 -7.20
CA GLN B 235 49.81 -28.83 -8.02
C GLN B 235 49.61 -29.12 -9.51
N GLY B 236 49.35 -28.06 -10.28
CA GLY B 236 49.07 -28.18 -11.70
C GLY B 236 47.61 -28.47 -11.98
N GLN B 237 47.32 -28.94 -13.18
CA GLN B 237 45.96 -29.31 -13.54
C GLN B 237 45.54 -30.56 -12.78
N MET B 238 46.53 -31.29 -12.29
CA MET B 238 46.32 -32.53 -11.55
C MET B 238 45.55 -32.37 -10.24
N ILE B 239 45.38 -31.12 -9.81
CA ILE B 239 44.60 -30.82 -8.60
C ILE B 239 43.14 -31.19 -8.81
N VAL B 240 42.62 -30.86 -9.99
CA VAL B 240 41.23 -31.12 -10.33
C VAL B 240 40.90 -32.60 -10.17
N PHE B 241 41.83 -33.45 -10.57
CA PHE B 241 41.68 -34.89 -10.44
C PHE B 241 41.61 -35.31 -8.97
N HIS B 242 42.59 -34.86 -8.19
CA HIS B 242 42.66 -35.19 -6.77
C HIS B 242 41.42 -34.71 -6.02
N LEU B 243 40.92 -33.55 -6.40
CA LEU B 243 39.72 -32.97 -5.79
C LEU B 243 38.48 -33.83 -6.00
N ILE B 244 38.31 -34.31 -7.24
CA ILE B 244 37.16 -35.14 -7.57
C ILE B 244 37.17 -36.42 -6.75
N GLU B 245 38.35 -37.00 -6.58
CA GLU B 245 38.52 -38.20 -5.76
C GLU B 245 38.10 -37.96 -4.31
N LEU B 246 38.37 -36.76 -3.82
CA LEU B 246 38.04 -36.39 -2.45
C LEU B 246 36.53 -36.25 -2.25
N LEU B 247 35.86 -35.72 -3.28
CA LEU B 247 34.42 -35.52 -3.21
C LEU B 247 33.67 -36.82 -3.46
N LYS B 248 34.27 -37.71 -4.25
CA LYS B 248 33.70 -39.01 -4.55
C LYS B 248 33.75 -39.92 -3.32
N SER B 249 34.71 -39.66 -2.44
CA SER B 249 34.85 -40.43 -1.21
C SER B 249 34.06 -39.80 -0.06
N ASN B 250 33.11 -38.94 -0.40
CA ASN B 250 32.23 -38.29 0.57
C ASN B 250 32.95 -37.43 1.62
N GLY B 251 34.05 -36.81 1.20
CA GLY B 251 34.75 -35.85 2.04
C GLY B 251 34.40 -34.43 1.65
N ARG B 252 34.11 -33.59 2.64
CA ARG B 252 33.75 -32.21 2.39
C ARG B 252 34.47 -31.26 3.34
N LEU B 253 34.25 -29.96 3.16
CA LEU B 253 34.82 -28.96 4.04
C LEU B 253 34.26 -29.17 5.44
N PRO B 254 35.15 -29.20 6.44
CA PRO B 254 34.75 -29.49 7.83
C PRO B 254 33.78 -28.44 8.39
N ARG B 255 33.20 -28.73 9.55
CA ARG B 255 32.30 -27.80 10.21
C ARG B 255 33.00 -26.49 10.55
N PRO B 256 32.36 -25.36 10.18
CA PRO B 256 32.86 -24.02 10.52
C PRO B 256 32.96 -23.83 12.02
N GLU B 257 33.98 -23.10 12.46
CA GLU B 257 34.19 -22.86 13.88
C GLU B 257 33.02 -22.11 14.50
N GLY B 258 32.34 -22.76 15.43
CA GLY B 258 31.19 -22.17 16.09
C GLY B 258 30.02 -22.01 15.14
N CYS B 259 29.64 -23.10 14.48
CA CYS B 259 28.54 -23.07 13.53
C CYS B 259 27.37 -23.94 14.01
N PRO B 260 26.15 -23.40 13.94
CA PRO B 260 24.94 -24.13 14.31
C PRO B 260 24.79 -25.44 13.53
N ASP B 261 24.16 -26.43 14.14
CA ASP B 261 24.08 -27.77 13.58
C ASP B 261 23.22 -27.86 12.33
N GLU B 262 22.05 -27.24 12.35
CA GLU B 262 21.13 -27.28 11.22
C GLU B 262 21.70 -26.57 9.99
N ILE B 263 22.59 -25.62 10.22
CA ILE B 263 23.21 -24.88 9.14
C ILE B 263 24.22 -25.77 8.44
N TYR B 264 24.99 -26.51 9.24
CA TYR B 264 25.96 -27.45 8.70
C TYR B 264 25.24 -28.58 7.98
N VAL B 265 24.04 -28.90 8.44
CA VAL B 265 23.20 -29.89 7.77
C VAL B 265 22.84 -29.41 6.37
N ILE B 266 22.47 -28.13 6.26
CA ILE B 266 22.14 -27.54 4.96
C ILE B 266 23.33 -27.61 4.01
N MET B 267 24.51 -27.32 4.54
CA MET B 267 25.74 -27.35 3.75
C MET B 267 25.97 -28.74 3.17
N THR B 268 25.88 -29.75 4.02
CA THR B 268 26.14 -31.13 3.62
C THR B 268 25.07 -31.67 2.67
N GLU B 269 23.88 -31.08 2.72
CA GLU B 269 22.80 -31.46 1.81
C GLU B 269 22.94 -30.74 0.47
N CYS B 270 23.56 -29.56 0.49
CA CYS B 270 23.88 -28.85 -0.74
C CYS B 270 25.13 -29.48 -1.33
N TRP B 271 25.93 -30.09 -0.47
CA TRP B 271 27.14 -30.78 -0.88
C TRP B 271 26.86 -32.26 -1.13
N ASN B 272 25.59 -32.59 -1.33
CA ASN B 272 25.20 -33.95 -1.65
C ASN B 272 25.64 -34.32 -3.06
N ASN B 273 26.15 -35.54 -3.23
CA ASN B 273 26.66 -36.00 -4.51
C ASN B 273 25.58 -36.05 -5.59
N ASN B 274 24.45 -36.68 -5.26
CA ASN B 274 23.34 -36.79 -6.19
C ASN B 274 22.71 -35.44 -6.49
N VAL B 275 22.46 -35.19 -7.78
CA VAL B 275 21.87 -33.93 -8.23
C VAL B 275 20.46 -33.81 -7.67
N SER B 276 19.74 -34.92 -7.67
CA SER B 276 18.36 -34.96 -7.21
C SER B 276 18.21 -34.66 -5.72
N GLN B 277 19.13 -35.19 -4.91
CA GLN B 277 19.05 -35.02 -3.46
C GLN B 277 19.44 -33.63 -2.97
N ARG B 278 19.97 -32.80 -3.86
CA ARG B 278 20.26 -31.42 -3.51
C ARG B 278 18.96 -30.61 -3.48
N PRO B 279 18.64 -30.04 -2.30
CA PRO B 279 17.41 -29.28 -2.08
C PRO B 279 17.35 -28.00 -2.91
N SER B 280 16.16 -27.66 -3.39
CA SER B 280 15.96 -26.45 -4.18
C SER B 280 16.08 -25.19 -3.34
N PHE B 281 16.24 -24.05 -4.01
CA PHE B 281 16.35 -22.76 -3.35
C PHE B 281 15.05 -22.39 -2.67
N ARG B 282 13.97 -23.06 -3.08
CA ARG B 282 12.68 -22.90 -2.43
C ARG B 282 12.74 -23.46 -1.01
N ASP B 283 13.23 -24.70 -0.91
CA ASP B 283 13.34 -25.38 0.38
C ASP B 283 14.39 -24.76 1.28
N LEU B 284 15.45 -24.23 0.66
CA LEU B 284 16.52 -23.60 1.40
C LEU B 284 16.03 -22.30 2.05
N SER B 285 15.45 -21.43 1.23
CA SER B 285 14.96 -20.14 1.69
C SER B 285 13.90 -20.27 2.78
N LEU B 286 13.15 -21.36 2.75
CA LEU B 286 12.16 -21.63 3.79
C LEU B 286 12.82 -21.96 5.12
N ARG B 287 13.82 -22.85 5.10
CA ARG B 287 14.52 -23.24 6.31
C ARG B 287 15.28 -22.07 6.94
N VAL B 288 15.88 -21.24 6.10
CA VAL B 288 16.63 -20.09 6.56
C VAL B 288 15.75 -19.13 7.38
N ASP B 289 14.62 -18.74 6.80
CA ASP B 289 13.69 -17.84 7.46
C ASP B 289 13.06 -18.52 8.67
N GLN B 290 13.02 -19.85 8.64
CA GLN B 290 12.47 -20.63 9.74
C GLN B 290 13.38 -20.53 10.96
N ILE B 291 14.68 -20.51 10.72
CA ILE B 291 15.67 -20.40 11.78
C ILE B 291 15.90 -18.94 12.17
N ARG B 292 15.61 -18.03 11.24
CA ARG B 292 15.78 -16.60 11.50
C ARG B 292 14.84 -16.09 12.58
N ASP B 293 13.55 -16.38 12.43
CA ASP B 293 12.55 -15.92 13.38
C ASP B 293 12.50 -16.80 14.64
N SER B 294 13.08 -17.99 14.54
CA SER B 294 13.14 -18.89 15.67
C SER B 294 14.14 -18.39 16.71
N ILE B 295 15.22 -17.78 16.22
CA ILE B 295 16.25 -17.22 17.08
C ILE B 295 15.99 -15.75 17.37
N VAL C 6 7.94 47.50 -11.82
CA VAL C 6 7.98 48.12 -10.50
C VAL C 6 9.18 49.06 -10.36
N GLU C 7 8.97 50.16 -9.65
CA GLU C 7 10.01 51.13 -9.39
C GLU C 7 10.13 51.42 -7.89
N SER C 9 11.76 52.98 -4.71
CA SER C 9 12.62 54.10 -4.31
C SER C 9 12.60 54.31 -2.80
N THR C 10 13.41 55.25 -2.32
CA THR C 10 13.48 55.55 -0.90
C THR C 10 13.19 57.02 -0.61
N VAL C 11 12.74 57.30 0.62
CA VAL C 11 12.36 58.66 1.01
C VAL C 11 13.48 59.42 1.73
N VAL C 12 13.75 60.64 1.26
CA VAL C 12 14.75 61.51 1.86
C VAL C 12 14.08 62.63 2.64
N HIS C 13 14.58 62.89 3.85
CA HIS C 13 14.00 63.93 4.70
C HIS C 13 14.81 65.22 4.65
N GLN D 8 40.89 10.99 15.26
CA GLN D 8 39.67 11.72 14.94
C GLN D 8 39.54 11.89 13.42
N PHE D 9 39.66 13.11 12.94
CA PHE D 9 39.53 13.39 11.51
C PHE D 9 40.43 14.52 11.02
N GLU D 10 40.93 14.37 9.80
CA GLU D 10 41.71 15.41 9.15
C GLU D 10 41.20 15.59 7.72
N GLU D 11 40.87 16.83 7.38
CA GLU D 11 40.20 17.13 6.11
C GLU D 11 41.03 16.87 4.86
N ARG D 12 42.34 16.69 5.02
CA ARG D 12 43.22 16.46 3.88
C ARG D 12 43.03 15.07 3.27
N HIS D 13 42.40 14.16 4.03
CA HIS D 13 42.19 12.80 3.57
C HIS D 13 40.80 12.63 2.95
N LEU D 14 39.94 13.61 3.17
CA LEU D 14 38.57 13.57 2.65
C LEU D 14 38.57 13.66 1.13
N LYS D 15 38.16 12.57 0.48
CA LYS D 15 38.13 12.52 -0.97
C LYS D 15 36.71 12.83 -1.45
N PHE D 16 36.59 13.89 -2.25
CA PHE D 16 35.28 14.33 -2.75
C PHE D 16 34.72 13.34 -3.76
N LEU D 17 33.58 12.75 -3.43
CA LEU D 17 32.95 11.76 -4.29
C LEU D 17 31.86 12.39 -5.15
N GLN D 18 30.90 13.04 -4.50
CA GLN D 18 29.80 13.70 -5.19
C GLN D 18 29.13 14.67 -4.22
N GLN D 19 28.23 15.50 -4.73
CA GLN D 19 27.45 16.38 -3.87
C GLN D 19 26.08 15.77 -3.57
N LEU D 20 25.70 15.78 -2.30
CA LEU D 20 24.45 15.20 -1.86
C LEU D 20 23.26 16.16 -2.01
N GLY D 21 23.23 17.19 -1.18
CA GLY D 21 22.16 18.18 -1.21
C GLY D 21 22.52 19.43 -0.41
N LYS D 22 21.59 20.38 -0.35
CA LYS D 22 21.82 21.59 0.43
C LYS D 22 20.64 21.89 1.37
N GLY D 23 20.96 22.30 2.59
CA GLY D 23 19.94 22.63 3.57
C GLY D 23 20.41 23.69 4.54
N ASN D 24 19.48 24.55 4.98
CA ASN D 24 19.79 25.68 5.85
C ASN D 24 20.85 26.61 5.28
N PHE D 25 21.94 26.79 6.04
CA PHE D 25 23.03 27.68 5.62
C PHE D 25 24.28 26.92 5.21
N GLY D 26 24.12 25.63 4.89
CA GLY D 26 25.27 24.80 4.57
C GLY D 26 25.10 23.92 3.34
N SER D 27 26.19 23.28 2.93
CA SER D 27 26.18 22.38 1.78
C SER D 27 26.61 20.97 2.19
N VAL D 28 25.84 19.98 1.77
CA VAL D 28 26.12 18.59 2.11
C VAL D 28 26.76 17.84 0.94
N GLU D 29 27.94 17.26 1.19
CA GLU D 29 28.68 16.58 0.14
C GLU D 29 29.04 15.14 0.52
N MET D 30 28.98 14.24 -0.45
CA MET D 30 29.42 12.86 -0.26
C MET D 30 30.92 12.75 -0.41
N CYS D 31 31.61 12.45 0.69
CA CYS D 31 33.06 12.30 0.65
C CYS D 31 33.47 10.93 1.19
N ARG D 32 34.76 10.62 1.10
CA ARG D 32 35.27 9.37 1.66
C ARG D 32 36.58 9.57 2.38
N TYR D 33 36.54 9.46 3.71
CA TYR D 33 37.73 9.61 4.53
C TYR D 33 38.55 8.32 4.48
N ASP D 34 39.73 8.41 3.89
CA ASP D 34 40.60 7.26 3.76
C ASP D 34 42.04 7.63 4.10
N PRO D 35 42.46 7.33 5.35
CA PRO D 35 43.80 7.62 5.85
C PRO D 35 44.88 6.90 5.05
N LEU D 36 44.53 5.78 4.42
CA LEU D 36 45.51 4.99 3.67
C LEU D 36 45.74 5.55 2.28
N GLN D 37 44.75 6.29 1.76
CA GLN D 37 44.79 6.83 0.41
C GLN D 37 44.95 5.72 -0.65
N ASP D 38 44.56 4.50 -0.28
CA ASP D 38 44.60 3.37 -1.19
C ASP D 38 43.20 3.12 -1.73
N ASN D 39 42.29 4.00 -1.34
CA ASN D 39 40.90 3.99 -1.81
C ASN D 39 40.12 2.73 -1.42
N THR D 40 40.16 2.41 -0.13
CA THR D 40 39.38 1.30 0.42
C THR D 40 38.58 1.76 1.65
N GLY D 41 38.65 3.05 1.95
CA GLY D 41 37.99 3.62 3.12
C GLY D 41 36.47 3.64 3.09
N GLU D 42 35.88 3.95 4.24
CA GLU D 42 34.43 4.04 4.38
C GLU D 42 33.88 5.38 3.91
N VAL D 43 32.70 5.36 3.29
CA VAL D 43 32.05 6.57 2.80
C VAL D 43 31.30 7.29 3.92
N VAL D 44 31.49 8.61 4.01
CA VAL D 44 30.78 9.42 5.00
C VAL D 44 30.20 10.69 4.38
N ALA D 45 29.12 11.20 4.97
CA ALA D 45 28.49 12.43 4.51
C ALA D 45 29.14 13.64 5.16
N VAL D 46 29.33 14.70 4.39
CA VAL D 46 29.99 15.91 4.89
C VAL D 46 29.16 17.17 4.65
N LYS D 47 28.89 17.91 5.71
CA LYS D 47 28.15 19.16 5.62
C LYS D 47 29.08 20.34 5.95
N LYS D 48 29.18 21.28 5.02
CA LYS D 48 30.07 22.43 5.21
C LYS D 48 29.35 23.76 5.02
N LEU D 49 29.95 24.82 5.56
CA LEU D 49 29.42 26.17 5.38
C LEU D 49 30.02 26.81 4.12
N GLN D 50 29.15 27.29 3.24
CA GLN D 50 29.57 27.92 2.00
C GLN D 50 30.24 29.27 2.24
N HIS D 51 29.53 30.16 2.93
CA HIS D 51 30.07 31.46 3.29
C HIS D 51 30.25 31.57 4.80
N SER D 52 31.50 31.75 5.24
CA SER D 52 31.81 31.74 6.67
C SER D 52 31.56 33.10 7.33
N THR D 53 30.51 33.16 8.14
CA THR D 53 30.20 34.35 8.91
C THR D 53 29.94 34.00 10.37
N GLU D 54 29.98 35.00 11.25
CA GLU D 54 29.80 34.79 12.68
C GLU D 54 28.38 34.35 13.03
N GLU D 55 27.42 34.77 12.21
CA GLU D 55 26.01 34.43 12.43
C GLU D 55 25.72 33.00 12.00
N HIS D 56 26.71 32.37 11.36
CA HIS D 56 26.58 31.00 10.87
C HIS D 56 27.38 30.01 11.72
N LEU D 57 28.65 30.31 11.92
CA LEU D 57 29.57 29.43 12.65
C LEU D 57 29.11 29.14 14.08
N ARG D 58 28.41 30.10 14.68
CA ARG D 58 27.90 29.95 16.04
C ARG D 58 26.74 28.98 16.10
N ASP D 59 25.78 29.15 15.18
CA ASP D 59 24.58 28.33 15.15
C ASP D 59 24.87 26.93 14.61
N PHE D 60 25.82 26.84 13.68
CA PHE D 60 26.19 25.56 13.08
C PHE D 60 26.93 24.67 14.09
N GLU D 61 27.77 25.29 14.89
CA GLU D 61 28.51 24.55 15.91
C GLU D 61 27.58 24.12 17.05
N ARG D 62 26.58 24.95 17.31
CA ARG D 62 25.54 24.64 18.30
C ARG D 62 24.77 23.40 17.84
N GLU D 63 24.55 23.32 16.52
CA GLU D 63 23.88 22.19 15.90
C GLU D 63 24.64 20.89 16.15
N ILE D 64 25.96 20.97 16.04
CA ILE D 64 26.82 19.82 16.25
C ILE D 64 26.77 19.33 17.70
N GLU D 65 26.80 20.27 18.64
CA GLU D 65 26.75 19.94 20.06
C GLU D 65 25.43 19.28 20.43
N ILE D 66 24.38 19.59 19.68
CA ILE D 66 23.09 18.97 19.86
C ILE D 66 23.11 17.54 19.32
N LEU D 67 23.57 17.40 18.08
CA LEU D 67 23.66 16.10 17.43
C LEU D 67 24.62 15.17 18.15
N LYS D 68 25.66 15.73 18.74
CA LYS D 68 26.64 14.97 19.50
C LYS D 68 25.99 14.27 20.69
N SER D 69 25.05 14.96 21.32
CA SER D 69 24.37 14.43 22.49
C SER D 69 23.19 13.54 22.10
N LEU D 70 22.91 13.45 20.80
CA LEU D 70 21.80 12.64 20.31
C LEU D 70 22.29 11.30 19.78
N GLN D 71 22.00 10.24 20.53
CA GLN D 71 22.37 8.89 20.14
C GLN D 71 21.14 7.99 20.16
N HIS D 72 20.60 7.70 18.99
CA HIS D 72 19.35 6.95 18.89
C HIS D 72 19.27 6.21 17.56
N ASP D 73 18.47 5.15 17.53
CA ASP D 73 18.28 4.36 16.31
C ASP D 73 17.56 5.17 15.23
N ASN D 74 16.71 6.10 15.64
CA ASN D 74 15.92 6.90 14.73
C ASN D 74 16.49 8.31 14.55
N ILE D 75 17.65 8.56 15.13
CA ILE D 75 18.38 9.81 14.92
C ILE D 75 19.69 9.51 14.21
N VAL D 76 20.00 10.29 13.17
CA VAL D 76 21.22 10.11 12.38
C VAL D 76 22.48 10.09 13.27
N LYS D 77 23.39 9.18 12.97
CA LYS D 77 24.56 8.97 13.81
C LYS D 77 25.66 10.00 13.55
N TYR D 78 26.09 10.67 14.62
CA TYR D 78 27.17 11.66 14.55
C TYR D 78 28.53 10.97 14.43
N LYS D 79 29.33 11.42 13.47
CA LYS D 79 30.66 10.84 13.25
C LYS D 79 31.77 11.65 13.93
N GLY D 80 32.08 12.82 13.37
CA GLY D 80 33.14 13.67 13.89
C GLY D 80 33.18 15.05 13.24
N VAL D 81 34.26 15.79 13.48
CA VAL D 81 34.41 17.15 12.96
C VAL D 81 35.84 17.48 12.51
N CYS D 82 35.95 18.49 11.65
CA CYS D 82 37.24 19.03 11.23
C CYS D 82 37.07 20.45 10.70
N TYR D 83 38.10 21.28 10.84
CA TYR D 83 38.01 22.68 10.43
C TYR D 83 38.79 22.93 9.14
N SER D 84 38.36 23.94 8.39
CA SER D 84 39.06 24.33 7.16
C SER D 84 39.62 25.74 7.29
N ASN D 89 36.09 28.21 8.68
CA ASN D 89 35.27 27.32 7.85
C ASN D 89 35.12 25.94 8.48
N LEU D 90 34.01 25.73 9.18
CA LEU D 90 33.76 24.46 9.87
C LEU D 90 33.22 23.39 8.93
N ARG D 91 33.28 22.14 9.38
CA ARG D 91 32.79 21.01 8.60
C ARG D 91 32.31 19.87 9.50
N LEU D 92 31.14 19.31 9.17
CA LEU D 92 30.53 18.26 9.97
C LEU D 92 30.58 16.90 9.26
N ILE D 93 30.99 15.86 9.99
CA ILE D 93 31.06 14.52 9.44
C ILE D 93 29.93 13.65 9.99
N MET D 94 29.19 13.01 9.09
CA MET D 94 28.09 12.13 9.49
C MET D 94 28.07 10.86 8.64
N GLU D 95 27.25 9.90 9.05
CA GLU D 95 27.11 8.63 8.31
C GLU D 95 26.46 8.85 6.96
N TYR D 96 26.73 7.96 6.03
CA TYR D 96 26.14 8.04 4.69
C TYR D 96 24.91 7.17 4.57
N LEU D 97 23.77 7.80 4.33
CA LEU D 97 22.51 7.08 4.11
C LEU D 97 22.13 7.17 2.64
N PRO D 98 22.26 6.04 1.92
CA PRO D 98 22.16 5.98 0.46
C PRO D 98 20.82 6.43 -0.10
N TYR D 99 19.73 6.03 0.56
CA TYR D 99 18.39 6.31 0.06
C TYR D 99 18.00 7.78 0.18
N GLY D 100 18.83 8.55 0.86
CA GLY D 100 18.64 10.00 0.91
C GLY D 100 17.49 10.43 1.82
N SER D 101 16.84 11.52 1.43
CA SER D 101 15.74 12.06 2.22
C SER D 101 14.49 11.22 2.04
N LEU D 102 13.69 11.12 3.10
CA LEU D 102 12.44 10.38 3.05
C LEU D 102 11.49 11.01 2.03
N ARG D 103 11.59 12.32 1.88
CA ARG D 103 10.75 13.06 0.93
C ARG D 103 10.97 12.58 -0.50
N ASP D 104 12.23 12.59 -0.94
CA ASP D 104 12.58 12.16 -2.30
C ASP D 104 12.38 10.65 -2.46
N TYR D 105 12.57 9.92 -1.37
CA TYR D 105 12.44 8.46 -1.40
C TYR D 105 10.99 8.04 -1.52
N LEU D 106 10.09 8.80 -0.90
CA LEU D 106 8.67 8.48 -0.92
C LEU D 106 8.09 8.72 -2.32
N GLN D 107 8.70 9.62 -3.07
CA GLN D 107 8.25 9.96 -4.42
C GLN D 107 8.76 8.94 -5.44
N LYS D 108 9.99 8.46 -5.22
CA LYS D 108 10.61 7.49 -6.13
C LYS D 108 9.86 6.17 -6.11
N HIS D 109 9.70 5.60 -4.92
CA HIS D 109 9.06 4.30 -4.78
C HIS D 109 7.68 4.45 -4.14
N LYS D 110 6.72 4.87 -4.96
CA LYS D 110 5.36 5.06 -4.49
C LYS D 110 4.67 3.72 -4.33
N GLU D 111 4.79 2.86 -5.33
CA GLU D 111 4.07 1.59 -5.32
C GLU D 111 4.62 0.57 -4.32
N ARG D 112 5.93 0.57 -4.06
CA ARG D 112 6.51 -0.40 -3.12
C ARG D 112 6.31 0.02 -1.66
N ILE D 113 5.67 1.17 -1.45
CA ILE D 113 5.37 1.65 -0.10
C ILE D 113 3.87 1.72 0.15
N ASP D 114 3.40 1.02 1.19
CA ASP D 114 1.97 0.93 1.47
C ASP D 114 1.55 1.71 2.72
N HIS D 115 0.31 1.53 3.13
CA HIS D 115 -0.22 2.18 4.32
C HIS D 115 0.50 1.70 5.58
N LYS D 116 0.61 0.38 5.70
CA LYS D 116 1.26 -0.23 6.86
C LYS D 116 2.75 0.15 6.91
N LYS D 117 3.31 0.41 5.73
CA LYS D 117 4.70 0.86 5.62
C LYS D 117 4.83 2.30 6.08
N LEU D 118 3.89 3.13 5.68
CA LEU D 118 3.86 4.53 6.07
C LEU D 118 3.67 4.66 7.57
N LEU D 119 2.89 3.73 8.14
CA LEU D 119 2.67 3.68 9.58
C LEU D 119 3.94 3.25 10.32
N GLN D 120 4.76 2.43 9.66
CA GLN D 120 6.00 1.95 10.25
C GLN D 120 6.98 3.09 10.44
N TYR D 121 7.06 3.96 9.44
CA TYR D 121 7.91 5.14 9.51
C TYR D 121 7.43 6.06 10.62
N THR D 122 6.12 6.25 10.68
CA THR D 122 5.48 7.13 11.65
C THR D 122 5.84 6.79 13.10
N SER D 123 5.83 5.50 13.42
CA SER D 123 6.17 5.06 14.77
C SER D 123 7.62 5.37 15.12
N GLN D 124 8.49 5.31 14.11
CA GLN D 124 9.91 5.58 14.29
C GLN D 124 10.17 7.05 14.54
N ILE D 125 9.47 7.91 13.81
CA ILE D 125 9.60 9.36 13.97
C ILE D 125 9.17 9.77 15.36
N CYS D 126 8.10 9.14 15.84
CA CYS D 126 7.58 9.39 17.17
C CYS D 126 8.61 9.00 18.24
N LYS D 127 9.12 7.78 18.14
CA LYS D 127 10.13 7.30 19.06
C LYS D 127 11.38 8.15 19.05
N GLY D 128 11.66 8.77 17.90
CA GLY D 128 12.77 9.70 17.80
C GLY D 128 12.44 11.03 18.44
N MET D 129 11.18 11.45 18.31
CA MET D 129 10.72 12.71 18.88
C MET D 129 10.54 12.62 20.40
N GLU D 130 10.28 11.41 20.89
CA GLU D 130 10.20 11.19 22.32
C GLU D 130 11.58 11.33 22.94
N TYR D 131 12.58 10.77 22.28
CA TYR D 131 13.97 10.88 22.72
C TYR D 131 14.46 12.32 22.62
N LEU D 132 13.95 13.05 21.63
CA LEU D 132 14.31 14.44 21.43
C LEU D 132 13.68 15.33 22.50
N GLY D 133 12.41 15.08 22.80
CA GLY D 133 11.68 15.86 23.78
C GLY D 133 12.13 15.60 25.20
N THR D 134 12.64 14.39 25.45
CA THR D 134 13.08 14.01 26.78
C THR D 134 14.33 14.79 27.18
N LYS D 135 15.15 15.12 26.19
CA LYS D 135 16.36 15.90 26.42
C LYS D 135 16.10 17.40 26.24
N ARG D 136 14.82 17.76 26.24
CA ARG D 136 14.37 19.16 26.12
C ARG D 136 14.85 19.86 24.84
N TYR D 137 14.47 19.31 23.69
CA TYR D 137 14.79 19.92 22.42
C TYR D 137 13.53 20.17 21.58
N ILE D 138 13.52 21.27 20.84
CA ILE D 138 12.43 21.59 19.94
C ILE D 138 12.94 21.68 18.50
N HIS D 139 12.50 20.75 17.66
CA HIS D 139 13.00 20.67 16.29
C HIS D 139 12.43 21.77 15.38
N ARG D 140 11.12 21.99 15.48
CA ARG D 140 10.41 23.01 14.70
C ARG D 140 10.40 22.71 13.19
N ASP D 141 11.56 22.33 12.67
CA ASP D 141 11.75 22.11 11.24
C ASP D 141 11.40 20.68 10.88
N LEU D 142 10.56 20.04 11.69
CA LEU D 142 10.15 18.67 11.46
C LEU D 142 9.41 18.56 10.14
N ALA D 143 10.04 17.94 9.15
CA ALA D 143 9.46 17.78 7.82
C ALA D 143 10.13 16.63 7.08
N THR D 144 9.47 16.14 6.04
CA THR D 144 9.99 15.00 5.28
C THR D 144 11.30 15.31 4.55
N ARG D 145 11.55 16.59 4.32
CA ARG D 145 12.80 17.01 3.70
C ARG D 145 13.95 16.96 4.72
N ASN D 146 13.61 16.80 5.99
CA ASN D 146 14.61 16.70 7.05
C ASN D 146 14.70 15.30 7.65
N ILE D 147 13.95 14.36 7.08
CA ILE D 147 14.01 12.98 7.52
C ILE D 147 14.68 12.12 6.45
N LEU D 148 15.60 11.27 6.88
CA LEU D 148 16.42 10.46 5.98
C LEU D 148 16.02 8.99 5.99
N VAL D 149 16.53 8.23 5.01
CA VAL D 149 16.23 6.81 4.91
C VAL D 149 17.50 5.97 4.84
N GLU D 150 17.75 5.19 5.89
CA GLU D 150 18.90 4.30 5.93
C GLU D 150 18.64 3.05 5.11
N ASN D 151 17.48 2.46 5.32
CA ASN D 151 17.02 1.32 4.53
C ASN D 151 15.51 1.31 4.38
N GLU D 152 14.98 0.30 3.70
CA GLU D 152 13.56 0.23 3.37
C GLU D 152 12.65 0.23 4.60
N ASN D 153 13.15 -0.26 5.72
CA ASN D 153 12.33 -0.39 6.92
C ASN D 153 12.81 0.47 8.09
N ARG D 154 13.79 1.33 7.85
CA ARG D 154 14.33 2.18 8.91
C ARG D 154 14.63 3.60 8.42
N VAL D 155 14.13 4.58 9.16
CA VAL D 155 14.34 6.00 8.84
C VAL D 155 14.98 6.76 10.00
N LYS D 156 15.71 7.82 9.68
CA LYS D 156 16.40 8.63 10.68
C LYS D 156 16.10 10.13 10.51
N ILE D 157 16.05 10.84 11.63
CA ILE D 157 15.84 12.30 11.61
C ILE D 157 17.17 13.03 11.49
N GLY D 158 17.24 13.98 10.56
CA GLY D 158 18.48 14.72 10.33
C GLY D 158 18.32 16.22 10.29
N ASP D 159 19.45 16.91 10.17
CA ASP D 159 19.51 18.37 10.12
C ASP D 159 18.82 19.04 11.30
N PHE D 160 19.53 19.12 12.42
CA PHE D 160 19.01 19.77 13.62
C PHE D 160 19.43 21.23 13.68
N GLY D 161 19.53 21.87 12.52
CA GLY D 161 19.91 23.26 12.42
C GLY D 161 18.98 24.20 13.17
N LEU D 162 17.68 23.99 13.03
CA LEU D 162 16.68 24.84 13.67
C LEU D 162 16.31 24.35 15.07
N THR D 163 16.94 23.26 15.50
CA THR D 163 16.66 22.69 16.81
C THR D 163 17.21 23.57 17.92
N LYS D 164 16.37 23.92 18.88
CA LYS D 164 16.77 24.74 20.02
C LYS D 164 16.56 23.98 21.33
N VAL D 165 17.16 24.50 22.39
CA VAL D 165 17.07 23.86 23.70
C VAL D 165 16.07 24.59 24.59
N LEU D 166 15.14 23.86 25.18
CA LEU D 166 14.17 24.47 26.08
C LEU D 166 14.82 24.97 27.36
N PRO D 167 14.35 26.11 27.87
CA PRO D 167 14.81 26.67 29.15
C PRO D 167 14.44 25.77 30.32
N GLN D 168 15.04 26.02 31.48
CA GLN D 168 14.78 25.21 32.66
C GLN D 168 13.38 25.47 33.22
N ASP D 169 12.92 26.71 33.15
CA ASP D 169 11.60 27.07 33.67
C ASP D 169 10.53 27.14 32.58
N LYS D 170 10.77 27.95 31.55
CA LYS D 170 9.81 28.11 30.46
C LYS D 170 9.76 26.87 29.58
N GLU D 171 8.57 26.51 29.11
CA GLU D 171 8.40 25.34 28.25
C GLU D 171 8.24 25.73 26.78
N LYS D 174 11.25 31.12 22.67
CA LYS D 174 10.81 32.25 21.85
C LYS D 174 11.99 32.96 21.21
N VAL D 175 11.92 33.14 19.90
CA VAL D 175 12.97 33.82 19.14
C VAL D 175 12.47 35.18 18.65
N LYS D 176 13.05 36.24 19.21
CA LYS D 176 12.58 37.61 18.95
C LYS D 176 13.00 38.14 17.58
N GLU D 177 13.96 37.49 16.95
CA GLU D 177 14.41 37.91 15.62
C GLU D 177 14.34 36.78 14.60
N PRO D 178 13.12 36.48 14.13
CA PRO D 178 12.95 35.38 13.17
C PRO D 178 13.34 35.75 11.75
N GLY D 179 13.82 34.77 11.00
CA GLY D 179 14.12 34.93 9.59
C GLY D 179 13.13 34.09 8.79
N GLU D 180 13.49 33.77 7.55
CA GLU D 180 12.69 32.90 6.71
C GLU D 180 12.40 31.59 7.44
N SER D 181 11.15 31.14 7.38
CA SER D 181 10.72 29.99 8.19
C SER D 181 9.70 29.12 7.45
N PRO D 182 9.66 27.81 7.78
CA PRO D 182 8.64 26.91 7.25
C PRO D 182 7.30 27.15 7.95
N ILE D 183 6.61 28.20 7.52
CA ILE D 183 5.40 28.67 8.21
C ILE D 183 4.22 27.71 8.17
N PHE D 184 4.27 26.74 7.25
CA PHE D 184 3.19 25.78 7.10
C PHE D 184 3.35 24.62 8.09
N TRP D 185 4.60 24.37 8.48
CA TRP D 185 4.94 23.35 9.46
C TRP D 185 4.93 23.96 10.86
N TYR D 186 4.69 25.26 10.94
CA TYR D 186 4.67 25.95 12.23
C TYR D 186 3.28 25.94 12.86
N ALA D 187 3.27 25.92 14.19
CA ALA D 187 2.04 26.01 14.96
C ALA D 187 1.55 27.46 14.93
N PRO D 188 0.25 27.67 15.21
CA PRO D 188 -0.29 29.04 15.28
C PRO D 188 0.45 29.89 16.31
N GLU D 189 0.87 29.27 17.42
CA GLU D 189 1.61 29.98 18.45
C GLU D 189 3.00 30.37 17.93
N SER D 190 3.49 29.61 16.96
CA SER D 190 4.79 29.88 16.36
C SER D 190 4.68 30.91 15.24
N LEU D 191 3.46 31.12 14.76
CA LEU D 191 3.19 32.09 13.70
C LEU D 191 2.89 33.45 14.30
N THR D 192 2.23 33.46 15.45
CA THR D 192 1.81 34.69 16.11
C THR D 192 2.88 35.22 17.07
N GLU D 193 3.25 34.40 18.05
CA GLU D 193 4.21 34.83 19.06
C GLU D 193 5.62 34.30 18.81
N SER D 194 5.77 33.50 17.76
CA SER D 194 7.03 32.84 17.44
C SER D 194 7.52 32.00 18.63
N LYS D 195 6.60 31.34 19.31
CA LYS D 195 6.93 30.50 20.45
C LYS D 195 6.84 29.03 20.07
N PHE D 196 7.94 28.32 20.27
CA PHE D 196 8.03 26.92 19.89
C PHE D 196 8.07 26.04 21.13
N SER D 197 7.02 25.25 21.30
CA SER D 197 6.95 24.31 22.40
C SER D 197 7.12 22.92 21.83
N VAL D 198 6.90 21.90 22.65
CA VAL D 198 6.91 20.54 22.17
C VAL D 198 5.65 20.32 21.31
N ALA D 199 4.61 21.10 21.57
CA ALA D 199 3.37 21.03 20.81
C ALA D 199 3.51 21.62 19.41
N SER D 200 4.48 22.52 19.23
CA SER D 200 4.76 23.07 17.91
C SER D 200 5.41 22.00 17.02
N ASP D 201 5.99 21.00 17.67
CA ASP D 201 6.56 19.85 16.97
C ASP D 201 5.50 18.79 16.75
N VAL D 202 4.52 18.75 17.66
CA VAL D 202 3.36 17.87 17.49
C VAL D 202 2.54 18.37 16.31
N TRP D 203 2.43 19.69 16.21
CA TRP D 203 1.79 20.32 15.06
C TRP D 203 2.58 20.02 13.79
N SER D 204 3.88 20.26 13.87
CA SER D 204 4.78 20.02 12.76
C SER D 204 4.71 18.57 12.31
N PHE D 205 4.63 17.66 13.28
CA PHE D 205 4.44 16.24 13.01
C PHE D 205 3.13 15.94 12.30
N GLY D 206 2.10 16.73 12.57
CA GLY D 206 0.82 16.57 11.92
C GLY D 206 0.95 16.75 10.42
N VAL D 207 1.72 17.75 10.02
CA VAL D 207 1.98 18.02 8.61
C VAL D 207 2.90 16.95 8.02
N VAL D 208 3.84 16.46 8.83
CA VAL D 208 4.73 15.37 8.42
C VAL D 208 3.92 14.11 8.16
N LEU D 209 2.96 13.83 9.04
CA LEU D 209 2.05 12.72 8.86
C LEU D 209 1.21 12.91 7.59
N TYR D 210 0.90 14.17 7.29
CA TYR D 210 0.16 14.52 6.09
C TYR D 210 0.97 14.21 4.83
N GLU D 211 2.23 14.62 4.85
CA GLU D 211 3.15 14.40 3.73
C GLU D 211 3.27 12.92 3.36
N LEU D 212 3.19 12.07 4.37
CA LEU D 212 3.32 10.62 4.17
C LEU D 212 2.16 10.03 3.37
N PHE D 213 0.94 10.33 3.81
CA PHE D 213 -0.25 9.73 3.22
C PHE D 213 -0.70 10.38 1.91
N THR D 214 0.04 11.39 1.48
CA THR D 214 -0.20 12.01 0.19
C THR D 214 0.89 11.60 -0.80
N TYR D 215 2.02 11.13 -0.28
CA TYR D 215 3.24 10.98 -1.07
C TYR D 215 3.67 12.28 -1.78
N ILE D 216 3.06 13.39 -1.37
CA ILE D 216 3.27 14.70 -2.00
C ILE D 216 3.20 14.58 -3.53
N GLU D 217 2.11 14.00 -4.01
CA GLU D 217 1.95 13.70 -5.43
C GLU D 217 1.31 14.87 -6.18
N LYS D 218 2.02 15.39 -7.18
CA LYS D 218 1.49 16.45 -8.03
C LYS D 218 1.16 17.70 -7.21
N SER D 219 -0.09 17.80 -6.76
CA SER D 219 -0.53 18.97 -6.02
C SER D 219 -1.13 18.53 -4.68
N LYS D 220 -0.43 17.67 -3.97
CA LYS D 220 -0.82 17.28 -2.62
C LYS D 220 0.25 17.73 -1.64
N SER D 221 0.82 18.91 -1.90
CA SER D 221 1.84 19.49 -1.04
C SER D 221 1.18 20.49 -0.09
N PRO D 222 1.68 20.56 1.15
CA PRO D 222 1.20 21.56 2.12
C PRO D 222 1.19 23.03 1.64
N PRO D 223 2.23 23.49 0.91
CA PRO D 223 2.14 24.86 0.39
C PRO D 223 1.04 25.04 -0.65
N VAL D 224 1.00 24.15 -1.64
CA VAL D 224 0.03 24.24 -2.72
C VAL D 224 -1.40 24.17 -2.19
N GLU D 225 -1.59 23.41 -1.12
CA GLU D 225 -2.89 23.25 -0.49
C GLU D 225 -3.29 24.47 0.32
N PHE D 226 -2.37 24.96 1.14
CA PHE D 226 -2.60 26.13 1.97
C PHE D 226 -2.82 27.41 1.15
N MET D 227 -2.05 27.58 0.09
CA MET D 227 -2.21 28.72 -0.79
C MET D 227 -3.55 28.73 -1.52
N ARG D 228 -4.06 27.54 -1.81
CA ARG D 228 -5.35 27.41 -2.48
C ARG D 228 -6.47 27.95 -1.62
N MET D 229 -6.29 27.85 -0.30
CA MET D 229 -7.31 28.25 0.66
C MET D 229 -7.29 29.75 0.97
N ILE D 230 -6.10 30.32 1.11
CA ILE D 230 -5.97 31.75 1.39
C ILE D 230 -5.96 32.53 0.09
N GLY D 231 -6.00 31.80 -1.02
CA GLY D 231 -6.02 32.42 -2.34
C GLY D 231 -4.62 32.51 -2.92
N ASN D 232 -4.45 32.03 -4.15
CA ASN D 232 -3.17 32.13 -4.82
C ASN D 232 -2.97 33.52 -5.41
N ASP D 233 -3.05 34.53 -4.55
CA ASP D 233 -2.86 35.91 -4.92
C ASP D 233 -2.23 36.66 -3.74
N LYS D 234 -2.56 36.20 -2.54
CA LYS D 234 -2.00 36.78 -1.31
C LYS D 234 -0.50 36.55 -1.28
N GLN D 235 0.25 37.63 -1.36
CA GLN D 235 1.71 37.55 -1.36
C GLN D 235 2.37 38.47 -0.32
N GLY D 236 3.68 38.37 -0.22
CA GLY D 236 4.44 39.16 0.73
C GLY D 236 4.41 38.53 2.10
N GLN D 237 4.73 39.32 3.12
CA GLN D 237 4.67 38.84 4.49
C GLN D 237 3.22 38.67 4.91
N MET D 238 2.32 39.32 4.17
CA MET D 238 0.88 39.26 4.43
C MET D 238 0.29 37.86 4.28
N ILE D 239 1.08 36.94 3.73
CA ILE D 239 0.66 35.54 3.64
C ILE D 239 0.55 34.96 5.03
N VAL D 240 1.54 35.26 5.86
CA VAL D 240 1.59 34.77 7.23
C VAL D 240 0.34 35.18 8.00
N PHE D 241 -0.11 36.41 7.76
CA PHE D 241 -1.29 36.95 8.41
C PHE D 241 -2.55 36.18 8.04
N HIS D 242 -2.83 36.06 6.74
CA HIS D 242 -4.00 35.34 6.25
C HIS D 242 -3.98 33.89 6.69
N LEU D 243 -2.79 33.31 6.75
CA LEU D 243 -2.61 31.93 7.20
C LEU D 243 -3.03 31.77 8.65
N ILE D 244 -2.64 32.72 9.49
CA ILE D 244 -3.02 32.72 10.88
C ILE D 244 -4.53 32.82 11.01
N GLU D 245 -5.14 33.66 10.17
CA GLU D 245 -6.58 33.81 10.12
C GLU D 245 -7.26 32.50 9.76
N LEU D 246 -6.61 31.73 8.89
CA LEU D 246 -7.13 30.45 8.43
C LEU D 246 -7.12 29.37 9.51
N LEU D 247 -6.08 29.39 10.34
CA LEU D 247 -5.95 28.40 11.41
C LEU D 247 -6.84 28.75 12.59
N LYS D 248 -7.04 30.04 12.79
CA LYS D 248 -7.89 30.55 13.85
C LYS D 248 -9.36 30.27 13.54
N SER D 249 -9.67 30.17 12.26
CA SER D 249 -11.02 29.87 11.80
C SER D 249 -11.22 28.37 11.64
N ASN D 250 -10.35 27.59 12.26
CA ASN D 250 -10.44 26.13 12.26
C ASN D 250 -10.37 25.48 10.88
N GLY D 251 -9.60 26.09 9.98
CA GLY D 251 -9.35 25.50 8.68
C GLY D 251 -8.00 24.80 8.64
N ARG D 252 -7.98 23.58 8.10
CA ARG D 252 -6.76 22.80 8.01
C ARG D 252 -6.62 22.14 6.64
N LEU D 253 -5.49 21.47 6.42
CA LEU D 253 -5.25 20.72 5.19
C LEU D 253 -6.25 19.56 5.06
N PRO D 254 -6.86 19.42 3.87
CA PRO D 254 -7.88 18.40 3.61
C PRO D 254 -7.32 16.97 3.70
N ARG D 255 -8.23 16.00 3.71
CA ARG D 255 -7.86 14.58 3.75
C ARG D 255 -7.05 14.15 2.54
N PRO D 256 -5.92 13.48 2.78
CA PRO D 256 -5.12 12.88 1.71
C PRO D 256 -5.93 11.83 0.98
N GLU D 257 -5.70 11.73 -0.33
CA GLU D 257 -6.40 10.77 -1.14
C GLU D 257 -6.12 9.35 -0.68
N GLY D 258 -7.16 8.67 -0.20
CA GLY D 258 -7.01 7.31 0.29
C GLY D 258 -6.25 7.24 1.60
N CYS D 259 -6.72 7.99 2.60
CA CYS D 259 -6.10 7.99 3.91
C CYS D 259 -7.02 7.35 4.93
N PRO D 260 -6.48 6.43 5.74
CA PRO D 260 -7.23 5.77 6.80
C PRO D 260 -7.88 6.78 7.73
N ASP D 261 -9.04 6.41 8.28
CA ASP D 261 -9.85 7.33 9.06
C ASP D 261 -9.20 7.70 10.38
N GLU D 262 -8.66 6.71 11.08
CA GLU D 262 -8.00 6.93 12.37
C GLU D 262 -6.71 7.75 12.23
N ILE D 263 -6.10 7.70 11.06
CA ILE D 263 -4.87 8.45 10.80
C ILE D 263 -5.18 9.93 10.57
N TYR D 264 -6.25 10.20 9.83
CA TYR D 264 -6.68 11.58 9.58
C TYR D 264 -7.12 12.27 10.85
N VAL D 265 -7.65 11.49 11.79
CA VAL D 265 -8.03 12.00 13.10
C VAL D 265 -6.78 12.49 13.85
N ILE D 266 -5.72 11.70 13.77
CA ILE D 266 -4.45 12.05 14.41
C ILE D 266 -3.91 13.38 13.89
N MET D 267 -4.00 13.59 12.58
CA MET D 267 -3.53 14.84 11.98
C MET D 267 -4.29 16.04 12.54
N THR D 268 -5.61 15.96 12.56
CA THR D 268 -6.44 17.06 13.01
C THR D 268 -6.35 17.32 14.52
N GLU D 269 -5.92 16.31 15.27
CA GLU D 269 -5.73 16.45 16.72
C GLU D 269 -4.39 17.09 17.06
N CYS D 270 -3.42 16.90 16.18
CA CYS D 270 -2.12 17.57 16.31
C CYS D 270 -2.27 18.99 15.79
N TRP D 271 -3.24 19.19 14.89
CA TRP D 271 -3.49 20.50 14.32
C TRP D 271 -4.52 21.31 15.11
N ASN D 272 -4.75 20.93 16.36
CA ASN D 272 -5.63 21.69 17.22
C ASN D 272 -5.01 23.01 17.65
N ASN D 273 -5.82 24.07 17.68
CA ASN D 273 -5.33 25.39 18.07
C ASN D 273 -4.82 25.40 19.51
N ASN D 274 -5.59 24.81 20.40
CA ASN D 274 -5.20 24.73 21.81
C ASN D 274 -3.96 23.86 21.96
N VAL D 275 -2.99 24.38 22.70
CA VAL D 275 -1.71 23.71 22.91
C VAL D 275 -1.86 22.42 23.71
N SER D 276 -2.69 22.46 24.74
CA SER D 276 -2.90 21.32 25.62
C SER D 276 -3.58 20.17 24.89
N GLN D 277 -4.48 20.49 23.99
CA GLN D 277 -5.26 19.48 23.28
C GLN D 277 -4.45 18.74 22.22
N ARG D 278 -3.23 19.21 21.97
CA ARG D 278 -2.31 18.50 21.10
C ARG D 278 -1.74 17.30 21.86
N PRO D 279 -1.98 16.10 21.34
CA PRO D 279 -1.53 14.86 22.03
C PRO D 279 -0.01 14.76 22.12
N SER D 280 0.48 14.25 23.24
CA SER D 280 1.91 14.09 23.44
C SER D 280 2.44 12.96 22.58
N PHE D 281 3.75 12.93 22.39
CA PHE D 281 4.38 11.88 21.58
C PHE D 281 4.26 10.52 22.27
N ARG D 282 4.02 10.55 23.57
CA ARG D 282 3.73 9.34 24.33
C ARG D 282 2.41 8.73 23.87
N ASP D 283 1.38 9.59 23.81
CA ASP D 283 0.05 9.17 23.40
C ASP D 283 0.05 8.77 21.93
N LEU D 284 0.90 9.43 21.14
CA LEU D 284 0.99 9.17 19.72
C LEU D 284 1.56 7.78 19.42
N SER D 285 2.74 7.50 19.97
CA SER D 285 3.40 6.22 19.72
C SER D 285 2.56 5.03 20.18
N LEU D 286 1.75 5.25 21.20
CA LEU D 286 0.85 4.22 21.70
C LEU D 286 -0.25 3.89 20.68
N ARG D 287 -0.90 4.93 20.16
CA ARG D 287 -1.96 4.75 19.18
C ARG D 287 -1.44 4.18 17.86
N VAL D 288 -0.27 4.64 17.44
CA VAL D 288 0.34 4.18 16.20
C VAL D 288 0.58 2.68 16.19
N ASP D 289 1.27 2.21 17.21
CA ASP D 289 1.60 0.79 17.33
C ASP D 289 0.34 -0.03 17.51
N GLN D 290 -0.69 0.61 18.06
CA GLN D 290 -1.98 -0.03 18.29
C GLN D 290 -2.72 -0.28 16.98
N ILE D 291 -2.62 0.69 16.07
CA ILE D 291 -3.27 0.60 14.77
C ILE D 291 -2.37 -0.18 13.79
N ARG D 292 -1.07 -0.18 14.08
CA ARG D 292 -0.09 -0.91 13.27
C ARG D 292 -0.38 -2.41 13.32
N ASP D 293 -0.57 -2.91 14.54
CA ASP D 293 -0.79 -4.32 14.77
C ASP D 293 -2.22 -4.75 14.43
N SER D 294 -3.11 -3.77 14.33
CA SER D 294 -4.51 -4.02 13.98
C SER D 294 -4.66 -4.36 12.49
N ILE D 295 -3.83 -3.76 11.66
CA ILE D 295 -3.88 -3.99 10.22
C ILE D 295 -2.95 -5.14 9.81
N VAL E 6 -16.42 -9.44 -43.34
CA VAL E 6 -16.15 -10.83 -43.68
C VAL E 6 -17.28 -11.42 -44.51
N GLU E 7 -16.93 -12.27 -45.48
CA GLU E 7 -17.91 -12.96 -46.30
C GLU E 7 -17.67 -14.46 -46.34
N SER E 9 -18.80 -18.63 -46.60
CA SER E 9 -19.69 -19.54 -47.31
C SER E 9 -19.33 -20.99 -47.00
N THR E 10 -20.14 -21.91 -47.50
CA THR E 10 -19.88 -23.34 -47.31
C THR E 10 -19.83 -24.05 -48.67
N VAL E 11 -19.14 -25.18 -48.71
CA VAL E 11 -18.95 -25.91 -49.96
C VAL E 11 -20.00 -27.01 -50.16
N VAL E 12 -20.62 -27.03 -51.33
CA VAL E 12 -21.59 -28.06 -51.67
C VAL E 12 -20.95 -29.06 -52.63
N HIS E 13 -21.18 -30.34 -52.39
CA HIS E 13 -20.58 -31.39 -53.21
C HIS E 13 -21.57 -31.90 -54.25
N THR F 5 -63.41 8.80 31.41
CA THR F 5 -62.49 9.34 30.41
C THR F 5 -62.16 10.79 30.71
N VAL F 6 -60.93 11.20 30.43
CA VAL F 6 -60.46 12.55 30.73
C VAL F 6 -61.16 13.63 29.91
N GLU F 7 -61.35 14.79 30.53
CA GLU F 7 -61.96 15.94 29.85
C GLU F 7 -61.12 17.20 30.05
N SER F 9 -60.25 21.10 29.01
CA SER F 9 -60.86 22.31 28.43
C SER F 9 -59.98 23.54 28.66
N THR F 10 -60.54 24.72 28.42
CA THR F 10 -59.81 25.97 28.58
C THR F 10 -60.67 27.06 29.22
N VAL F 11 -60.01 28.12 29.69
CA VAL F 11 -60.68 29.19 30.43
C VAL F 11 -60.96 30.43 29.57
N VAL F 12 -62.20 30.90 29.59
CA VAL F 12 -62.59 32.09 28.85
C VAL F 12 -62.88 33.24 29.81
N HIS F 13 -62.51 34.45 29.43
CA HIS F 13 -62.77 35.62 30.25
C HIS F 13 -63.74 36.57 29.55
N LEU G 6 -12.77 -19.11 -25.70
CA LEU G 6 -11.78 -19.81 -26.50
C LEU G 6 -11.86 -21.32 -26.30
N LYS G 7 -11.59 -22.08 -27.37
CA LYS G 7 -11.61 -23.53 -27.31
C LYS G 7 -10.20 -24.10 -27.16
N THR G 8 -9.95 -24.80 -26.06
CA THR G 8 -8.66 -25.45 -25.85
C THR G 8 -8.59 -26.79 -26.59
N PHE G 9 -7.37 -27.27 -26.80
CA PHE G 9 -7.14 -28.51 -27.55
C PHE G 9 -7.82 -29.73 -26.93
N SER G 10 -8.22 -30.67 -27.77
CA SER G 10 -8.91 -31.88 -27.33
C SER G 10 -7.94 -32.92 -26.77
N SER G 11 -6.80 -33.09 -27.44
CA SER G 11 -5.82 -34.08 -27.01
C SER G 11 -4.39 -33.70 -27.44
N LYS G 12 -3.41 -34.43 -26.90
CA LYS G 12 -2.01 -34.23 -27.25
C LYS G 12 -1.78 -34.44 -28.74
N SER G 13 -2.49 -35.42 -29.29
CA SER G 13 -2.42 -35.75 -30.71
C SER G 13 -2.88 -34.57 -31.56
N GLU G 14 -3.94 -33.92 -31.11
CA GLU G 14 -4.53 -32.81 -31.83
C GLU G 14 -3.62 -31.59 -31.80
N TYR G 15 -2.85 -31.43 -30.72
CA TYR G 15 -1.92 -30.31 -30.63
C TYR G 15 -0.74 -30.51 -31.57
N GLN G 16 -0.13 -31.69 -31.49
CA GLN G 16 1.02 -32.02 -32.32
C GLN G 16 0.64 -32.02 -33.79
N LEU G 17 -0.64 -32.20 -34.05
CA LEU G 17 -1.18 -32.13 -35.40
C LEU G 17 -1.06 -30.71 -35.97
N VAL G 18 -1.42 -29.71 -35.17
CA VAL G 18 -1.37 -28.31 -35.61
C VAL G 18 0.06 -27.83 -35.77
N VAL G 19 0.95 -28.32 -34.92
CA VAL G 19 2.38 -27.98 -35.01
C VAL G 19 2.92 -28.33 -36.39
N ASN G 20 2.54 -29.52 -36.86
CA ASN G 20 2.91 -30.00 -38.18
C ASN G 20 2.07 -29.38 -39.28
N ALA G 21 0.84 -29.00 -38.93
CA ALA G 21 -0.05 -28.32 -39.87
C ALA G 21 0.47 -26.93 -40.19
N VAL G 22 0.86 -26.18 -39.15
CA VAL G 22 1.37 -24.82 -39.34
C VAL G 22 2.80 -24.81 -39.89
N ARG G 23 3.57 -25.84 -39.55
CA ARG G 23 4.93 -25.99 -40.07
C ARG G 23 4.89 -26.13 -41.58
N LYS G 24 4.12 -27.11 -42.05
CA LYS G 24 3.97 -27.35 -43.47
C LYS G 24 3.24 -26.20 -44.15
N LEU G 25 2.48 -25.44 -43.37
CA LEU G 25 1.78 -24.28 -43.91
C LEU G 25 2.73 -23.11 -44.15
N GLN G 26 3.61 -22.85 -43.19
CA GLN G 26 4.60 -21.79 -43.32
C GLN G 26 5.59 -22.10 -44.44
N GLU G 27 5.84 -23.39 -44.67
CA GLU G 27 6.72 -23.83 -45.75
C GLU G 27 6.03 -23.70 -47.10
N SER G 28 4.71 -23.74 -47.09
CA SER G 28 3.91 -23.68 -48.30
C SER G 28 4.02 -22.33 -49.01
N GLY G 29 4.11 -21.25 -48.23
CA GLY G 29 4.31 -19.93 -48.78
C GLY G 29 3.04 -19.11 -48.90
N PHE G 30 1.90 -19.78 -49.06
CA PHE G 30 0.62 -19.07 -49.17
C PHE G 30 -0.15 -19.03 -47.85
N TYR G 31 0.55 -19.24 -46.74
CA TYR G 31 -0.06 -19.14 -45.42
C TYR G 31 0.16 -17.74 -44.83
N TRP G 32 -0.93 -17.01 -44.64
CA TRP G 32 -0.88 -15.66 -44.08
C TRP G 32 -1.33 -15.65 -42.61
N SER G 33 -0.37 -15.57 -41.71
CA SER G 33 -0.63 -15.69 -40.28
C SER G 33 -1.42 -14.54 -39.67
N ALA G 34 -2.48 -14.88 -38.95
CA ALA G 34 -3.26 -13.92 -38.15
C ALA G 34 -3.90 -12.81 -38.97
N VAL G 35 -4.12 -13.07 -40.26
CA VAL G 35 -4.76 -12.10 -41.12
C VAL G 35 -6.27 -12.27 -41.10
N THR G 36 -6.98 -11.17 -40.87
CA THR G 36 -8.43 -11.18 -40.77
C THR G 36 -9.11 -11.34 -42.13
N GLY G 37 -10.43 -11.43 -42.12
CA GLY G 37 -11.22 -11.58 -43.33
C GLY G 37 -11.24 -10.30 -44.15
N GLY G 38 -10.72 -9.23 -43.57
CA GLY G 38 -10.65 -7.93 -44.23
C GLY G 38 -9.69 -7.88 -45.41
N GLU G 39 -8.42 -8.16 -45.17
CA GLU G 39 -7.42 -8.12 -46.23
C GLU G 39 -7.70 -9.18 -47.29
N ALA G 40 -8.42 -10.23 -46.89
CA ALA G 40 -8.80 -11.29 -47.82
C ALA G 40 -9.63 -10.75 -48.97
N ASN G 41 -10.63 -9.92 -48.64
CA ASN G 41 -11.47 -9.28 -49.65
C ASN G 41 -10.70 -8.20 -50.40
N LEU G 42 -9.52 -7.87 -49.89
CA LEU G 42 -8.72 -6.79 -50.46
C LEU G 42 -7.53 -7.30 -51.30
N LEU G 43 -6.71 -8.14 -50.70
CA LEU G 43 -5.55 -8.69 -51.41
C LEU G 43 -5.97 -9.51 -52.62
N LEU G 44 -7.15 -10.13 -52.52
CA LEU G 44 -7.66 -10.98 -53.60
C LEU G 44 -8.55 -10.19 -54.56
N SER G 45 -8.48 -8.87 -54.51
CA SER G 45 -9.22 -8.03 -55.44
C SER G 45 -8.43 -7.83 -56.74
N ALA G 46 -7.12 -7.67 -56.62
CA ALA G 46 -6.25 -7.49 -57.78
C ALA G 46 -5.69 -8.83 -58.27
N GLU G 47 -6.34 -9.91 -57.85
CA GLU G 47 -5.97 -11.26 -58.27
C GLU G 47 -7.10 -11.88 -59.08
N PRO G 48 -6.75 -12.77 -60.03
CA PRO G 48 -7.79 -13.37 -60.87
C PRO G 48 -8.70 -14.28 -60.05
N ALA G 49 -9.90 -14.54 -60.56
CA ALA G 49 -10.82 -15.44 -59.88
C ALA G 49 -10.22 -16.84 -59.82
N GLY G 50 -10.06 -17.36 -58.60
CA GLY G 50 -9.46 -18.66 -58.42
C GLY G 50 -8.20 -18.60 -57.59
N THR G 51 -7.79 -17.38 -57.24
CA THR G 51 -6.62 -17.17 -56.39
C THR G 51 -7.03 -17.33 -54.93
N PHE G 52 -6.20 -18.02 -54.14
CA PHE G 52 -6.56 -18.32 -52.77
C PHE G 52 -5.43 -18.09 -51.76
N LEU G 53 -5.77 -18.21 -50.47
CA LEU G 53 -4.80 -18.10 -49.39
C LEU G 53 -5.33 -18.77 -48.12
N ILE G 54 -4.42 -19.16 -47.23
CA ILE G 54 -4.80 -19.72 -45.94
C ILE G 54 -4.39 -18.79 -44.80
N ARG G 55 -5.36 -18.43 -43.96
CA ARG G 55 -5.13 -17.49 -42.88
C ARG G 55 -5.65 -18.05 -41.55
N ASP G 56 -5.26 -17.42 -40.45
CA ASP G 56 -5.81 -17.77 -39.15
C ASP G 56 -7.25 -17.30 -39.04
N SER G 57 -8.15 -18.20 -38.64
CA SER G 57 -9.56 -17.87 -38.48
C SER G 57 -9.73 -16.81 -37.41
N SER G 58 -10.83 -16.05 -37.47
CA SER G 58 -11.13 -15.07 -36.43
C SER G 58 -12.01 -15.72 -35.37
N ASP G 59 -12.71 -16.77 -35.76
CA ASP G 59 -13.61 -17.47 -34.85
C ASP G 59 -12.79 -18.34 -33.90
N GLN G 60 -13.31 -18.55 -32.70
CA GLN G 60 -12.61 -19.31 -31.69
C GLN G 60 -12.80 -20.80 -31.89
N ARG G 61 -13.73 -21.17 -32.77
CA ARG G 61 -14.03 -22.56 -33.06
C ARG G 61 -13.08 -23.18 -34.08
N HIS G 62 -12.51 -22.34 -34.94
CA HIS G 62 -11.65 -22.82 -36.03
C HIS G 62 -10.24 -22.25 -35.97
N PHE G 63 -9.27 -23.07 -36.35
CA PHE G 63 -7.86 -22.65 -36.37
C PHE G 63 -7.57 -21.82 -37.61
N PHE G 64 -7.79 -22.43 -38.78
CA PHE G 64 -7.48 -21.80 -40.05
C PHE G 64 -8.75 -21.55 -40.85
N THR G 65 -8.62 -20.76 -41.91
CA THR G 65 -9.75 -20.44 -42.77
C THR G 65 -9.28 -20.16 -44.19
N LEU G 66 -9.93 -20.77 -45.17
CA LEU G 66 -9.54 -20.60 -46.57
C LEU G 66 -10.28 -19.45 -47.25
N SER G 67 -9.52 -18.54 -47.85
CA SER G 67 -10.10 -17.41 -48.59
C SER G 67 -9.78 -17.55 -50.07
N VAL G 68 -10.78 -17.39 -50.93
CA VAL G 68 -10.58 -17.56 -52.37
C VAL G 68 -11.38 -16.56 -53.20
N LYS G 69 -10.70 -15.94 -54.16
CA LYS G 69 -11.37 -15.02 -55.07
C LYS G 69 -12.12 -15.79 -56.14
N THR G 70 -13.40 -15.48 -56.28
CA THR G 70 -14.23 -16.10 -57.31
C THR G 70 -14.93 -15.02 -58.12
N GLN G 71 -15.84 -15.43 -59.01
CA GLN G 71 -16.55 -14.49 -59.86
C GLN G 71 -17.49 -13.60 -59.07
N SER G 72 -18.23 -14.19 -58.13
CA SER G 72 -19.17 -13.45 -57.31
C SER G 72 -18.44 -12.49 -56.37
N GLY G 73 -17.18 -12.80 -56.10
CA GLY G 73 -16.36 -11.99 -55.22
C GLY G 73 -15.46 -12.88 -54.37
N THR G 74 -14.86 -12.29 -53.35
CA THR G 74 -13.98 -13.03 -52.46
C THR G 74 -14.79 -13.81 -51.41
N LYS G 75 -14.61 -15.12 -51.39
CA LYS G 75 -15.32 -15.97 -50.46
C LYS G 75 -14.35 -16.66 -49.49
N ASN G 76 -14.78 -16.80 -48.24
CA ASN G 76 -13.94 -17.39 -47.20
C ASN G 76 -14.51 -18.72 -46.72
N LEU G 77 -13.63 -19.65 -46.36
CA LEU G 77 -14.06 -21.00 -45.99
C LEU G 77 -13.45 -21.46 -44.67
N ARG G 78 -14.29 -21.87 -43.74
CA ARG G 78 -13.82 -22.36 -42.45
C ARG G 78 -13.24 -23.76 -42.57
N ILE G 79 -12.12 -24.00 -41.89
CA ILE G 79 -11.50 -25.32 -41.88
C ILE G 79 -11.53 -25.92 -40.49
N GLN G 80 -12.48 -26.82 -40.26
CA GLN G 80 -12.66 -27.42 -38.94
C GLN G 80 -11.61 -28.50 -38.70
N CYS G 81 -11.16 -28.60 -37.45
CA CYS G 81 -10.27 -29.68 -37.04
C CYS G 81 -10.92 -30.48 -35.92
N GLU G 82 -11.43 -31.65 -36.26
CA GLU G 82 -12.15 -32.48 -35.32
C GLU G 82 -11.59 -33.89 -35.33
N GLY G 83 -11.10 -34.35 -34.19
CA GLY G 83 -10.58 -35.71 -34.07
C GLY G 83 -9.33 -35.95 -34.90
N GLY G 84 -8.59 -34.89 -35.18
CA GLY G 84 -7.33 -34.99 -35.91
C GLY G 84 -7.46 -34.99 -37.43
N SER G 85 -8.55 -34.42 -37.94
CA SER G 85 -8.74 -34.34 -39.39
C SER G 85 -9.34 -33.01 -39.83
N PHE G 86 -8.64 -32.33 -40.74
CA PHE G 86 -9.09 -31.05 -41.29
C PHE G 86 -10.12 -31.25 -42.39
N SER G 87 -11.26 -30.57 -42.27
CA SER G 87 -12.30 -30.63 -43.28
C SER G 87 -12.93 -29.26 -43.47
N LEU G 88 -13.51 -29.03 -44.65
CA LEU G 88 -14.26 -27.82 -44.89
C LEU G 88 -15.64 -27.93 -44.23
N GLN G 89 -16.23 -26.78 -43.91
CA GLN G 89 -17.53 -26.75 -43.25
C GLN G 89 -18.62 -27.27 -44.19
N SER G 90 -19.52 -28.08 -43.63
CA SER G 90 -20.55 -28.76 -44.43
C SER G 90 -21.82 -27.94 -44.64
N ASP G 91 -22.41 -28.10 -45.82
CA ASP G 91 -23.67 -27.45 -46.16
C ASP G 91 -24.84 -28.41 -45.91
N PRO G 92 -26.00 -27.87 -45.50
CA PRO G 92 -27.19 -28.72 -45.31
C PRO G 92 -27.68 -29.35 -46.61
N ARG G 93 -27.42 -28.70 -47.74
CA ARG G 93 -27.85 -29.22 -49.04
C ARG G 93 -26.78 -30.13 -49.64
N SER G 94 -25.70 -30.36 -48.90
CA SER G 94 -24.63 -31.23 -49.35
C SER G 94 -25.04 -32.69 -49.24
N THR G 95 -25.22 -33.34 -50.38
CA THR G 95 -25.62 -34.74 -50.43
C THR G 95 -24.42 -35.64 -50.13
N GLN G 96 -23.27 -35.29 -50.68
CA GLN G 96 -22.06 -36.07 -50.48
C GLN G 96 -21.31 -35.59 -49.24
N PRO G 97 -20.73 -36.53 -48.49
CA PRO G 97 -19.98 -36.21 -47.26
C PRO G 97 -18.72 -35.41 -47.52
N VAL G 98 -18.34 -34.58 -46.56
CA VAL G 98 -17.14 -33.76 -46.68
C VAL G 98 -15.87 -34.59 -46.49
N PRO G 99 -14.87 -34.38 -47.35
CA PRO G 99 -13.60 -35.10 -47.32
C PRO G 99 -12.73 -34.72 -46.12
N ARG G 100 -12.14 -35.71 -45.47
CA ARG G 100 -11.24 -35.49 -44.35
C ARG G 100 -9.79 -35.73 -44.75
N PHE G 101 -8.87 -35.01 -44.12
CA PHE G 101 -7.46 -35.10 -44.47
C PHE G 101 -6.55 -35.06 -43.26
N ASP G 102 -5.41 -35.74 -43.36
CA ASP G 102 -4.45 -35.80 -42.26
C ASP G 102 -3.59 -34.55 -42.20
N CYS G 103 -3.30 -33.98 -43.37
CA CYS G 103 -2.57 -32.71 -43.43
C CYS G 103 -3.46 -31.63 -44.01
N VAL G 104 -3.28 -30.41 -43.52
CA VAL G 104 -4.07 -29.27 -43.97
C VAL G 104 -3.77 -28.95 -45.44
N LEU G 105 -2.51 -29.12 -45.84
CA LEU G 105 -2.10 -28.90 -47.22
C LEU G 105 -2.76 -29.87 -48.18
N LYS G 106 -2.99 -31.09 -47.71
CA LYS G 106 -3.61 -32.12 -48.53
C LYS G 106 -5.07 -31.81 -48.83
N LEU G 107 -5.66 -30.96 -48.00
CA LEU G 107 -7.04 -30.53 -48.18
C LEU G 107 -7.13 -29.62 -49.39
N VAL G 108 -6.13 -28.76 -49.55
CA VAL G 108 -6.09 -27.81 -50.66
C VAL G 108 -5.98 -28.50 -52.00
N HIS G 109 -4.99 -29.38 -52.11
CA HIS G 109 -4.67 -30.08 -53.36
C HIS G 109 -5.87 -30.85 -53.90
N HIS G 110 -6.72 -31.33 -52.99
CA HIS G 110 -7.89 -32.10 -53.37
C HIS G 110 -8.87 -31.30 -54.21
N TYR G 111 -9.08 -30.04 -53.81
CA TYR G 111 -10.05 -29.18 -54.45
C TYR G 111 -9.52 -28.49 -55.69
N MET G 112 -8.22 -28.60 -55.93
CA MET G 112 -7.62 -28.07 -57.15
C MET G 112 -7.84 -29.03 -58.31
N ALA G 122 -17.88 -32.52 -59.04
CA ALA G 122 -17.66 -31.08 -58.99
C ALA G 122 -18.01 -30.52 -57.61
N TYR G 123 -17.44 -29.36 -57.29
CA TYR G 123 -17.66 -28.73 -55.99
C TYR G 123 -18.17 -27.30 -56.18
N TYR G 124 -19.27 -26.98 -55.50
CA TYR G 124 -19.90 -25.67 -55.64
C TYR G 124 -19.93 -24.93 -54.31
N ILE G 125 -20.17 -23.62 -54.39
CA ILE G 125 -20.30 -22.80 -53.19
C ILE G 125 -21.47 -21.83 -53.30
N TYR G 126 -22.33 -21.84 -52.27
CA TYR G 126 -23.51 -21.00 -52.25
C TYR G 126 -23.15 -19.52 -52.24
N LYS G 131 -24.63 -20.36 -55.83
CA LYS G 131 -24.26 -21.73 -56.18
C LYS G 131 -23.18 -21.76 -57.26
N ILE G 132 -22.20 -20.87 -57.13
CA ILE G 132 -21.09 -20.81 -58.05
C ILE G 132 -20.08 -21.91 -57.72
N PRO G 133 -19.33 -22.38 -58.73
CA PRO G 133 -18.43 -23.52 -58.48
C PRO G 133 -17.21 -23.13 -57.65
N LEU G 134 -16.51 -24.13 -57.15
CA LEU G 134 -15.31 -23.92 -56.35
C LEU G 134 -14.08 -23.88 -57.25
N VAL G 135 -13.50 -22.69 -57.41
CA VAL G 135 -12.36 -22.51 -58.31
C VAL G 135 -11.05 -22.30 -57.55
N LEU G 136 -10.25 -23.35 -57.47
CA LEU G 136 -8.91 -23.25 -56.89
C LEU G 136 -7.84 -23.40 -57.96
N SER G 137 -7.10 -22.33 -58.20
CA SER G 137 -6.11 -22.31 -59.28
C SER G 137 -4.72 -21.95 -58.78
N ARG G 138 -4.55 -20.69 -58.37
CA ARG G 138 -3.23 -20.21 -57.98
C ARG G 138 -3.20 -19.72 -56.54
N PRO G 139 -2.10 -20.00 -55.82
CA PRO G 139 -1.92 -19.56 -54.44
C PRO G 139 -1.44 -18.10 -54.39
N LEU G 140 -1.47 -17.49 -53.22
CA LEU G 140 -0.97 -16.13 -53.05
C LEU G 140 0.28 -16.13 -52.19
N SER G 141 1.44 -15.93 -52.81
CA SER G 141 2.73 -15.98 -52.10
C SER G 141 2.81 -14.91 -51.02
N SER G 142 3.63 -15.18 -50.01
CA SER G 142 3.78 -14.25 -48.88
C SER G 142 5.25 -13.88 -48.67
N VAL H 6 63.41 -23.76 -13.73
CA VAL H 6 62.91 -24.59 -14.82
C VAL H 6 63.27 -24.02 -16.19
N GLU H 7 63.58 -24.92 -17.12
CA GLU H 7 63.90 -24.51 -18.48
C GLU H 7 63.02 -25.28 -19.48
N SER H 9 61.21 -26.28 -22.80
CA SER H 9 61.46 -26.23 -24.23
C SER H 9 60.45 -27.10 -24.99
N THR H 10 60.55 -27.07 -26.32
CA THR H 10 59.66 -27.85 -27.17
C THR H 10 60.47 -28.79 -28.08
N VAL H 11 59.82 -29.86 -28.54
CA VAL H 11 60.50 -30.87 -29.34
C VAL H 11 60.34 -30.62 -30.84
N VAL H 12 61.45 -30.70 -31.57
CA VAL H 12 61.45 -30.51 -33.01
C VAL H 12 61.53 -31.85 -33.73
N HIS H 13 60.69 -32.03 -34.75
CA HIS H 13 60.64 -33.29 -35.47
C HIS H 13 61.40 -33.21 -36.79
N GLN I 8 -27.03 12.43 -11.56
CA GLN I 8 -27.39 12.62 -10.16
C GLN I 8 -28.56 11.71 -9.77
N PHE I 9 -29.70 12.30 -9.46
CA PHE I 9 -30.87 11.52 -9.06
C PHE I 9 -32.20 12.13 -9.52
N GLU I 10 -33.12 11.26 -9.92
CA GLU I 10 -34.47 11.66 -10.28
C GLU I 10 -35.46 10.69 -9.65
N GLU I 11 -36.44 11.22 -8.92
CA GLU I 11 -37.35 10.38 -8.15
C GLU I 11 -38.27 9.49 -8.99
N ARG I 12 -38.36 9.76 -10.29
CA ARG I 12 -39.24 8.98 -11.16
C ARG I 12 -38.73 7.56 -11.38
N HIS I 13 -37.45 7.34 -11.08
CA HIS I 13 -36.84 6.02 -11.25
C HIS I 13 -36.80 5.23 -9.94
N LEU I 14 -37.01 5.93 -8.82
CA LEU I 14 -37.01 5.28 -7.52
C LEU I 14 -38.22 4.37 -7.35
N LYS I 15 -37.97 3.07 -7.28
CA LYS I 15 -39.04 2.10 -7.12
C LYS I 15 -39.16 1.71 -5.65
N PHE I 16 -40.33 1.98 -5.07
CA PHE I 16 -40.57 1.67 -3.67
C PHE I 16 -40.68 0.18 -3.43
N LEU I 17 -39.77 -0.35 -2.60
CA LEU I 17 -39.77 -1.77 -2.28
C LEU I 17 -40.47 -2.00 -0.94
N GLN I 18 -40.02 -1.30 0.08
CA GLN I 18 -40.61 -1.40 1.41
C GLN I 18 -40.23 -0.18 2.24
N GLN I 19 -40.88 -0.03 3.40
CA GLN I 19 -40.50 1.03 4.34
C GLN I 19 -39.61 0.46 5.45
N LEU I 20 -38.52 1.15 5.74
CA LEU I 20 -37.55 0.69 6.74
C LEU I 20 -37.93 1.05 8.17
N GLY I 21 -37.89 2.33 8.50
CA GLY I 21 -38.22 2.78 9.84
C GLY I 21 -38.49 4.27 9.91
N LYS I 22 -38.76 4.75 11.12
CA LYS I 22 -39.04 6.17 11.32
C LYS I 22 -38.21 6.77 12.45
N GLY I 23 -37.68 7.96 12.21
CA GLY I 23 -36.89 8.67 13.21
C GLY I 23 -37.02 10.17 13.02
N ASN I 24 -37.01 10.91 14.12
CA ASN I 24 -37.19 12.35 14.11
C ASN I 24 -38.49 12.77 13.42
N PHE I 25 -38.37 13.59 12.38
CA PHE I 25 -39.55 14.10 11.68
C PHE I 25 -39.68 13.53 10.27
N GLY I 26 -39.02 12.41 10.00
CA GLY I 26 -39.03 11.82 8.67
C GLY I 26 -39.22 10.32 8.66
N SER I 27 -39.42 9.77 7.47
CA SER I 27 -39.61 8.33 7.29
C SER I 27 -38.57 7.73 6.36
N VAL I 28 -38.00 6.60 6.77
CA VAL I 28 -36.98 5.93 5.98
C VAL I 28 -37.56 4.76 5.20
N GLU I 29 -37.38 4.78 3.89
CA GLU I 29 -37.92 3.74 3.02
C GLU I 29 -36.83 3.11 2.18
N MET I 30 -36.91 1.79 2.00
CA MET I 30 -35.99 1.05 1.15
C MET I 30 -36.45 1.15 -0.29
N CYS I 31 -35.68 1.82 -1.13
CA CYS I 31 -36.04 1.99 -2.53
C CYS I 31 -34.95 1.47 -3.47
N ARG I 32 -35.25 1.47 -4.76
CA ARG I 32 -34.28 1.03 -5.77
C ARG I 32 -34.26 1.99 -6.94
N TYR I 33 -33.19 2.76 -7.06
CA TYR I 33 -33.06 3.72 -8.14
C TYR I 33 -32.65 2.97 -9.39
N ASP I 34 -33.55 2.91 -10.36
CA ASP I 34 -33.30 2.20 -11.59
C ASP I 34 -33.79 2.99 -12.80
N PRO I 35 -32.89 3.75 -13.44
CA PRO I 35 -33.19 4.56 -14.63
C PRO I 35 -33.66 3.70 -15.80
N LEU I 36 -33.25 2.43 -15.80
CA LEU I 36 -33.55 1.52 -16.90
C LEU I 36 -34.97 0.99 -16.76
N GLN I 37 -35.50 1.02 -15.54
CA GLN I 37 -36.82 0.49 -15.23
C GLN I 37 -36.94 -1.00 -15.54
N ASP I 38 -35.81 -1.70 -15.62
CA ASP I 38 -35.81 -3.13 -15.86
C ASP I 38 -35.57 -3.89 -14.55
N ASN I 39 -35.49 -3.14 -13.46
CA ASN I 39 -35.34 -3.70 -12.11
C ASN I 39 -34.07 -4.50 -11.89
N THR I 40 -32.93 -3.89 -12.22
CA THR I 40 -31.63 -4.49 -11.95
C THR I 40 -30.73 -3.50 -11.22
N GLY I 41 -31.30 -2.33 -10.90
CA GLY I 41 -30.57 -1.28 -10.25
C GLY I 41 -30.18 -1.63 -8.82
N GLU I 42 -29.31 -0.82 -8.23
CA GLU I 42 -28.87 -1.04 -6.87
C GLU I 42 -29.90 -0.51 -5.88
N VAL I 43 -30.05 -1.22 -4.75
CA VAL I 43 -30.97 -0.79 -3.70
C VAL I 43 -30.34 0.26 -2.82
N VAL I 44 -31.09 1.34 -2.55
CA VAL I 44 -30.63 2.40 -1.67
C VAL I 44 -31.70 2.80 -0.67
N ALA I 45 -31.27 3.30 0.48
CA ALA I 45 -32.20 3.76 1.51
C ALA I 45 -32.63 5.19 1.26
N VAL I 46 -33.92 5.46 1.47
CA VAL I 46 -34.46 6.79 1.20
C VAL I 46 -35.19 7.35 2.41
N LYS I 47 -34.78 8.54 2.85
CA LYS I 47 -35.44 9.20 3.97
C LYS I 47 -36.19 10.42 3.48
N LYS I 48 -37.49 10.46 3.73
CA LYS I 48 -38.33 11.56 3.30
C LYS I 48 -39.16 12.13 4.45
N LEU I 49 -39.67 13.34 4.27
CA LEU I 49 -40.53 13.96 5.26
C LEU I 49 -41.98 13.62 4.97
N GLN I 50 -42.69 13.10 5.97
CA GLN I 50 -44.10 12.74 5.82
C GLN I 50 -44.93 14.01 5.66
N HIS I 51 -44.79 14.92 6.61
CA HIS I 51 -45.46 16.22 6.53
C HIS I 51 -44.43 17.32 6.35
N SER I 52 -44.49 18.00 5.21
CA SER I 52 -43.51 19.02 4.86
C SER I 52 -43.88 20.39 5.44
N THR I 53 -43.13 20.82 6.44
CA THR I 53 -43.32 22.14 7.02
C THR I 53 -41.99 22.89 7.09
N GLU I 54 -42.06 24.19 7.30
CA GLU I 54 -40.85 25.02 7.33
C GLU I 54 -39.97 24.68 8.53
N GLU I 55 -40.59 24.21 9.61
CA GLU I 55 -39.83 23.85 10.80
C GLU I 55 -39.12 22.52 10.61
N HIS I 56 -39.43 21.83 9.51
CA HIS I 56 -38.81 20.55 9.20
C HIS I 56 -37.81 20.69 8.06
N LEU I 57 -38.25 21.30 6.96
CA LEU I 57 -37.43 21.44 5.75
C LEU I 57 -36.11 22.20 5.94
N ARG I 58 -36.07 23.13 6.89
CA ARG I 58 -34.85 23.87 7.17
C ARG I 58 -33.82 22.98 7.85
N ASP I 59 -34.26 22.26 8.87
CA ASP I 59 -33.38 21.39 9.65
C ASP I 59 -33.01 20.13 8.88
N PHE I 60 -33.90 19.67 8.01
CA PHE I 60 -33.66 18.46 7.24
C PHE I 60 -32.55 18.66 6.21
N GLU I 61 -32.54 19.84 5.59
CA GLU I 61 -31.50 20.18 4.62
C GLU I 61 -30.18 20.42 5.34
N ARG I 62 -30.27 20.94 6.55
CA ARG I 62 -29.10 21.17 7.39
C ARG I 62 -28.42 19.83 7.72
N GLU I 63 -29.23 18.81 7.96
CA GLU I 63 -28.73 17.47 8.23
C GLU I 63 -27.98 16.90 7.02
N ILE I 64 -28.53 17.15 5.82
CA ILE I 64 -27.91 16.66 4.59
C ILE I 64 -26.55 17.31 4.35
N GLU I 65 -26.47 18.61 4.58
CA GLU I 65 -25.21 19.35 4.41
C GLU I 65 -24.14 18.86 5.38
N ILE I 66 -24.59 18.31 6.51
CA ILE I 66 -23.69 17.71 7.47
C ILE I 66 -23.21 16.36 6.99
N LEU I 67 -24.16 15.50 6.62
CA LEU I 67 -23.86 14.15 6.13
C LEU I 67 -23.05 14.18 4.84
N LYS I 68 -23.30 15.20 4.02
CA LYS I 68 -22.59 15.35 2.75
C LYS I 68 -21.09 15.53 2.99
N SER I 69 -20.75 16.25 4.06
CA SER I 69 -19.36 16.52 4.40
C SER I 69 -18.71 15.39 5.18
N LEU I 70 -19.47 14.35 5.50
CA LEU I 70 -18.96 13.23 6.28
C LEU I 70 -18.59 12.02 5.42
N GLN I 71 -17.29 11.73 5.34
CA GLN I 71 -16.79 10.58 4.61
C GLN I 71 -15.96 9.71 5.55
N HIS I 72 -16.56 8.62 6.01
CA HIS I 72 -15.91 7.77 7.00
C HIS I 72 -16.42 6.33 6.84
N ASP I 73 -15.58 5.38 7.26
CA ASP I 73 -15.93 3.97 7.19
C ASP I 73 -17.03 3.59 8.18
N ASN I 74 -17.05 4.29 9.31
CA ASN I 74 -18.01 4.01 10.38
C ASN I 74 -19.14 5.03 10.44
N ILE I 75 -19.19 5.89 9.43
CA ILE I 75 -20.30 6.82 9.26
C ILE I 75 -21.07 6.44 8.01
N VAL I 76 -22.39 6.37 8.11
CA VAL I 76 -23.23 6.00 6.97
C VAL I 76 -22.93 6.91 5.77
N LYS I 77 -22.83 6.30 4.60
CA LYS I 77 -22.39 7.00 3.39
C LYS I 77 -23.53 7.76 2.69
N TYR I 78 -23.31 9.04 2.42
CA TYR I 78 -24.27 9.85 1.68
C TYR I 78 -24.23 9.51 0.18
N LYS I 79 -25.39 9.27 -0.40
CA LYS I 79 -25.48 8.96 -1.83
C LYS I 79 -25.83 10.21 -2.64
N GLY I 80 -27.07 10.67 -2.49
CA GLY I 80 -27.51 11.85 -3.21
C GLY I 80 -28.85 12.38 -2.74
N VAL I 81 -29.42 13.31 -3.50
CA VAL I 81 -30.69 13.93 -3.15
C VAL I 81 -31.58 14.15 -4.35
N CYS I 82 -32.88 14.31 -4.09
CA CYS I 82 -33.85 14.64 -5.13
C CYS I 82 -35.08 15.27 -4.48
N TYR I 83 -35.77 16.13 -5.23
CA TYR I 83 -36.93 16.83 -4.68
C TYR I 83 -38.25 16.23 -5.16
N SER I 84 -39.27 16.33 -4.32
CA SER I 84 -40.61 15.84 -4.67
C SER I 84 -41.61 17.00 -4.70
N ASN I 89 -41.32 19.05 -0.69
CA ASN I 89 -41.04 17.73 -0.15
C ASN I 89 -39.68 17.20 -0.59
N LEU I 90 -38.67 17.37 0.27
CA LEU I 90 -37.33 16.93 -0.05
C LEU I 90 -37.19 15.43 0.19
N ARG I 91 -36.14 14.82 -0.35
CA ARG I 91 -35.90 13.39 -0.19
C ARG I 91 -34.41 13.09 -0.20
N LEU I 92 -33.98 12.29 0.77
CA LEU I 92 -32.57 11.98 0.94
C LEU I 92 -32.26 10.53 0.57
N ILE I 93 -31.21 10.34 -0.23
CA ILE I 93 -30.80 9.01 -0.65
C ILE I 93 -29.54 8.57 0.10
N MET I 94 -29.59 7.37 0.68
CA MET I 94 -28.47 6.83 1.42
C MET I 94 -28.23 5.36 1.09
N GLU I 95 -27.10 4.83 1.53
CA GLU I 95 -26.78 3.43 1.31
C GLU I 95 -27.71 2.53 2.13
N TYR I 96 -27.94 1.32 1.63
CA TYR I 96 -28.77 0.34 2.35
C TYR I 96 -27.90 -0.65 3.11
N LEU I 97 -28.05 -0.67 4.43
CA LEU I 97 -27.36 -1.65 5.25
C LEU I 97 -28.36 -2.69 5.72
N PRO I 98 -28.27 -3.90 5.16
CA PRO I 98 -29.27 -4.97 5.27
C PRO I 98 -29.57 -5.41 6.69
N TYR I 99 -28.54 -5.54 7.52
CA TYR I 99 -28.72 -6.06 8.87
C TYR I 99 -29.40 -5.06 9.80
N GLY I 100 -29.62 -3.85 9.29
CA GLY I 100 -30.41 -2.84 9.99
C GLY I 100 -29.72 -2.17 11.16
N SER I 101 -30.52 -1.81 12.17
CA SER I 101 -30.00 -1.09 13.33
C SER I 101 -29.25 -2.04 14.26
N LEU I 102 -28.23 -1.51 14.91
CA LEU I 102 -27.44 -2.29 15.87
C LEU I 102 -28.29 -2.79 17.03
N ARG I 103 -29.28 -1.99 17.42
CA ARG I 103 -30.16 -2.34 18.53
C ARG I 103 -30.93 -3.61 18.23
N ASP I 104 -31.60 -3.62 17.07
CA ASP I 104 -32.39 -4.76 16.65
C ASP I 104 -31.50 -5.94 16.31
N TYR I 105 -30.31 -5.65 15.81
CA TYR I 105 -29.34 -6.68 15.43
C TYR I 105 -28.72 -7.34 16.65
N LEU I 106 -28.50 -6.55 17.69
CA LEU I 106 -27.90 -7.05 18.93
C LEU I 106 -28.86 -7.95 19.68
N GLN I 107 -30.15 -7.71 19.47
CA GLN I 107 -31.19 -8.50 20.11
C GLN I 107 -31.45 -9.81 19.37
N LYS I 108 -31.35 -9.75 18.04
CA LYS I 108 -31.56 -10.93 17.21
C LYS I 108 -30.46 -11.98 17.45
N HIS I 109 -29.22 -11.55 17.33
CA HIS I 109 -28.08 -12.46 17.47
C HIS I 109 -27.29 -12.17 18.74
N LYS I 110 -27.80 -12.66 19.87
CA LYS I 110 -27.19 -12.45 21.17
C LYS I 110 -25.99 -13.39 21.36
N GLU I 111 -26.18 -14.66 21.00
CA GLU I 111 -25.17 -15.68 21.23
C GLU I 111 -23.97 -15.51 20.31
N ARG I 112 -24.21 -15.02 19.10
CA ARG I 112 -23.15 -14.91 18.10
C ARG I 112 -22.25 -13.70 18.35
N ILE I 113 -22.55 -12.94 19.40
CA ILE I 113 -21.73 -11.80 19.80
C ILE I 113 -21.17 -11.99 21.21
N ASP I 114 -19.84 -11.93 21.33
CA ASP I 114 -19.16 -12.16 22.59
C ASP I 114 -18.63 -10.85 23.18
N HIS I 115 -17.81 -10.95 24.22
CA HIS I 115 -17.23 -9.76 24.85
C HIS I 115 -16.29 -9.02 23.90
N LYS I 116 -15.40 -9.76 23.27
CA LYS I 116 -14.42 -9.18 22.36
C LYS I 116 -15.06 -8.52 21.14
N LYS I 117 -16.21 -9.02 20.72
CA LYS I 117 -16.95 -8.46 19.60
C LYS I 117 -17.61 -7.13 19.98
N LEU I 118 -18.19 -7.09 21.18
CA LEU I 118 -18.79 -5.87 21.69
C LEU I 118 -17.73 -4.80 21.86
N LEU I 119 -16.52 -5.23 22.19
CA LEU I 119 -15.38 -4.33 22.29
C LEU I 119 -15.00 -3.76 20.92
N GLN I 120 -15.23 -4.56 19.87
CA GLN I 120 -14.94 -4.13 18.52
C GLN I 120 -15.89 -3.02 18.08
N TYR I 121 -17.16 -3.18 18.42
CA TYR I 121 -18.17 -2.18 18.10
C TYR I 121 -17.87 -0.87 18.82
N THR I 122 -17.53 -0.97 20.09
CA THR I 122 -17.21 0.21 20.90
C THR I 122 -16.05 0.99 20.30
N SER I 123 -15.03 0.27 19.84
CA SER I 123 -13.85 0.88 19.23
C SER I 123 -14.18 1.60 17.93
N GLN I 124 -15.14 1.06 17.19
CA GLN I 124 -15.56 1.67 15.93
C GLN I 124 -16.35 2.95 16.18
N ILE I 125 -17.20 2.94 17.21
CA ILE I 125 -18.01 4.09 17.57
C ILE I 125 -17.16 5.29 18.02
N CYS I 126 -16.10 5.02 18.79
CA CYS I 126 -15.19 6.07 19.24
C CYS I 126 -14.46 6.73 18.07
N LYS I 127 -13.87 5.92 17.21
CA LYS I 127 -13.15 6.42 16.03
C LYS I 127 -14.07 7.25 15.12
N GLY I 128 -15.35 6.95 15.17
CA GLY I 128 -16.34 7.72 14.44
C GLY I 128 -16.66 9.03 15.13
N MET I 129 -16.67 9.00 16.47
CA MET I 129 -16.96 10.19 17.27
C MET I 129 -15.80 11.19 17.27
N GLU I 130 -14.58 10.69 17.07
CA GLU I 130 -13.42 11.57 16.96
C GLU I 130 -13.50 12.36 15.66
N TYR I 131 -13.86 11.66 14.58
CA TYR I 131 -14.06 12.30 13.28
C TYR I 131 -15.26 13.25 13.31
N LEU I 132 -16.25 12.89 14.13
CA LEU I 132 -17.44 13.71 14.29
C LEU I 132 -17.12 14.96 15.11
N GLY I 133 -16.33 14.77 16.16
CA GLY I 133 -15.94 15.88 17.02
C GLY I 133 -14.93 16.80 16.36
N THR I 134 -14.12 16.24 15.45
CA THR I 134 -13.07 17.00 14.79
C THR I 134 -13.65 18.06 13.85
N LYS I 135 -14.83 17.77 13.29
CA LYS I 135 -15.49 18.72 12.41
C LYS I 135 -16.47 19.59 13.19
N ARG I 136 -16.31 19.60 14.51
CA ARG I 136 -17.12 20.41 15.42
C ARG I 136 -18.62 20.09 15.27
N TYR I 137 -18.98 18.83 15.50
CA TYR I 137 -20.38 18.41 15.47
C TYR I 137 -20.80 17.78 16.78
N ILE I 138 -22.04 18.01 17.19
CA ILE I 138 -22.60 17.39 18.37
C ILE I 138 -23.82 16.55 18.00
N HIS I 139 -23.70 15.24 18.13
CA HIS I 139 -24.79 14.34 17.72
C HIS I 139 -25.97 14.33 18.69
N ARG I 140 -25.68 14.28 19.99
CA ARG I 140 -26.73 14.27 21.04
C ARG I 140 -27.60 13.01 21.03
N ASP I 141 -27.97 12.56 19.83
CA ASP I 141 -28.90 11.46 19.65
C ASP I 141 -28.16 10.11 19.68
N LEU I 142 -27.03 10.09 20.36
CA LEU I 142 -26.19 8.89 20.45
C LEU I 142 -26.92 7.73 21.14
N ALA I 143 -27.29 6.72 20.36
CA ALA I 143 -27.95 5.54 20.90
C ALA I 143 -27.84 4.37 19.93
N THR I 144 -28.02 3.15 20.43
CA THR I 144 -27.92 1.95 19.60
C THR I 144 -29.06 1.86 18.57
N ARG I 145 -30.13 2.62 18.83
CA ARG I 145 -31.25 2.70 17.90
C ARG I 145 -30.89 3.57 16.70
N ASN I 146 -29.76 4.26 16.80
CA ASN I 146 -29.27 5.12 15.73
C ASN I 146 -28.00 4.61 15.06
N ILE I 147 -27.57 3.40 15.42
CA ILE I 147 -26.39 2.79 14.82
C ILE I 147 -26.78 1.66 13.86
N LEU I 148 -26.13 1.63 12.70
CA LEU I 148 -26.47 0.66 11.66
C LEU I 148 -25.41 -0.43 11.54
N VAL I 149 -25.76 -1.51 10.84
CA VAL I 149 -24.86 -2.64 10.66
C VAL I 149 -24.68 -3.02 9.20
N GLU I 150 -23.49 -2.78 8.65
CA GLU I 150 -23.19 -3.18 7.29
C GLU I 150 -22.79 -4.66 7.25
N ASN I 151 -21.92 -5.06 8.16
CA ASN I 151 -21.53 -6.46 8.31
C ASN I 151 -21.20 -6.84 9.75
N GLU I 152 -20.81 -8.10 9.96
CA GLU I 152 -20.54 -8.63 11.30
C GLU I 152 -19.42 -7.91 12.04
N ASN I 153 -18.50 -7.33 11.28
CA ASN I 153 -17.34 -6.69 11.87
C ASN I 153 -17.34 -5.18 11.64
N ARG I 154 -18.45 -4.65 11.15
CA ARG I 154 -18.52 -3.22 10.90
C ARG I 154 -19.87 -2.60 11.25
N VAL I 155 -19.81 -1.50 11.99
CA VAL I 155 -21.01 -0.75 12.34
C VAL I 155 -20.88 0.69 11.85
N LYS I 156 -22.01 1.32 11.54
CA LYS I 156 -22.00 2.70 11.07
C LYS I 156 -23.00 3.55 11.83
N ILE I 157 -22.65 4.82 12.02
CA ILE I 157 -23.52 5.77 12.71
C ILE I 157 -24.44 6.45 11.71
N GLY I 158 -25.74 6.47 12.01
CA GLY I 158 -26.72 7.06 11.11
C GLY I 158 -27.66 8.04 11.78
N ASP I 159 -28.51 8.67 10.97
CA ASP I 159 -29.47 9.66 11.43
C ASP I 159 -28.85 10.80 12.24
N PHE I 160 -28.30 11.78 11.54
CA PHE I 160 -27.72 12.95 12.19
C PHE I 160 -28.76 14.06 12.31
N GLY I 161 -30.02 13.65 12.51
CA GLY I 161 -31.12 14.58 12.63
C GLY I 161 -30.93 15.57 13.78
N LEU I 162 -30.47 15.07 14.92
CA LEU I 162 -30.27 15.91 16.10
C LEU I 162 -28.88 16.52 16.13
N THR I 163 -28.07 16.23 15.11
CA THR I 163 -26.72 16.77 15.04
C THR I 163 -26.70 18.25 14.66
N LYS I 164 -26.02 19.05 15.47
CA LYS I 164 -25.88 20.49 15.24
C LYS I 164 -24.41 20.88 15.04
N VAL I 165 -24.19 22.09 14.55
CA VAL I 165 -22.83 22.57 14.31
C VAL I 165 -22.39 23.54 15.40
N LEU I 166 -21.22 23.27 15.99
CA LEU I 166 -20.67 24.13 17.04
C LEU I 166 -20.21 25.47 16.49
N PRO I 167 -20.38 26.53 17.30
CA PRO I 167 -19.87 27.86 16.93
C PRO I 167 -18.35 27.85 16.86
N GLN I 168 -17.77 28.88 16.25
CA GLN I 168 -16.32 28.95 16.11
C GLN I 168 -15.65 29.22 17.45
N ASP I 169 -16.32 30.02 18.29
CA ASP I 169 -15.79 30.38 19.59
C ASP I 169 -16.35 29.54 20.73
N LYS I 170 -17.68 29.48 20.84
CA LYS I 170 -18.33 28.71 21.92
C LYS I 170 -18.18 27.21 21.72
N GLU I 171 -18.00 26.50 22.83
CA GLU I 171 -17.81 25.05 22.80
C GLU I 171 -19.10 24.30 23.15
N LYS I 174 -26.62 25.67 22.62
CA LYS I 174 -27.78 25.78 23.48
C LYS I 174 -29.06 25.95 22.67
N VAL I 175 -30.04 25.10 22.94
CA VAL I 175 -31.32 25.16 22.24
C VAL I 175 -32.40 25.66 23.19
N LYS I 176 -32.85 26.89 22.97
CA LYS I 176 -33.81 27.53 23.86
C LYS I 176 -35.23 27.03 23.62
N GLU I 177 -35.44 26.37 22.49
CA GLU I 177 -36.75 25.82 22.14
C GLU I 177 -36.66 24.33 21.85
N PRO I 178 -36.60 23.51 22.92
CA PRO I 178 -36.43 22.06 22.77
C PRO I 178 -37.69 21.32 22.32
N GLY I 179 -37.49 20.24 21.58
CA GLY I 179 -38.56 19.36 21.16
C GLY I 179 -38.42 18.01 21.83
N GLU I 180 -39.09 17.00 21.28
CA GLU I 180 -38.97 15.63 21.77
C GLU I 180 -37.51 15.16 21.77
N SER I 181 -37.08 14.56 22.86
CA SER I 181 -35.68 14.18 23.01
C SER I 181 -35.49 12.89 23.81
N PRO I 182 -34.42 12.13 23.50
CA PRO I 182 -34.02 10.95 24.28
C PRO I 182 -33.34 11.40 25.58
N ILE I 183 -34.13 11.76 26.57
CA ILE I 183 -33.62 12.40 27.79
C ILE I 183 -32.74 11.49 28.65
N PHE I 184 -32.80 10.19 28.42
CA PHE I 184 -31.99 9.25 29.19
C PHE I 184 -30.57 9.17 28.65
N TRP I 185 -30.43 9.46 27.35
CA TRP I 185 -29.13 9.47 26.71
C TRP I 185 -28.50 10.87 26.82
N TYR I 186 -29.25 11.79 27.40
CA TYR I 186 -28.78 13.16 27.57
C TYR I 186 -27.99 13.40 28.85
N ALA I 187 -27.04 14.33 28.78
CA ALA I 187 -26.29 14.75 29.94
C ALA I 187 -27.18 15.61 30.84
N PRO I 188 -26.84 15.72 32.13
CA PRO I 188 -27.59 16.59 33.06
C PRO I 188 -27.62 18.04 32.58
N GLU I 189 -26.53 18.49 31.96
CA GLU I 189 -26.47 19.85 31.43
C GLU I 189 -27.44 20.05 30.28
N SER I 190 -27.78 18.95 29.61
CA SER I 190 -28.73 19.01 28.49
C SER I 190 -30.15 18.92 29.01
N LEU I 191 -30.30 18.49 30.26
CA LEU I 191 -31.60 18.35 30.90
C LEU I 191 -32.03 19.65 31.58
N THR I 192 -31.06 20.36 32.15
CA THR I 192 -31.34 21.58 32.90
C THR I 192 -31.37 22.82 32.01
N GLU I 193 -30.25 23.10 31.35
CA GLU I 193 -30.15 24.29 30.51
C GLU I 193 -30.30 24.00 29.02
N SER I 194 -30.52 22.73 28.69
CA SER I 194 -30.58 22.28 27.30
C SER I 194 -29.29 22.64 26.55
N LYS I 195 -28.16 22.41 27.22
CA LYS I 195 -26.85 22.70 26.65
C LYS I 195 -26.13 21.43 26.21
N PHE I 196 -25.76 21.38 24.94
CA PHE I 196 -25.13 20.19 24.37
C PHE I 196 -23.67 20.45 23.99
N SER I 197 -22.76 19.78 24.67
CA SER I 197 -21.34 19.89 24.35
C SER I 197 -20.88 18.58 23.73
N VAL I 198 -19.57 18.44 23.51
CA VAL I 198 -19.03 17.17 23.05
C VAL I 198 -19.07 16.19 24.22
N ALA I 199 -19.05 16.72 25.43
CA ALA I 199 -19.14 15.91 26.64
C ALA I 199 -20.55 15.37 26.84
N SER I 200 -21.52 16.04 26.23
CA SER I 200 -22.90 15.57 26.25
C SER I 200 -23.05 14.31 25.39
N ASP I 201 -22.09 14.10 24.49
CA ASP I 201 -22.02 12.89 23.69
C ASP I 201 -21.22 11.82 24.42
N VAL I 202 -20.28 12.26 25.26
CA VAL I 202 -19.52 11.34 26.09
C VAL I 202 -20.43 10.68 27.12
N TRP I 203 -21.33 11.47 27.68
CA TRP I 203 -22.36 10.95 28.58
C TRP I 203 -23.24 9.99 27.81
N SER I 204 -23.70 10.44 26.64
CA SER I 204 -24.54 9.63 25.76
C SER I 204 -23.83 8.35 25.38
N PHE I 205 -22.54 8.46 25.09
CA PHE I 205 -21.70 7.29 24.80
C PHE I 205 -21.60 6.37 26.01
N GLY I 206 -21.63 6.95 27.20
CA GLY I 206 -21.65 6.17 28.43
C GLY I 206 -22.90 5.31 28.46
N VAL I 207 -24.02 5.89 28.03
CA VAL I 207 -25.30 5.19 27.97
C VAL I 207 -25.32 4.15 26.84
N VAL I 208 -24.68 4.49 25.72
CA VAL I 208 -24.57 3.57 24.59
C VAL I 208 -23.72 2.36 24.95
N LEU I 209 -22.63 2.61 25.66
CA LEU I 209 -21.76 1.54 26.13
C LEU I 209 -22.53 0.61 27.07
N TYR I 210 -23.49 1.17 27.79
CA TYR I 210 -24.34 0.37 28.66
C TYR I 210 -25.22 -0.56 27.83
N GLU I 211 -25.82 -0.02 26.78
CA GLU I 211 -26.69 -0.77 25.89
C GLU I 211 -25.98 -1.97 25.26
N LEU I 212 -24.70 -1.82 24.98
CA LEU I 212 -23.92 -2.87 24.35
C LEU I 212 -23.73 -4.09 25.23
N PHE I 213 -23.24 -3.88 26.45
CA PHE I 213 -22.94 -4.98 27.36
C PHE I 213 -24.16 -5.55 28.08
N THR I 214 -25.32 -4.97 27.80
CA THR I 214 -26.58 -5.49 28.30
C THR I 214 -27.33 -6.20 27.18
N TYR I 215 -26.96 -5.90 25.94
CA TYR I 215 -27.75 -6.26 24.76
C TYR I 215 -29.17 -5.70 24.84
N ILE I 216 -29.37 -4.76 25.76
CA ILE I 216 -30.69 -4.20 26.07
C ILE I 216 -31.70 -5.33 26.27
N GLU I 217 -31.37 -6.26 27.17
CA GLU I 217 -32.18 -7.45 27.36
C GLU I 217 -33.26 -7.24 28.42
N LYS I 218 -34.51 -7.42 28.00
CA LYS I 218 -35.64 -7.41 28.92
C LYS I 218 -35.77 -6.08 29.67
N SER I 219 -35.21 -6.01 30.87
CA SER I 219 -35.29 -4.80 31.68
C SER I 219 -33.89 -4.36 32.05
N LYS I 220 -33.01 -4.40 31.05
CA LYS I 220 -31.67 -3.84 31.15
C LYS I 220 -31.59 -2.72 30.13
N SER I 221 -32.73 -2.06 29.93
CA SER I 221 -32.82 -0.96 28.98
C SER I 221 -32.62 0.35 29.71
N PRO I 222 -31.96 1.32 29.05
CA PRO I 222 -31.78 2.66 29.61
C PRO I 222 -33.07 3.32 30.14
N PRO I 223 -34.20 3.21 29.42
CA PRO I 223 -35.41 3.75 30.03
C PRO I 223 -35.87 2.96 31.26
N VAL I 224 -35.97 1.64 31.11
CA VAL I 224 -36.52 0.78 32.16
C VAL I 224 -35.73 0.83 33.47
N GLU I 225 -34.42 1.01 33.39
CA GLU I 225 -33.58 1.09 34.59
C GLU I 225 -33.75 2.43 35.29
N PHE I 226 -33.73 3.50 34.51
CA PHE I 226 -33.91 4.85 35.03
C PHE I 226 -35.31 5.05 35.61
N MET I 227 -36.31 4.50 34.91
CA MET I 227 -37.69 4.56 35.38
C MET I 227 -37.87 3.79 36.67
N ARG I 228 -37.11 2.70 36.80
CA ARG I 228 -37.16 1.86 38.00
C ARG I 228 -36.63 2.62 39.22
N MET I 229 -35.72 3.55 38.98
CA MET I 229 -35.09 4.33 40.05
C MET I 229 -35.91 5.53 40.50
N ILE I 230 -36.53 6.23 39.55
CA ILE I 230 -37.34 7.41 39.87
C ILE I 230 -38.79 7.05 40.18
N GLY I 231 -39.10 5.76 40.09
CA GLY I 231 -40.43 5.26 40.38
C GLY I 231 -41.25 5.12 39.10
N ASN I 232 -41.83 3.95 38.89
CA ASN I 232 -42.65 3.70 37.71
C ASN I 232 -44.09 4.21 37.90
N ASP I 233 -44.21 5.50 38.18
CA ASP I 233 -45.51 6.14 38.33
C ASP I 233 -45.43 7.60 37.92
N LYS I 234 -44.27 8.21 38.13
CA LYS I 234 -44.01 9.60 37.76
C LYS I 234 -44.09 9.82 36.25
N GLN I 235 -45.06 10.61 35.83
CA GLN I 235 -45.26 10.88 34.40
C GLN I 235 -45.35 12.38 34.07
N GLY I 236 -45.46 12.68 32.77
CA GLY I 236 -45.51 14.05 32.31
C GLY I 236 -44.13 14.66 32.14
N GLN I 237 -44.08 15.98 32.06
CA GLN I 237 -42.80 16.67 31.95
C GLN I 237 -42.04 16.59 33.27
N MET I 238 -42.77 16.32 34.35
CA MET I 238 -42.18 16.23 35.68
C MET I 238 -41.17 15.09 35.85
N ILE I 239 -41.10 14.21 34.86
CA ILE I 239 -40.11 13.14 34.86
C ILE I 239 -38.71 13.71 34.74
N VAL I 240 -38.58 14.71 33.86
CA VAL I 240 -37.29 15.35 33.61
C VAL I 240 -36.72 15.91 34.92
N PHE I 241 -37.61 16.45 35.74
CA PHE I 241 -37.22 16.99 37.03
C PHE I 241 -36.68 15.90 37.95
N HIS I 242 -37.45 14.82 38.10
CA HIS I 242 -37.04 13.70 38.95
C HIS I 242 -35.72 13.09 38.50
N LEU I 243 -35.52 13.03 37.18
CA LEU I 243 -34.29 12.48 36.62
C LEU I 243 -33.06 13.31 37.00
N ILE I 244 -33.20 14.63 36.92
CA ILE I 244 -32.12 15.53 37.28
C ILE I 244 -31.76 15.36 38.75
N GLU I 245 -32.77 15.21 39.59
CA GLU I 245 -32.57 14.96 41.02
C GLU I 245 -31.80 13.66 41.25
N LEU I 246 -32.08 12.66 40.44
CA LEU I 246 -31.42 11.37 40.55
C LEU I 246 -29.95 11.45 40.12
N LEU I 247 -29.70 12.24 39.09
CA LEU I 247 -28.35 12.39 38.55
C LEU I 247 -27.52 13.33 39.41
N LYS I 248 -28.18 14.30 40.02
CA LYS I 248 -27.51 15.22 40.93
C LYS I 248 -27.13 14.51 42.23
N SER I 249 -27.88 13.46 42.56
CA SER I 249 -27.62 12.67 43.76
C SER I 249 -26.65 11.54 43.46
N ASN I 250 -25.93 11.66 42.35
CA ASN I 250 -24.91 10.69 41.94
C ASN I 250 -25.43 9.28 41.73
N GLY I 251 -26.68 9.18 41.26
CA GLY I 251 -27.25 7.89 40.90
C GLY I 251 -27.20 7.63 39.41
N ARG I 252 -26.77 6.42 39.04
CA ARG I 252 -26.66 6.04 37.63
C ARG I 252 -27.21 4.64 37.39
N LEU I 253 -27.22 4.23 36.13
CA LEU I 253 -27.63 2.88 35.75
C LEU I 253 -26.66 1.85 36.32
N PRO I 254 -27.21 0.79 36.96
CA PRO I 254 -26.41 -0.24 37.62
C PRO I 254 -25.53 -1.04 36.64
N ARG I 255 -24.61 -1.84 37.20
CA ARG I 255 -23.73 -2.69 36.41
C ARG I 255 -24.49 -3.70 35.57
N PRO I 256 -24.15 -3.78 34.27
CA PRO I 256 -24.69 -4.79 33.34
C PRO I 256 -24.31 -6.20 33.76
N GLU I 257 -25.23 -7.11 33.53
CA GLU I 257 -25.05 -8.52 33.85
C GLU I 257 -23.91 -9.12 33.03
N GLY I 258 -22.86 -9.55 33.73
CA GLY I 258 -21.70 -10.12 33.08
C GLY I 258 -20.90 -9.09 32.29
N CYS I 259 -20.54 -7.99 32.96
CA CYS I 259 -19.76 -6.94 32.35
C CYS I 259 -18.38 -6.82 32.99
N PRO I 260 -17.32 -6.73 32.17
CA PRO I 260 -15.93 -6.54 32.63
C PRO I 260 -15.76 -5.32 33.53
N ASP I 261 -14.79 -5.39 34.43
CA ASP I 261 -14.59 -4.37 35.45
C ASP I 261 -14.13 -3.02 34.89
N GLU I 262 -13.17 -3.06 33.98
CA GLU I 262 -12.62 -1.84 33.39
C GLU I 262 -13.62 -1.10 32.50
N ILE I 263 -14.60 -1.82 31.98
CA ILE I 263 -15.61 -1.22 31.10
C ILE I 263 -16.62 -0.39 31.89
N TYR I 264 -17.03 -0.93 33.04
CA TYR I 264 -17.98 -0.23 33.92
C TYR I 264 -17.33 1.04 34.46
N VAL I 265 -16.02 1.01 34.60
CA VAL I 265 -15.24 2.18 35.02
C VAL I 265 -15.40 3.31 34.02
N ILE I 266 -15.31 2.97 32.73
CA ILE I 266 -15.45 3.95 31.65
C ILE I 266 -16.80 4.65 31.67
N MET I 267 -17.87 3.88 31.87
CA MET I 267 -19.23 4.45 31.92
C MET I 267 -19.41 5.47 33.03
N THR I 268 -18.97 5.11 34.24
CA THR I 268 -19.15 5.98 35.40
C THR I 268 -18.32 7.26 35.26
N GLU I 269 -17.28 7.20 34.44
CA GLU I 269 -16.44 8.36 34.16
C GLU I 269 -17.07 9.23 33.06
N CYS I 270 -17.83 8.60 32.18
CA CYS I 270 -18.59 9.33 31.17
C CYS I 270 -19.85 9.88 31.81
N TRP I 271 -20.32 9.20 32.86
CA TRP I 271 -21.50 9.63 33.60
C TRP I 271 -21.11 10.53 34.76
N ASN I 272 -19.89 11.07 34.69
CA ASN I 272 -19.44 12.01 35.70
C ASN I 272 -20.17 13.33 35.52
N ASN I 273 -20.58 13.95 36.63
CA ASN I 273 -21.33 15.19 36.58
C ASN I 273 -20.54 16.34 35.96
N ASN I 274 -19.32 16.53 36.42
CA ASN I 274 -18.46 17.58 35.90
C ASN I 274 -18.03 17.34 34.46
N VAL I 275 -18.15 18.38 33.64
CA VAL I 275 -17.87 18.30 32.21
C VAL I 275 -16.39 17.99 31.92
N SER I 276 -15.50 18.62 32.66
CA SER I 276 -14.06 18.43 32.48
C SER I 276 -13.64 17.01 32.84
N GLN I 277 -14.29 16.44 33.85
CA GLN I 277 -13.94 15.10 34.33
C GLN I 277 -14.38 14.01 33.37
N ARG I 278 -15.18 14.36 32.38
CA ARG I 278 -15.56 13.42 31.33
C ARG I 278 -14.40 13.23 30.36
N PRO I 279 -13.89 11.99 30.24
CA PRO I 279 -12.75 11.67 29.37
C PRO I 279 -13.04 11.90 27.88
N SER I 280 -12.05 12.41 27.17
CA SER I 280 -12.19 12.66 25.73
C SER I 280 -12.20 11.37 24.92
N PHE I 281 -12.66 11.47 23.67
CA PHE I 281 -12.72 10.30 22.79
C PHE I 281 -11.33 9.81 22.39
N ARG I 282 -10.34 10.69 22.51
CA ARG I 282 -8.95 10.30 22.29
C ARG I 282 -8.53 9.34 23.41
N ASP I 283 -8.84 9.73 24.64
CA ASP I 283 -8.51 8.92 25.81
C ASP I 283 -9.31 7.63 25.84
N LEU I 284 -10.54 7.69 25.34
CA LEU I 284 -11.42 6.52 25.33
C LEU I 284 -10.91 5.45 24.37
N SER I 285 -10.70 5.82 23.12
CA SER I 285 -10.26 4.89 22.08
C SER I 285 -8.92 4.24 22.42
N LEU I 286 -8.11 4.96 23.19
CA LEU I 286 -6.82 4.45 23.65
C LEU I 286 -7.03 3.31 24.65
N ARG I 287 -7.89 3.55 25.63
CA ARG I 287 -8.20 2.56 26.65
C ARG I 287 -8.91 1.35 26.07
N VAL I 288 -9.80 1.59 25.10
CA VAL I 288 -10.57 0.53 24.45
C VAL I 288 -9.67 -0.48 23.75
N ASP I 289 -8.80 0.03 22.89
CA ASP I 289 -7.89 -0.81 22.11
C ASP I 289 -6.87 -1.52 23.01
N GLN I 290 -6.62 -0.92 24.17
CA GLN I 290 -5.69 -1.47 25.14
C GLN I 290 -6.19 -2.78 25.74
N ILE I 291 -7.50 -2.83 25.99
CA ILE I 291 -8.11 -4.01 26.59
C ILE I 291 -8.45 -5.06 25.53
N ARG I 292 -8.63 -4.62 24.30
CA ARG I 292 -8.94 -5.51 23.19
C ARG I 292 -7.78 -6.47 22.92
N ASP I 293 -6.58 -5.92 22.86
CA ASP I 293 -5.40 -6.72 22.56
C ASP I 293 -4.95 -7.54 23.78
N SER I 294 -5.45 -7.18 24.95
CA SER I 294 -5.16 -7.94 26.15
C SER I 294 -5.94 -9.25 26.10
N ILE I 295 -7.15 -9.17 25.56
CA ILE I 295 -8.01 -10.34 25.42
C ILE I 295 -7.86 -10.99 24.04
N LEU J 6 -40.07 13.98 24.80
CA LEU J 6 -40.06 14.72 26.06
C LEU J 6 -39.48 16.11 25.87
N LYS J 7 -40.01 17.07 26.62
CA LYS J 7 -39.50 18.44 26.56
C LYS J 7 -38.53 18.69 27.71
N THR J 8 -37.28 18.98 27.38
CA THR J 8 -36.30 19.31 28.40
C THR J 8 -36.43 20.78 28.77
N PHE J 9 -35.87 21.15 29.93
CA PHE J 9 -35.95 22.51 30.42
C PHE J 9 -35.30 23.47 29.44
N SER J 10 -35.83 24.69 29.38
CA SER J 10 -35.32 25.71 28.47
C SER J 10 -34.05 26.34 29.03
N SER J 11 -34.05 26.61 30.32
CA SER J 11 -32.90 27.23 30.98
C SER J 11 -32.82 26.88 32.46
N LYS J 12 -31.70 27.21 33.09
CA LYS J 12 -31.50 27.01 34.52
C LYS J 12 -32.55 27.75 35.33
N SER J 13 -32.97 28.91 34.82
CA SER J 13 -33.98 29.73 35.46
C SER J 13 -35.29 28.95 35.58
N GLU J 14 -35.63 28.22 34.53
CA GLU J 14 -36.86 27.44 34.48
C GLU J 14 -36.81 26.24 35.43
N TYR J 15 -35.62 25.71 35.65
CA TYR J 15 -35.45 24.55 36.53
C TYR J 15 -35.63 24.86 38.01
N GLN J 16 -34.91 25.87 38.50
CA GLN J 16 -35.00 26.26 39.90
C GLN J 16 -36.40 26.77 40.26
N LEU J 17 -37.12 27.23 39.23
CA LEU J 17 -38.50 27.66 39.40
C LEU J 17 -39.38 26.50 39.85
N VAL J 18 -39.22 25.36 39.19
CA VAL J 18 -40.01 24.18 39.51
C VAL J 18 -39.61 23.61 40.86
N VAL J 19 -38.32 23.72 41.20
CA VAL J 19 -37.82 23.26 42.48
C VAL J 19 -38.55 23.93 43.64
N ASN J 20 -38.71 25.25 43.54
CA ASN J 20 -39.47 26.00 44.54
C ASN J 20 -40.98 25.87 44.38
N ALA J 21 -41.41 25.63 43.14
CA ALA J 21 -42.83 25.44 42.86
C ALA J 21 -43.32 24.14 43.49
N VAL J 22 -42.55 23.08 43.34
CA VAL J 22 -42.90 21.78 43.90
C VAL J 22 -42.66 21.73 45.42
N ARG J 23 -41.69 22.52 45.89
CA ARG J 23 -41.41 22.62 47.31
C ARG J 23 -42.63 23.18 48.03
N LYS J 24 -43.09 24.33 47.56
CA LYS J 24 -44.24 25.00 48.14
C LYS J 24 -45.54 24.24 47.88
N LEU J 25 -45.54 23.39 46.85
CA LEU J 25 -46.70 22.57 46.52
C LEU J 25 -46.89 21.39 47.46
N GLN J 26 -45.78 20.71 47.80
CA GLN J 26 -45.84 19.59 48.73
C GLN J 26 -46.28 20.06 50.11
N GLU J 27 -45.93 21.31 50.42
CA GLU J 27 -46.32 21.93 51.68
C GLU J 27 -47.78 22.30 51.67
N SER J 28 -48.33 22.50 50.47
CA SER J 28 -49.73 22.90 50.32
C SER J 28 -50.71 21.83 50.79
N GLY J 29 -50.36 20.57 50.56
CA GLY J 29 -51.16 19.47 51.07
C GLY J 29 -52.13 18.88 50.06
N PHE J 30 -52.58 19.70 49.12
CA PHE J 30 -53.50 19.22 48.09
C PHE J 30 -52.78 18.89 46.79
N TYR J 31 -51.48 18.67 46.90
CA TYR J 31 -50.68 18.27 45.75
C TYR J 31 -50.57 16.75 45.68
N TRP J 32 -51.13 16.18 44.62
CA TRP J 32 -51.10 14.74 44.42
C TRP J 32 -50.04 14.38 43.38
N SER J 33 -48.89 13.91 43.86
CA SER J 33 -47.76 13.64 42.98
C SER J 33 -48.00 12.44 42.07
N ALA J 34 -47.77 12.63 40.78
CA ALA J 34 -47.79 11.55 39.80
C ALA J 34 -49.13 10.84 39.68
N VAL J 35 -50.22 11.51 40.07
CA VAL J 35 -51.55 10.96 39.93
C VAL J 35 -52.14 11.34 38.58
N THR J 36 -52.64 10.34 37.84
CA THR J 36 -53.20 10.58 36.52
C THR J 36 -54.59 11.21 36.58
N GLY J 37 -55.13 11.55 35.41
CA GLY J 37 -56.45 12.18 35.34
C GLY J 37 -57.57 11.20 35.63
N GLY J 38 -57.22 9.93 35.74
CA GLY J 38 -58.19 8.88 36.05
C GLY J 38 -58.72 8.95 37.46
N GLU J 39 -57.81 8.88 38.43
CA GLU J 39 -58.18 8.93 39.83
C GLU J 39 -58.79 10.28 40.18
N ALA J 40 -58.45 11.29 39.38
CA ALA J 40 -59.02 12.63 39.54
C ALA J 40 -60.53 12.60 39.39
N ASN J 41 -60.99 11.89 38.36
CA ASN J 41 -62.43 11.74 38.12
C ASN J 41 -63.07 10.85 39.18
N LEU J 42 -62.23 10.21 39.98
CA LEU J 42 -62.69 9.26 41.00
C LEU J 42 -62.65 9.85 42.40
N LEU J 43 -61.50 10.38 42.80
CA LEU J 43 -61.34 10.98 44.12
C LEU J 43 -62.29 12.17 44.28
N LEU J 44 -62.54 12.86 43.17
CA LEU J 44 -63.38 14.05 43.15
C LEU J 44 -64.82 13.71 42.81
N SER J 45 -65.18 12.44 42.91
CA SER J 45 -66.55 12.01 42.64
C SER J 45 -67.42 12.15 43.89
N ALA J 46 -66.86 11.83 45.05
CA ALA J 46 -67.59 11.95 46.30
C ALA J 46 -67.35 13.31 46.94
N GLU J 47 -66.87 14.25 46.13
CA GLU J 47 -66.64 15.60 46.62
C GLU J 47 -67.58 16.57 45.91
N PRO J 48 -68.00 17.63 46.61
CA PRO J 48 -68.94 18.60 46.03
C PRO J 48 -68.29 19.41 44.92
N ALA J 49 -69.12 20.03 44.08
CA ALA J 49 -68.63 20.88 43.00
C ALA J 49 -67.83 22.06 43.54
N GLY J 50 -66.56 22.14 43.14
CA GLY J 50 -65.69 23.21 43.60
C GLY J 50 -64.46 22.68 44.32
N THR J 51 -64.42 21.37 44.51
CA THR J 51 -63.26 20.73 45.13
C THR J 51 -62.18 20.50 44.07
N PHE J 52 -60.94 20.81 44.40
CA PHE J 52 -59.86 20.72 43.43
C PHE J 52 -58.59 20.07 43.98
N LEU J 53 -57.65 19.79 43.08
CA LEU J 53 -56.35 19.24 43.46
C LEU J 53 -55.33 19.52 42.35
N ILE J 54 -54.06 19.56 42.72
CA ILE J 54 -52.99 19.76 41.75
C ILE J 54 -52.13 18.51 41.60
N ARG J 55 -52.00 18.05 40.36
CA ARG J 55 -51.26 16.82 40.08
C ARG J 55 -50.24 17.06 38.97
N ASP J 56 -49.31 16.13 38.82
CA ASP J 56 -48.38 16.20 37.70
C ASP J 56 -49.15 15.90 36.41
N SER J 57 -49.00 16.77 35.42
CA SER J 57 -49.66 16.58 34.14
C SER J 57 -49.16 15.28 33.52
N SER J 58 -49.97 14.69 32.65
CA SER J 58 -49.56 13.48 31.96
C SER J 58 -48.83 13.85 30.68
N ASP J 59 -49.07 15.07 30.20
CA ASP J 59 -48.47 15.56 28.97
C ASP J 59 -47.01 15.93 29.18
N GLN J 60 -46.22 15.78 28.12
CA GLN J 60 -44.78 16.06 28.18
C GLN J 60 -44.50 17.55 28.01
N ARG J 61 -45.49 18.30 27.55
CA ARG J 61 -45.35 19.73 27.36
C ARG J 61 -45.60 20.50 28.65
N HIS J 62 -46.38 19.91 29.55
CA HIS J 62 -46.76 20.57 30.78
C HIS J 62 -46.28 19.83 32.01
N PHE J 63 -45.87 20.58 33.02
CA PHE J 63 -45.38 20.01 34.26
C PHE J 63 -46.54 19.58 35.14
N PHE J 64 -47.40 20.54 35.47
CA PHE J 64 -48.52 20.29 36.37
C PHE J 64 -49.87 20.48 35.66
N THR J 65 -50.93 19.99 36.31
CA THR J 65 -52.28 20.12 35.78
C THR J 65 -53.28 20.13 36.93
N LEU J 66 -54.21 21.10 36.90
CA LEU J 66 -55.21 21.23 37.94
C LEU J 66 -56.51 20.49 37.60
N SER J 67 -56.97 19.67 38.55
CA SER J 67 -58.22 18.95 38.37
C SER J 67 -59.25 19.46 39.38
N VAL J 68 -60.45 19.76 38.90
CA VAL J 68 -61.50 20.32 39.75
C VAL J 68 -62.87 19.75 39.39
N LYS J 69 -63.61 19.31 40.40
CA LYS J 69 -64.96 18.79 40.20
C LYS J 69 -65.96 19.92 40.03
N THR J 70 -66.73 19.85 38.95
CA THR J 70 -67.78 20.84 38.69
C THR J 70 -69.13 20.15 38.44
N GLN J 71 -70.11 20.94 38.01
CA GLN J 71 -71.47 20.44 37.79
C GLN J 71 -71.56 19.44 36.64
N SER J 72 -70.91 19.77 35.52
CA SER J 72 -70.93 18.88 34.35
C SER J 72 -70.14 17.60 34.63
N GLY J 73 -69.24 17.67 35.60
CA GLY J 73 -68.41 16.54 35.96
C GLY J 73 -67.02 17.02 36.31
N THR J 74 -66.08 16.09 36.39
CA THR J 74 -64.70 16.44 36.72
C THR J 74 -63.98 16.96 35.48
N LYS J 75 -63.47 18.19 35.57
CA LYS J 75 -62.79 18.82 34.43
C LYS J 75 -61.32 19.06 34.76
N ASN J 76 -60.46 18.90 33.76
CA ASN J 76 -59.02 19.06 33.95
C ASN J 76 -58.45 20.24 33.15
N LEU J 77 -57.47 20.93 33.73
CA LEU J 77 -56.89 22.12 33.10
C LEU J 77 -55.36 22.10 33.12
N ARG J 78 -54.76 22.34 31.95
CA ARG J 78 -53.32 22.35 31.78
C ARG J 78 -52.67 23.60 32.38
N ILE J 79 -51.50 23.40 33.00
CA ILE J 79 -50.73 24.51 33.54
C ILE J 79 -49.42 24.67 32.78
N GLN J 80 -49.41 25.62 31.85
CA GLN J 80 -48.26 25.85 30.99
C GLN J 80 -47.16 26.59 31.72
N CYS J 81 -45.91 26.24 31.43
CA CYS J 81 -44.76 26.95 32.00
C CYS J 81 -43.90 27.52 30.88
N GLU J 82 -44.02 28.83 30.67
CA GLU J 82 -43.28 29.50 29.60
C GLU J 82 -42.57 30.74 30.11
N GLY J 83 -41.25 30.76 29.98
CA GLY J 83 -40.45 31.89 30.40
C GLY J 83 -40.43 32.09 31.90
N GLY J 84 -40.68 31.02 32.64
CA GLY J 84 -40.62 31.06 34.09
C GLY J 84 -41.90 31.56 34.74
N SER J 85 -43.01 31.44 34.03
CA SER J 85 -44.29 31.89 34.56
C SER J 85 -45.41 30.91 34.27
N PHE J 86 -46.08 30.46 35.32
CA PHE J 86 -47.19 29.53 35.17
C PHE J 86 -48.48 30.26 34.81
N SER J 87 -49.13 29.80 33.75
CA SER J 87 -50.39 30.37 33.29
C SER J 87 -51.32 29.26 32.85
N LEU J 88 -52.61 29.54 32.87
CA LEU J 88 -53.59 28.60 32.35
C LEU J 88 -53.56 28.64 30.82
N GLN J 89 -53.95 27.53 30.20
CA GLN J 89 -53.99 27.45 28.74
C GLN J 89 -55.05 28.41 28.23
N SER J 90 -54.73 29.14 27.17
CA SER J 90 -55.63 30.18 26.68
C SER J 90 -56.68 29.63 25.73
N ASP J 91 -57.89 30.18 25.81
CA ASP J 91 -58.99 29.78 24.95
C ASP J 91 -59.05 30.73 23.74
N PRO J 92 -59.46 30.20 22.57
CA PRO J 92 -59.61 31.04 21.39
C PRO J 92 -60.70 32.11 21.58
N ARG J 93 -61.68 31.82 22.41
CA ARG J 93 -62.77 32.77 22.66
C ARG J 93 -62.46 33.69 23.85
N SER J 94 -61.28 33.53 24.44
CA SER J 94 -60.87 34.34 25.58
C SER J 94 -60.50 35.75 25.14
N THR J 95 -61.31 36.72 25.56
CA THR J 95 -61.08 38.12 25.20
C THR J 95 -59.93 38.73 25.99
N GLN J 96 -59.88 38.43 27.29
CA GLN J 96 -58.83 38.93 28.15
C GLN J 96 -57.65 37.96 28.18
N PRO J 97 -56.42 38.50 28.21
CA PRO J 97 -55.20 37.68 28.27
C PRO J 97 -55.08 36.90 29.58
N VAL J 98 -54.44 35.73 29.52
CA VAL J 98 -54.27 34.89 30.70
C VAL J 98 -53.23 35.43 31.68
N PRO J 99 -53.56 35.42 32.97
CA PRO J 99 -52.69 35.90 34.05
C PRO J 99 -51.47 34.99 34.27
N ARG J 100 -50.30 35.61 34.45
CA ARG J 100 -49.06 34.89 34.72
C ARG J 100 -48.68 35.04 36.19
N PHE J 101 -48.01 34.03 36.73
CA PHE J 101 -47.66 34.03 38.15
C PHE J 101 -46.25 33.49 38.37
N ASP J 102 -45.58 34.01 39.39
CA ASP J 102 -44.21 33.58 39.70
C ASP J 102 -44.20 32.28 40.49
N CYS J 103 -45.21 32.09 41.33
CA CYS J 103 -45.36 30.84 42.06
C CYS J 103 -46.63 30.13 41.64
N VAL J 104 -46.58 28.80 41.62
CA VAL J 104 -47.71 27.98 41.21
C VAL J 104 -48.90 28.13 42.17
N LEU J 105 -48.61 28.27 43.45
CA LEU J 105 -49.64 28.46 44.47
C LEU J 105 -50.37 29.77 44.26
N LYS J 106 -49.65 30.77 43.77
CA LYS J 106 -50.19 32.11 43.58
C LYS J 106 -51.22 32.14 42.45
N LEU J 107 -51.13 31.17 41.54
CA LEU J 107 -52.10 31.05 40.47
C LEU J 107 -53.43 30.55 41.02
N VAL J 108 -53.36 29.65 41.99
CA VAL J 108 -54.56 29.05 42.58
C VAL J 108 -55.42 30.07 43.30
N HIS J 109 -54.81 30.79 44.25
CA HIS J 109 -55.51 31.77 45.08
C HIS J 109 -56.17 32.86 44.24
N HIS J 110 -55.55 33.19 43.12
CA HIS J 110 -56.05 34.23 42.23
C HIS J 110 -57.43 33.88 41.68
N TYR J 111 -57.62 32.63 41.30
CA TYR J 111 -58.88 32.20 40.71
C TYR J 111 -59.92 31.81 41.77
N MET J 112 -59.47 31.69 43.02
CA MET J 112 -60.38 31.41 44.13
C MET J 112 -61.08 32.68 44.60
N ALA J 122 -65.24 37.45 35.86
CA ALA J 122 -65.66 36.06 36.01
C ALA J 122 -64.94 35.16 35.00
N TYR J 123 -64.85 33.87 35.32
CA TYR J 123 -64.16 32.92 34.47
C TYR J 123 -65.04 31.72 34.09
N TYR J 124 -65.08 31.41 32.80
CA TYR J 124 -65.89 30.30 32.31
C TYR J 124 -65.03 29.25 31.58
N ILE J 125 -65.55 28.04 31.51
CA ILE J 125 -64.90 26.91 30.83
C ILE J 125 -65.92 26.10 30.05
N TYR J 126 -65.49 25.58 28.90
CA TYR J 126 -66.39 24.87 28.00
C TYR J 126 -66.94 23.59 28.59
N GLY J 129 -72.62 19.79 27.49
CA GLY J 129 -71.99 20.90 28.20
C GLY J 129 -71.23 21.81 27.22
N GLU J 130 -71.29 23.12 27.47
CA GLU J 130 -70.78 24.14 26.55
C GLU J 130 -70.45 25.48 27.19
N LYS J 131 -70.80 25.64 28.46
CA LYS J 131 -70.49 26.85 29.25
C LYS J 131 -70.68 26.52 30.74
N ILE J 132 -69.62 26.30 31.50
CA ILE J 132 -69.79 26.17 32.96
C ILE J 132 -68.86 27.13 33.70
N PRO J 133 -69.27 27.62 34.88
CA PRO J 133 -68.36 28.60 35.49
C PRO J 133 -67.15 27.95 36.18
N LEU J 134 -66.15 28.77 36.50
CA LEU J 134 -64.95 28.27 37.17
C LEU J 134 -65.14 28.30 38.68
N VAL J 135 -65.32 27.13 39.27
CA VAL J 135 -65.60 27.03 40.69
C VAL J 135 -64.43 26.48 41.49
N LEU J 136 -63.67 27.37 42.11
CA LEU J 136 -62.59 26.98 43.01
C LEU J 136 -62.90 27.37 44.44
N SER J 137 -63.10 26.38 45.30
CA SER J 137 -63.50 26.64 46.68
C SER J 137 -62.56 25.99 47.71
N ARG J 138 -62.61 24.66 47.79
CA ARG J 138 -61.82 23.94 48.78
C ARG J 138 -60.89 22.93 48.12
N PRO J 139 -59.66 22.80 48.65
CA PRO J 139 -58.68 21.85 48.12
C PRO J 139 -58.94 20.43 48.59
N LEU J 140 -58.27 19.46 47.97
CA LEU J 140 -58.37 18.07 48.39
C LEU J 140 -57.07 17.62 49.04
N SER J 141 -57.08 17.50 50.37
CA SER J 141 -55.89 17.16 51.13
C SER J 141 -55.31 15.81 50.74
N SER J 142 -54.01 15.63 50.99
CA SER J 142 -53.33 14.39 50.65
C SER J 142 -52.70 13.76 51.89
N LEU K 6 9.43 32.95 4.34
CA LEU K 6 8.54 33.92 4.97
C LEU K 6 8.97 34.27 6.39
N LYS K 7 8.75 35.52 6.78
CA LYS K 7 9.09 35.98 8.12
C LYS K 7 7.90 35.93 9.06
N THR K 8 8.01 35.14 10.12
CA THR K 8 6.95 35.03 11.12
C THR K 8 6.97 36.19 12.12
N PHE K 9 5.84 36.40 12.78
CA PHE K 9 5.69 37.51 13.74
C PHE K 9 6.68 37.42 14.89
N SER K 10 7.09 38.57 15.41
CA SER K 10 8.05 38.63 16.49
C SER K 10 7.39 38.35 17.85
N SER K 11 6.21 38.93 18.06
CA SER K 11 5.50 38.75 19.32
C SER K 11 3.99 38.96 19.15
N LYS K 12 3.24 38.63 20.19
CA LYS K 12 1.80 38.81 20.21
C LYS K 12 1.42 40.28 19.98
N SER K 13 2.26 41.17 20.51
CA SER K 13 2.06 42.60 20.34
C SER K 13 2.11 43.01 18.88
N GLU K 14 3.07 42.46 18.15
CA GLU K 14 3.25 42.78 16.74
C GLU K 14 2.11 42.24 15.89
N TYR K 15 1.57 41.08 16.30
CA TYR K 15 0.47 40.48 15.56
C TYR K 15 -0.82 41.27 15.75
N GLN K 16 -1.14 41.56 17.01
CA GLN K 16 -2.37 42.29 17.33
C GLN K 16 -2.30 43.70 16.75
N LEU K 17 -1.09 44.17 16.53
CA LEU K 17 -0.87 45.46 15.88
C LEU K 17 -1.37 45.44 14.44
N VAL K 18 -1.04 44.37 13.72
CA VAL K 18 -1.42 44.23 12.32
C VAL K 18 -2.92 44.04 12.18
N VAL K 19 -3.52 43.36 13.15
CA VAL K 19 -4.97 43.14 13.17
C VAL K 19 -5.74 44.46 13.13
N ASN K 20 -5.31 45.41 13.96
CA ASN K 20 -5.92 46.75 13.96
C ASN K 20 -5.43 47.62 12.82
N ALA K 21 -4.21 47.37 12.36
CA ALA K 21 -3.67 48.10 11.22
C ALA K 21 -4.44 47.76 9.96
N VAL K 22 -4.71 46.48 9.76
CA VAL K 22 -5.47 46.03 8.60
C VAL K 22 -6.96 46.31 8.77
N ARG K 23 -7.43 46.30 10.02
CA ARG K 23 -8.81 46.64 10.34
C ARG K 23 -9.12 48.06 9.92
N LYS K 24 -8.31 48.99 10.43
CA LYS K 24 -8.48 50.40 10.16
C LYS K 24 -8.14 50.73 8.70
N LEU K 25 -7.35 49.87 8.06
CA LEU K 25 -7.01 50.05 6.65
C LEU K 25 -8.15 49.68 5.72
N GLN K 26 -8.82 48.57 6.01
CA GLN K 26 -9.97 48.15 5.21
C GLN K 26 -11.09 49.17 5.31
N GLU K 27 -11.18 49.83 6.46
CA GLU K 27 -12.17 50.89 6.67
C GLU K 27 -11.74 52.18 5.95
N SER K 28 -10.44 52.32 5.72
CA SER K 28 -9.90 53.52 5.07
C SER K 28 -10.35 53.65 3.62
N GLY K 29 -10.47 52.52 2.93
CA GLY K 29 -10.97 52.50 1.58
C GLY K 29 -9.90 52.46 0.51
N PHE K 30 -8.72 52.99 0.82
CA PHE K 30 -7.62 53.00 -0.13
C PHE K 30 -6.61 51.87 0.09
N TYR K 31 -7.06 50.83 0.80
CA TYR K 31 -6.24 49.63 1.02
C TYR K 31 -6.58 48.57 -0.02
N TRP K 32 -5.60 48.25 -0.86
CA TRP K 32 -5.76 47.22 -1.89
C TRP K 32 -5.04 45.94 -1.47
N SER K 33 -5.82 44.98 -0.99
CA SER K 33 -5.26 43.75 -0.43
C SER K 33 -4.65 42.84 -1.49
N ALA K 34 -3.41 42.43 -1.22
CA ALA K 34 -2.70 41.44 -2.03
C ALA K 34 -2.49 41.84 -3.49
N VAL K 35 -2.54 43.13 -3.77
CA VAL K 35 -2.28 43.62 -5.12
C VAL K 35 -0.80 43.94 -5.26
N THR K 36 -0.19 43.41 -6.33
CA THR K 36 1.24 43.60 -6.57
C THR K 36 1.57 44.98 -7.11
N GLY K 37 2.86 45.22 -7.30
CA GLY K 37 3.35 46.50 -7.81
C GLY K 37 3.01 46.70 -9.28
N GLY K 38 2.45 45.67 -9.91
CA GLY K 38 2.07 45.73 -11.31
C GLY K 38 0.91 46.68 -11.59
N GLU K 39 -0.24 46.42 -10.96
CA GLU K 39 -1.41 47.27 -11.13
C GLU K 39 -1.16 48.66 -10.58
N ALA K 40 -0.19 48.76 -9.67
CA ALA K 40 0.21 50.04 -9.11
C ALA K 40 0.68 50.98 -10.22
N ASN K 41 1.51 50.44 -11.12
CA ASN K 41 1.98 51.18 -12.29
C ASN K 41 0.84 51.37 -13.30
N LEU K 42 -0.27 50.69 -13.06
CA LEU K 42 -1.41 50.73 -13.97
C LEU K 42 -2.57 51.60 -13.49
N LEU K 43 -3.07 51.31 -12.29
CA LEU K 43 -4.20 52.04 -11.73
C LEU K 43 -3.87 53.51 -11.53
N LEU K 44 -2.61 53.80 -11.21
CA LEU K 44 -2.17 55.16 -10.96
C LEU K 44 -1.62 55.84 -12.21
N SER K 45 -1.88 55.26 -13.37
CA SER K 45 -1.44 55.84 -14.63
C SER K 45 -2.44 56.88 -15.10
N ALA K 46 -3.72 56.60 -14.89
CA ALA K 46 -4.79 57.51 -15.27
C ALA K 46 -5.15 58.45 -14.12
N GLU K 47 -4.26 58.55 -13.15
CA GLU K 47 -4.46 59.44 -12.00
C GLU K 47 -3.42 60.56 -11.98
N PRO K 48 -3.79 61.73 -11.46
CA PRO K 48 -2.85 62.86 -11.43
C PRO K 48 -1.69 62.59 -10.49
N ALA K 49 -0.60 63.32 -10.67
CA ALA K 49 0.57 63.18 -9.79
C ALA K 49 0.19 63.53 -8.36
N GLY K 50 0.37 62.58 -7.46
CA GLY K 50 0.04 62.78 -6.06
C GLY K 50 -1.01 61.81 -5.55
N THR K 51 -1.53 60.97 -6.44
CA THR K 51 -2.49 59.95 -6.04
C THR K 51 -1.75 58.71 -5.52
N PHE K 52 -2.22 58.17 -4.40
CA PHE K 52 -1.52 57.04 -3.77
C PHE K 52 -2.46 55.94 -3.28
N LEU K 53 -1.87 54.83 -2.84
CA LEU K 53 -2.61 53.72 -2.25
C LEU K 53 -1.69 52.83 -1.41
N ILE K 54 -2.28 52.08 -0.49
CA ILE K 54 -1.52 51.13 0.32
C ILE K 54 -1.91 49.69 -0.01
N ARG K 55 -0.91 48.88 -0.35
CA ARG K 55 -1.14 47.49 -0.76
C ARG K 55 -0.25 46.56 0.05
N ASP K 56 -0.52 45.26 -0.04
CA ASP K 56 0.35 44.27 0.58
C ASP K 56 1.67 44.21 -0.18
N SER K 57 2.78 44.31 0.55
CA SER K 57 4.10 44.22 -0.05
C SER K 57 4.28 42.86 -0.71
N SER K 58 5.15 42.78 -1.70
CA SER K 58 5.45 41.50 -2.33
C SER K 58 6.59 40.84 -1.59
N ASP K 59 7.37 41.65 -0.88
CA ASP K 59 8.50 41.14 -0.13
C ASP K 59 8.01 40.46 1.15
N GLN K 60 8.76 39.46 1.59
CA GLN K 60 8.39 38.67 2.76
C GLN K 60 8.85 39.35 4.05
N ARG K 61 9.69 40.37 3.89
CA ARG K 61 10.21 41.13 5.02
C ARG K 61 9.22 42.21 5.45
N HIS K 62 8.38 42.64 4.51
CA HIS K 62 7.46 43.75 4.75
C HIS K 62 6.00 43.36 4.56
N PHE K 63 5.14 43.92 5.40
CA PHE K 63 3.70 43.65 5.33
C PHE K 63 3.01 44.48 4.26
N PHE K 64 3.11 45.79 4.38
CA PHE K 64 2.44 46.72 3.46
C PHE K 64 3.44 47.53 2.67
N THR K 65 2.97 48.19 1.62
CA THR K 65 3.81 49.02 0.77
C THR K 65 3.01 50.16 0.16
N LEU K 66 3.55 51.37 0.25
CA LEU K 66 2.88 52.54 -0.28
C LEU K 66 3.26 52.83 -1.73
N SER K 67 2.25 52.95 -2.58
CA SER K 67 2.46 53.25 -3.99
C SER K 67 1.87 54.63 -4.31
N VAL K 68 2.65 55.47 -5.00
CA VAL K 68 2.20 56.83 -5.28
C VAL K 68 2.60 57.29 -6.68
N LYS K 69 1.64 57.86 -7.41
CA LYS K 69 1.91 58.42 -8.73
C LYS K 69 2.57 59.78 -8.60
N THR K 70 3.71 59.94 -9.25
CA THR K 70 4.41 61.21 -9.26
C THR K 70 4.71 61.63 -10.70
N GLN K 71 5.44 62.73 -10.84
CA GLN K 71 5.78 63.26 -12.15
C GLN K 71 6.76 62.35 -12.90
N SER K 72 7.78 61.86 -12.18
CA SER K 72 8.78 60.98 -12.76
C SER K 72 8.18 59.63 -13.14
N GLY K 73 7.07 59.28 -12.49
CA GLY K 73 6.39 58.03 -12.73
C GLY K 73 5.85 57.47 -11.44
N THR K 74 5.40 56.22 -11.47
CA THR K 74 4.86 55.56 -10.29
C THR K 74 5.98 55.00 -9.39
N LYS K 75 6.04 55.46 -8.14
CA LYS K 75 7.06 55.01 -7.22
C LYS K 75 6.44 54.24 -6.05
N ASN K 76 7.14 53.21 -5.59
CA ASN K 76 6.64 52.36 -4.51
C ASN K 76 7.49 52.46 -3.26
N LEU K 77 6.86 52.37 -2.09
CA LEU K 77 7.58 52.55 -0.83
C LEU K 77 7.29 51.44 0.19
N ARG K 78 8.35 50.82 0.68
CA ARG K 78 8.22 49.75 1.68
C ARG K 78 7.88 50.34 3.04
N ILE K 79 6.98 49.67 3.76
CA ILE K 79 6.61 50.10 5.10
C ILE K 79 7.05 49.07 6.14
N GLN K 80 8.18 49.34 6.79
CA GLN K 80 8.75 48.42 7.76
C GLN K 80 8.00 48.48 9.08
N CYS K 81 7.87 47.32 9.73
CA CYS K 81 7.24 47.26 11.05
C CYS K 81 8.20 46.67 12.08
N GLU K 82 8.76 47.54 12.92
CA GLU K 82 9.72 47.13 13.93
C GLU K 82 9.35 47.68 15.30
N GLY K 83 9.17 46.78 16.26
CA GLY K 83 8.87 47.18 17.62
C GLY K 83 7.51 47.83 17.76
N GLY K 84 6.61 47.49 16.85
CA GLY K 84 5.24 47.99 16.92
C GLY K 84 5.04 49.37 16.32
N SER K 85 5.94 49.77 15.43
CA SER K 85 5.82 51.08 14.80
C SER K 85 6.13 51.03 13.31
N PHE K 86 5.17 51.48 12.51
CA PHE K 86 5.32 51.51 11.06
C PHE K 86 6.13 52.72 10.64
N SER K 87 7.14 52.48 9.81
CA SER K 87 7.99 53.56 9.32
C SER K 87 8.31 53.35 7.85
N LEU K 88 8.61 54.43 7.15
CA LEU K 88 9.09 54.32 5.78
C LEU K 88 10.53 53.85 5.76
N GLN K 89 10.93 53.24 4.66
CA GLN K 89 12.28 52.72 4.51
C GLN K 89 13.27 53.88 4.50
N SER K 90 14.38 53.72 5.21
CA SER K 90 15.34 54.81 5.39
C SER K 90 16.38 54.91 4.27
N ASP K 91 16.74 56.14 3.92
CA ASP K 91 17.76 56.40 2.91
C ASP K 91 19.11 56.65 3.59
N PRO K 92 20.22 56.25 2.95
CA PRO K 92 21.56 56.51 3.49
C PRO K 92 21.89 58.00 3.53
N ARG K 93 21.31 58.77 2.62
CA ARG K 93 21.55 60.21 2.55
C ARG K 93 20.57 61.00 3.43
N SER K 94 19.71 60.28 4.14
CA SER K 94 18.74 60.90 5.02
C SER K 94 19.40 61.43 6.29
N THR K 95 19.40 62.75 6.44
CA THR K 95 20.01 63.39 7.59
C THR K 95 19.13 63.25 8.83
N GLN K 96 17.82 63.42 8.63
CA GLN K 96 16.86 63.32 9.73
C GLN K 96 16.34 61.89 9.89
N PRO K 97 16.14 61.45 11.14
CA PRO K 97 15.61 60.10 11.42
C PRO K 97 14.19 59.91 10.91
N VAL K 98 13.85 58.68 10.55
CA VAL K 98 12.52 58.37 10.03
C VAL K 98 11.44 58.37 11.12
N PRO K 99 10.29 58.98 10.82
CA PRO K 99 9.17 59.09 11.77
C PRO K 99 8.48 57.76 12.03
N ARG K 100 8.20 57.49 13.32
CA ARG K 100 7.51 56.28 13.72
C ARG K 100 6.08 56.60 14.14
N PHE K 101 5.17 55.66 13.95
CA PHE K 101 3.76 55.87 14.25
C PHE K 101 3.15 54.63 14.89
N ASP K 102 2.16 54.83 15.75
CA ASP K 102 1.54 53.70 16.42
C ASP K 102 0.52 53.02 15.51
N CYS K 103 -0.14 53.81 14.67
CA CYS K 103 -1.05 53.27 13.68
C CYS K 103 -0.53 53.57 12.28
N VAL K 104 -0.78 52.65 11.36
CA VAL K 104 -0.32 52.80 9.97
C VAL K 104 -0.98 53.99 9.28
N LEU K 105 -2.25 54.24 9.64
CA LEU K 105 -3.00 55.36 9.07
C LEU K 105 -2.38 56.70 9.45
N LYS K 106 -1.82 56.75 10.66
CA LYS K 106 -1.22 57.99 11.16
C LYS K 106 0.06 58.33 10.40
N LEU K 107 0.65 57.31 9.77
CA LEU K 107 1.83 57.50 8.94
C LEU K 107 1.43 58.21 7.65
N VAL K 108 0.27 57.85 7.13
CA VAL K 108 -0.23 58.38 5.86
C VAL K 108 -0.46 59.88 5.97
N HIS K 109 -1.27 60.27 6.95
CA HIS K 109 -1.65 61.66 7.15
C HIS K 109 -0.44 62.57 7.35
N HIS K 110 0.60 62.02 7.95
CA HIS K 110 1.82 62.78 8.23
C HIS K 110 2.48 63.30 6.98
N TYR K 111 2.57 62.45 5.97
CA TYR K 111 3.25 62.79 4.73
C TYR K 111 2.36 63.54 3.75
N MET K 112 1.06 63.57 4.03
CA MET K 112 0.12 64.31 3.20
C MET K 112 0.14 65.80 3.52
N GLY K 113 0.28 66.14 4.80
CA GLY K 113 0.30 67.52 5.23
C GLY K 113 1.66 67.94 5.76
N ALA K 122 10.78 69.20 4.60
CA ALA K 122 10.36 68.68 3.30
C ALA K 122 10.75 67.22 3.14
N TYR K 123 10.04 66.52 2.25
CA TYR K 123 10.30 65.11 2.01
C TYR K 123 10.58 64.86 0.53
N TYR K 124 11.69 64.19 0.24
CA TYR K 124 12.09 63.93 -1.13
C TYR K 124 12.22 62.43 -1.36
N ILE K 125 12.26 62.03 -2.63
CA ILE K 125 12.42 60.62 -2.98
C ILE K 125 13.45 60.41 -4.10
N TYR K 126 14.38 59.50 -3.84
CA TYR K 126 15.44 59.20 -4.79
C TYR K 126 14.86 58.59 -6.07
N LYS K 131 15.43 63.13 -7.54
CA LYS K 131 15.25 63.85 -6.28
C LYS K 131 14.01 64.73 -6.31
N ILE K 132 12.93 64.18 -6.85
CA ILE K 132 11.64 64.86 -6.90
C ILE K 132 10.98 64.79 -5.52
N PRO K 133 10.15 65.78 -5.19
CA PRO K 133 9.58 65.79 -3.84
C PRO K 133 8.51 64.71 -3.65
N LEU K 134 8.15 64.46 -2.40
CA LEU K 134 7.14 63.47 -2.06
C LEU K 134 5.76 64.13 -2.02
N VAL K 135 4.95 63.83 -3.03
CA VAL K 135 3.62 64.45 -3.15
C VAL K 135 2.51 63.47 -2.81
N LEU K 136 1.97 63.58 -1.60
CA LEU K 136 0.83 62.78 -1.20
C LEU K 136 -0.40 63.67 -1.09
N SER K 137 -1.38 63.45 -1.96
CA SER K 137 -2.55 64.31 -2.01
C SER K 137 -3.84 63.53 -1.85
N ARG K 138 -4.17 62.72 -2.84
CA ARG K 138 -5.44 62.01 -2.84
C ARG K 138 -5.27 60.49 -2.90
N PRO K 139 -6.10 59.76 -2.13
CA PRO K 139 -6.08 58.30 -2.12
C PRO K 139 -6.85 57.73 -3.32
N LEU K 140 -6.69 56.44 -3.57
CA LEU K 140 -7.44 55.79 -4.64
C LEU K 140 -8.44 54.79 -4.06
N SER K 141 -9.73 55.15 -4.14
CA SER K 141 -10.81 54.36 -3.53
C SER K 141 -10.88 52.94 -4.09
N SER K 142 -11.45 52.03 -3.30
CA SER K 142 -11.58 50.63 -3.70
C SER K 142 -13.03 50.17 -3.60
N LEU L 6 42.23 -22.44 -12.79
CA LEU L 6 42.32 -23.85 -13.14
C LEU L 6 41.38 -24.24 -14.27
N LYS L 7 41.81 -25.18 -15.10
CA LYS L 7 41.00 -25.68 -16.19
C LYS L 7 40.31 -26.97 -15.80
N THR L 8 38.99 -26.97 -15.78
CA THR L 8 38.22 -28.17 -15.47
C THR L 8 38.15 -29.08 -16.69
N PHE L 9 37.82 -30.34 -16.46
CA PHE L 9 37.78 -31.33 -17.53
C PHE L 9 36.80 -30.95 -18.63
N SER L 10 37.11 -31.34 -19.86
CA SER L 10 36.28 -30.99 -21.01
C SER L 10 35.07 -31.90 -21.10
N SER L 11 35.28 -33.18 -20.85
CA SER L 11 34.20 -34.17 -20.92
C SER L 11 34.49 -35.37 -20.03
N LYS L 12 33.49 -36.23 -19.86
CA LYS L 12 33.65 -37.45 -19.07
C LYS L 12 34.74 -38.33 -19.67
N SER L 13 34.86 -38.30 -21.00
CA SER L 13 35.86 -39.07 -21.72
C SER L 13 37.28 -38.66 -21.32
N GLU L 14 37.50 -37.36 -21.20
CA GLU L 14 38.82 -36.83 -20.86
C GLU L 14 39.17 -37.16 -19.41
N TYR L 15 38.15 -37.25 -18.56
CA TYR L 15 38.36 -37.56 -17.15
C TYR L 15 38.79 -39.00 -16.95
N GLN L 16 38.02 -39.93 -17.51
CA GLN L 16 38.34 -41.35 -17.39
C GLN L 16 39.65 -41.65 -18.10
N LEU L 17 40.00 -40.78 -19.04
CA LEU L 17 41.27 -40.88 -19.75
C LEU L 17 42.45 -40.70 -18.80
N VAL L 18 42.34 -39.69 -17.94
CA VAL L 18 43.41 -39.40 -16.97
C VAL L 18 43.46 -40.46 -15.88
N VAL L 19 42.30 -40.99 -15.51
CA VAL L 19 42.19 -42.04 -14.50
C VAL L 19 43.01 -43.28 -14.86
N ASN L 20 42.90 -43.69 -16.12
CA ASN L 20 43.66 -44.82 -16.66
C ASN L 20 45.10 -44.45 -16.99
N ALA L 21 45.32 -43.19 -17.32
CA ALA L 21 46.67 -42.69 -17.59
C ALA L 21 47.49 -42.71 -16.32
N VAL L 22 46.90 -42.24 -15.21
CA VAL L 22 47.58 -42.20 -13.93
C VAL L 22 47.66 -43.58 -13.28
N ARG L 23 46.68 -44.44 -13.59
CA ARG L 23 46.69 -45.82 -13.10
C ARG L 23 47.92 -46.53 -13.63
N LYS L 24 48.08 -46.51 -14.94
CA LYS L 24 49.21 -47.14 -15.60
C LYS L 24 50.53 -46.42 -15.30
N LEU L 25 50.44 -45.15 -14.91
CA LEU L 25 51.62 -44.37 -14.56
C LEU L 25 52.20 -44.72 -13.20
N GLN L 26 51.35 -44.88 -12.21
CA GLN L 26 51.79 -45.27 -10.87
C GLN L 26 52.39 -46.66 -10.88
N GLU L 27 51.88 -47.49 -11.78
CA GLU L 27 52.38 -48.85 -11.95
C GLU L 27 53.73 -48.84 -12.66
N SER L 28 53.99 -47.77 -13.42
CA SER L 28 55.22 -47.65 -14.18
C SER L 28 56.46 -47.54 -13.29
N GLY L 29 56.32 -46.85 -12.17
CA GLY L 29 57.40 -46.77 -11.20
C GLY L 29 58.24 -45.51 -11.29
N PHE L 30 58.32 -44.93 -12.47
CA PHE L 30 59.08 -43.69 -12.66
C PHE L 30 58.16 -42.47 -12.67
N TYR L 31 56.97 -42.63 -12.12
CA TYR L 31 56.02 -41.52 -12.01
C TYR L 31 56.16 -40.81 -10.67
N TRP L 32 56.57 -39.55 -10.71
CA TRP L 32 56.75 -38.75 -9.51
C TRP L 32 55.59 -37.79 -9.33
N SER L 33 54.67 -38.13 -8.44
CA SER L 33 53.45 -37.35 -8.25
C SER L 33 53.70 -35.99 -7.60
N ALA L 34 53.16 -34.95 -8.24
CA ALA L 34 53.15 -33.61 -7.67
C ALA L 34 54.55 -33.02 -7.40
N VAL L 35 55.55 -33.53 -8.11
CA VAL L 35 56.89 -33.00 -7.96
C VAL L 35 57.12 -31.86 -8.94
N THR L 36 57.60 -30.73 -8.43
CA THR L 36 57.84 -29.56 -9.27
C THR L 36 59.09 -29.74 -10.11
N GLY L 37 59.36 -28.78 -11.00
CA GLY L 37 60.52 -28.84 -11.87
C GLY L 37 61.82 -28.58 -11.13
N GLY L 38 61.71 -28.16 -9.87
CA GLY L 38 62.86 -27.87 -9.06
C GLY L 38 63.70 -29.09 -8.70
N GLU L 39 63.07 -30.07 -8.07
CA GLU L 39 63.74 -31.30 -7.68
C GLU L 39 64.19 -32.07 -8.92
N ALA L 40 63.52 -31.81 -10.05
CA ALA L 40 63.87 -32.43 -11.31
C ALA L 40 65.29 -32.09 -11.73
N ASN L 41 65.66 -30.82 -11.61
CA ASN L 41 67.01 -30.36 -11.90
C ASN L 41 67.99 -30.85 -10.84
N LEU L 42 67.44 -31.42 -9.77
CA LEU L 42 68.23 -31.90 -8.64
C LEU L 42 68.37 -33.42 -8.67
N LEU L 43 67.25 -34.12 -8.78
CA LEU L 43 67.26 -35.57 -8.83
C LEU L 43 68.01 -36.06 -10.06
N LEU L 44 67.93 -35.28 -11.14
CA LEU L 44 68.56 -35.64 -12.41
C LEU L 44 69.94 -35.01 -12.53
N SER L 45 70.49 -34.57 -11.39
CA SER L 45 71.84 -34.02 -11.37
C SER L 45 72.87 -35.14 -11.24
N ALA L 46 72.55 -36.14 -10.42
CA ALA L 46 73.44 -37.28 -10.24
C ALA L 46 73.09 -38.42 -11.19
N GLU L 47 72.36 -38.10 -12.25
CA GLU L 47 72.01 -39.10 -13.24
C GLU L 47 72.66 -38.77 -14.58
N PRO L 48 73.02 -39.81 -15.35
CA PRO L 48 73.70 -39.62 -16.63
C PRO L 48 72.79 -38.98 -17.66
N ALA L 49 73.39 -38.40 -18.70
CA ALA L 49 72.60 -37.79 -19.77
C ALA L 49 71.72 -38.85 -20.42
N GLY L 50 70.41 -38.64 -20.35
CA GLY L 50 69.45 -39.58 -20.90
C GLY L 50 68.51 -40.15 -19.87
N THR L 51 68.71 -39.78 -18.60
CA THR L 51 67.81 -40.20 -17.54
C THR L 51 66.60 -39.28 -17.48
N PHE L 52 65.40 -39.86 -17.36
CA PHE L 52 64.18 -39.07 -17.39
C PHE L 52 63.17 -39.49 -16.31
N LEU L 53 62.11 -38.71 -16.18
CA LEU L 53 61.03 -39.00 -15.24
C LEU L 53 59.75 -38.28 -15.64
N ILE L 54 58.60 -38.81 -15.19
CA ILE L 54 57.31 -38.16 -15.45
C ILE L 54 56.69 -37.63 -14.16
N ARG L 55 56.37 -36.33 -14.15
CA ARG L 55 55.84 -35.67 -12.97
C ARG L 55 54.59 -34.89 -13.30
N ASP L 56 53.86 -34.47 -12.27
CA ASP L 56 52.70 -33.60 -12.47
C ASP L 56 53.15 -32.20 -12.87
N SER L 57 52.56 -31.70 -13.95
CA SER L 57 52.86 -30.35 -14.44
C SER L 57 52.46 -29.34 -13.39
N SER L 58 53.11 -28.17 -13.41
CA SER L 58 52.75 -27.08 -12.51
C SER L 58 51.70 -26.18 -13.15
N ASP L 59 51.62 -26.24 -14.47
CA ASP L 59 50.68 -25.42 -15.24
C ASP L 59 49.26 -25.94 -15.14
N GLN L 60 48.30 -25.03 -15.25
CA GLN L 60 46.89 -25.38 -15.13
C GLN L 60 46.35 -25.90 -16.46
N ARG L 61 47.10 -25.67 -17.53
CA ARG L 61 46.69 -26.07 -18.87
C ARG L 61 47.06 -27.52 -19.14
N HIS L 62 48.10 -28.00 -18.47
CA HIS L 62 48.62 -29.34 -18.70
C HIS L 62 48.58 -30.19 -17.44
N PHE L 63 48.28 -31.47 -17.61
CA PHE L 63 48.23 -32.41 -16.50
C PHE L 63 49.63 -32.84 -16.08
N PHE L 64 50.35 -33.43 -17.02
CA PHE L 64 51.68 -34.00 -16.74
C PHE L 64 52.79 -33.26 -17.49
N THR L 65 54.02 -33.52 -17.08
CA THR L 65 55.18 -32.91 -17.71
C THR L 65 56.40 -33.85 -17.62
N LEU L 66 57.08 -34.05 -18.74
CA LEU L 66 58.25 -34.92 -18.79
C LEU L 66 59.55 -34.15 -18.57
N SER L 67 60.34 -34.62 -17.61
CA SER L 67 61.65 -34.03 -17.33
C SER L 67 62.76 -35.02 -17.66
N VAL L 68 63.78 -34.56 -18.37
CA VAL L 68 64.87 -35.42 -18.81
C VAL L 68 66.24 -34.74 -18.73
N LYS L 69 67.21 -35.44 -18.17
CA LYS L 69 68.58 -34.94 -18.10
C LYS L 69 69.29 -35.08 -19.44
N THR L 70 69.83 -33.98 -19.94
CA THR L 70 70.59 -33.99 -21.19
C THR L 70 71.97 -33.35 -21.02
N GLN L 71 72.66 -33.18 -22.14
CA GLN L 71 74.02 -32.63 -22.15
C GLN L 71 74.06 -31.16 -21.73
N SER L 72 73.15 -30.37 -22.28
CA SER L 72 73.07 -28.95 -21.96
C SER L 72 72.59 -28.75 -20.53
N GLY L 73 71.90 -29.76 -20.00
CA GLY L 73 71.36 -29.72 -18.66
C GLY L 73 70.00 -30.40 -18.60
N THR L 74 69.30 -30.19 -17.49
CA THR L 74 67.97 -30.78 -17.31
C THR L 74 66.92 -29.95 -18.04
N LYS L 75 66.21 -30.58 -18.97
CA LYS L 75 65.18 -29.92 -19.75
C LYS L 75 63.79 -30.51 -19.49
N ASN L 76 62.78 -29.65 -19.52
CA ASN L 76 61.41 -30.08 -19.22
C ASN L 76 60.47 -29.99 -20.43
N LEU L 77 59.54 -30.93 -20.53
CA LEU L 77 58.64 -31.00 -21.68
C LEU L 77 57.17 -31.11 -21.29
N ARG L 78 56.33 -30.24 -21.85
CA ARG L 78 54.90 -30.25 -21.58
C ARG L 78 54.18 -31.40 -22.28
N ILE L 79 53.24 -32.01 -21.58
CA ILE L 79 52.39 -33.05 -22.16
C ILE L 79 50.96 -32.56 -22.25
N GLN L 80 50.58 -32.08 -23.42
CA GLN L 80 49.26 -31.51 -23.65
C GLN L 80 48.20 -32.61 -23.78
N CYS L 81 47.00 -32.34 -23.28
CA CYS L 81 45.89 -33.26 -23.43
C CYS L 81 44.74 -32.58 -24.17
N GLU L 82 44.59 -32.90 -25.45
CA GLU L 82 43.55 -32.28 -26.27
C GLU L 82 42.72 -33.32 -27.01
N GLY L 83 41.42 -33.34 -26.75
CA GLY L 83 40.52 -34.26 -27.41
C GLY L 83 40.76 -35.71 -27.03
N GLY L 84 41.32 -35.92 -25.85
CA GLY L 84 41.54 -37.27 -25.35
C GLY L 84 42.82 -37.91 -25.86
N SER L 85 43.79 -37.08 -26.24
CA SER L 85 45.07 -37.58 -26.74
C SER L 85 46.25 -36.79 -26.19
N PHE L 86 47.18 -37.49 -25.54
CA PHE L 86 48.37 -36.86 -24.98
C PHE L 86 49.41 -36.64 -26.08
N SER L 87 49.89 -35.41 -26.18
CA SER L 87 50.91 -35.08 -27.17
C SER L 87 51.94 -34.13 -26.60
N LEU L 88 53.13 -34.15 -27.18
CA LEU L 88 54.17 -33.19 -26.80
C LEU L 88 53.88 -31.84 -27.42
N GLN L 89 54.39 -30.78 -26.79
CA GLN L 89 54.18 -29.44 -27.28
C GLN L 89 54.91 -29.28 -28.61
N SER L 90 54.25 -28.64 -29.57
CA SER L 90 54.79 -28.52 -30.92
C SER L 90 55.71 -27.32 -31.03
N ASP L 91 56.76 -27.46 -31.84
CA ASP L 91 57.69 -26.37 -32.07
C ASP L 91 57.27 -25.62 -33.35
N PRO L 92 57.50 -24.31 -33.38
CA PRO L 92 57.19 -23.55 -34.59
C PRO L 92 58.04 -23.99 -35.79
N ARG L 93 59.23 -24.48 -35.51
CA ARG L 93 60.13 -24.97 -36.55
C ARG L 93 59.92 -26.44 -36.83
N SER L 94 58.94 -27.03 -36.15
CA SER L 94 58.62 -28.44 -36.35
C SER L 94 57.88 -28.65 -37.67
N THR L 95 58.54 -29.31 -38.60
CA THR L 95 57.96 -29.57 -39.92
C THR L 95 56.93 -30.70 -39.84
N GLN L 96 57.25 -31.74 -39.09
CA GLN L 96 56.37 -32.88 -38.93
C GLN L 96 55.39 -32.66 -37.79
N PRO L 97 54.13 -33.09 -37.96
CA PRO L 97 53.10 -32.97 -36.93
C PRO L 97 53.44 -33.81 -35.70
N VAL L 98 53.00 -33.37 -34.53
CA VAL L 98 53.27 -34.10 -33.28
C VAL L 98 52.45 -35.38 -33.18
N PRO L 99 53.09 -36.48 -32.77
CA PRO L 99 52.45 -37.79 -32.62
C PRO L 99 51.46 -37.81 -31.46
N ARG L 100 50.30 -38.41 -31.67
CA ARG L 100 49.28 -38.52 -30.65
C ARG L 100 49.21 -39.93 -30.08
N PHE L 101 48.83 -40.06 -28.81
CA PHE L 101 48.78 -41.34 -28.15
C PHE L 101 47.55 -41.46 -27.25
N ASP L 102 47.03 -42.67 -27.12
CA ASP L 102 45.84 -42.92 -26.30
C ASP L 102 46.21 -43.06 -24.83
N CYS L 103 47.38 -43.63 -24.58
CA CYS L 103 47.89 -43.75 -23.22
C CYS L 103 49.17 -42.94 -23.08
N VAL L 104 49.37 -42.38 -21.89
CA VAL L 104 50.54 -41.55 -21.63
C VAL L 104 51.84 -42.35 -21.71
N LEU L 105 51.78 -43.61 -21.27
CA LEU L 105 52.94 -44.50 -21.33
C LEU L 105 53.34 -44.79 -22.78
N LYS L 106 52.36 -44.84 -23.66
CA LYS L 106 52.60 -45.13 -25.06
C LYS L 106 53.34 -43.99 -25.74
N LEU L 107 53.23 -42.80 -25.16
CA LEU L 107 53.93 -41.62 -25.65
C LEU L 107 55.42 -41.77 -25.35
N VAL L 108 55.72 -42.36 -24.20
CA VAL L 108 57.09 -42.54 -23.74
C VAL L 108 57.87 -43.46 -24.67
N HIS L 109 57.32 -44.64 -24.90
CA HIS L 109 57.97 -45.68 -25.69
C HIS L 109 58.36 -45.24 -27.10
N HIS L 110 57.55 -44.38 -27.69
CA HIS L 110 57.81 -43.91 -29.05
C HIS L 110 59.11 -43.09 -29.13
N TYR L 111 59.33 -42.26 -28.12
CA TYR L 111 60.48 -41.36 -28.09
C TYR L 111 61.77 -41.97 -27.53
N MET L 112 61.67 -43.18 -27.00
CA MET L 112 62.84 -43.87 -26.45
C MET L 112 63.74 -44.44 -27.55
N GLY L 113 63.14 -44.91 -28.63
CA GLY L 113 63.88 -45.46 -29.74
C GLY L 113 63.78 -44.61 -30.99
N ALA L 122 64.37 -38.19 -36.61
CA ALA L 122 65.10 -37.77 -35.42
C ALA L 122 64.36 -36.66 -34.69
N TYR L 123 64.64 -36.51 -33.39
CA TYR L 123 63.98 -35.49 -32.57
C TYR L 123 65.00 -34.58 -31.90
N TYR L 124 64.81 -33.27 -32.08
CA TYR L 124 65.70 -32.28 -31.48
C TYR L 124 64.90 -31.33 -30.59
N ILE L 125 65.58 -30.60 -29.72
CA ILE L 125 64.93 -29.65 -28.84
C ILE L 125 65.67 -28.32 -28.71
N TYR L 126 64.93 -27.22 -28.90
CA TYR L 126 65.50 -25.88 -28.82
C TYR L 126 66.01 -25.57 -27.42
N LYS L 131 69.84 -26.88 -29.92
CA LYS L 131 69.15 -27.93 -30.67
C LYS L 131 69.77 -29.31 -30.42
N ILE L 132 70.07 -29.59 -29.16
CA ILE L 132 70.61 -30.88 -28.76
C ILE L 132 69.54 -31.96 -28.93
N PRO L 133 69.94 -33.22 -29.15
CA PRO L 133 68.95 -34.26 -29.47
C PRO L 133 68.11 -34.68 -28.27
N LEU L 134 67.03 -35.41 -28.56
CA LEU L 134 66.14 -35.91 -27.53
C LEU L 134 66.64 -37.28 -27.08
N VAL L 135 67.20 -37.34 -25.88
CA VAL L 135 67.81 -38.57 -25.38
C VAL L 135 66.98 -39.22 -24.29
N LEU L 136 66.21 -40.25 -24.65
CA LEU L 136 65.47 -41.03 -23.68
C LEU L 136 66.05 -42.43 -23.57
N SER L 137 66.63 -42.73 -22.41
CA SER L 137 67.30 -44.00 -22.20
C SER L 137 66.73 -44.74 -20.99
N ARG L 138 67.01 -44.20 -19.81
CA ARG L 138 66.62 -44.87 -18.58
C ARG L 138 65.69 -43.99 -17.75
N PRO L 139 64.67 -44.62 -17.14
CA PRO L 139 63.74 -43.89 -16.28
C PRO L 139 64.36 -43.67 -14.91
N LEU L 140 63.74 -42.84 -14.10
CA LEU L 140 64.24 -42.61 -12.75
C LEU L 140 63.25 -43.27 -11.79
N SER L 141 63.67 -44.40 -11.22
CA SER L 141 62.81 -45.21 -10.37
C SER L 141 62.29 -44.43 -9.16
N SER L 142 61.13 -44.83 -8.65
CA SER L 142 60.56 -44.17 -7.48
C SER L 142 60.24 -45.19 -6.39
#